data_6RUZ
#
_entry.id   6RUZ
#
_cell.length_a   159.980
_cell.length_b   159.980
_cell.length_c   256.200
_cell.angle_alpha   90.00
_cell.angle_beta   90.00
_cell.angle_gamma   90.00
#
_symmetry.space_group_name_H-M   'P 42 21 2'
#
loop_
_entity.id
_entity.type
_entity.pdbx_description
1 polymer 'NADH oxidase'
2 non-polymer 'FLAVIN-ADENINE DINUCLEOTIDE'
3 non-polymer 'COENZYME A'
4 water water
#
_entity_poly.entity_id   1
_entity_poly.type   'polypeptide(L)'
_entity_poly.pdbx_seq_one_letter_code
;MGKRMVVVGGVAGGASAAAKAKRENPELEVVVYEKSGWVSYGACGLPYVLSGEIPRLERLVARTPEEFRKQGVLVHTRHE
VVDVDYELRTLTVHDHAEGRTFQDRFDHLVLATGARPSLPPIPGTEQEGVYTLRTMEDGERLLKALPQARRAAILGAGYI
GLEAAEAFRKRGLQVTLLEAKDRPLPHWDPEVGALLKEELERHGVEVWTGVKVEAFRGMGRVEAVETSEGVVPADLVLLA
TGIRPNTELAQAMGVALGPTGAIATDERMRTNLEGVYAAGDVAESFHRVLKRPYWLPLGDVANKHGRTAGSVIAGREARF
LGVVGTAIFKAFDLAVATTGLSLEGALKEGFWAKKVFIQSRDGAHYYPGSGPLWVELVYEEGTGRLLGGAVVARGHGALR
IDVLAALLHREGSVEDLLALDLAYAPPFSPVWDPLLIAAQQAR
;
_entity_poly.pdbx_strand_id   A,B,C,D
#
loop_
_chem_comp.id
_chem_comp.type
_chem_comp.name
_chem_comp.formula
COA non-polymer 'COENZYME A' 'C21 H36 N7 O16 P3 S'
FAD non-polymer 'FLAVIN-ADENINE DINUCLEOTIDE' 'C27 H33 N9 O15 P2'
#
# COMPACT_ATOMS: atom_id res chain seq x y z
N MET A 1 -27.91 -13.60 -38.16
CA MET A 1 -27.78 -15.01 -37.75
C MET A 1 -27.92 -15.30 -36.18
N GLY A 2 -27.69 -16.57 -35.78
CA GLY A 2 -27.71 -17.15 -34.40
C GLY A 2 -26.65 -18.23 -34.00
N LYS A 3 -25.36 -17.90 -34.16
CA LYS A 3 -24.25 -18.83 -34.11
C LYS A 3 -23.54 -18.92 -32.71
N ARG A 4 -22.32 -19.43 -32.68
CA ARG A 4 -21.68 -19.77 -31.42
C ARG A 4 -20.39 -18.96 -31.13
N MET A 5 -20.45 -18.22 -30.00
CA MET A 5 -19.38 -17.36 -29.52
C MET A 5 -18.78 -17.97 -28.22
N VAL A 6 -17.54 -18.34 -28.42
CA VAL A 6 -16.64 -18.86 -27.41
C VAL A 6 -15.62 -17.84 -26.85
N VAL A 7 -15.72 -17.59 -25.55
CA VAL A 7 -14.80 -16.72 -24.87
C VAL A 7 -13.77 -17.48 -24.00
N VAL A 8 -12.49 -17.36 -24.39
CA VAL A 8 -11.41 -17.98 -23.62
C VAL A 8 -10.90 -16.99 -22.56
N GLY A 9 -11.21 -17.22 -21.32
CA GLY A 9 -10.92 -16.25 -20.32
C GLY A 9 -12.14 -15.50 -19.89
N GLY A 10 -12.38 -15.27 -18.62
CA GLY A 10 -13.64 -14.72 -18.26
C GLY A 10 -13.51 -13.68 -17.21
N VAL A 11 -12.34 -13.05 -17.18
CA VAL A 11 -12.10 -12.18 -16.02
C VAL A 11 -12.67 -10.84 -16.28
N ALA A 12 -12.25 -10.10 -17.29
CA ALA A 12 -12.79 -8.73 -17.44
C ALA A 12 -13.16 -8.39 -18.86
N GLY A 13 -12.18 -8.27 -19.75
CA GLY A 13 -12.43 -8.36 -21.17
C GLY A 13 -13.39 -9.47 -21.56
N GLY A 14 -13.10 -10.69 -21.10
CA GLY A 14 -13.95 -11.83 -21.48
C GLY A 14 -15.43 -11.78 -21.03
N ALA A 15 -15.62 -11.43 -19.78
CA ALA A 15 -16.97 -11.28 -19.27
C ALA A 15 -17.69 -10.13 -19.96
N SER A 16 -17.06 -8.99 -20.12
CA SER A 16 -17.64 -7.94 -20.95
C SER A 16 -18.11 -8.37 -22.34
N ALA A 17 -17.28 -9.15 -23.05
CA ALA A 17 -17.62 -9.52 -24.41
C ALA A 17 -18.92 -10.36 -24.40
N ALA A 18 -18.91 -11.34 -23.51
CA ALA A 18 -19.99 -12.24 -23.30
C ALA A 18 -21.25 -11.52 -22.90
N ALA A 19 -21.21 -10.71 -21.85
CA ALA A 19 -22.36 -10.03 -21.40
C ALA A 19 -22.92 -9.11 -22.49
N LYS A 20 -22.11 -8.34 -23.15
CA LYS A 20 -22.64 -7.41 -24.16
C LYS A 20 -23.19 -8.19 -25.32
N ALA A 21 -22.51 -9.20 -25.85
CA ALA A 21 -22.96 -9.93 -27.08
C ALA A 21 -24.32 -10.55 -26.89
N LYS A 22 -24.51 -11.24 -25.78
CA LYS A 22 -25.75 -11.93 -25.53
C LYS A 22 -26.87 -10.88 -25.36
N ARG A 23 -26.60 -9.71 -24.75
CA ARG A 23 -27.61 -8.70 -24.61
C ARG A 23 -27.99 -8.15 -25.97
N GLU A 24 -26.99 -7.94 -26.80
CA GLU A 24 -27.20 -7.18 -28.02
C GLU A 24 -27.82 -8.05 -29.06
N ASN A 25 -27.59 -9.36 -28.92
CA ASN A 25 -28.12 -10.38 -29.83
C ASN A 25 -28.45 -11.70 -29.18
N PRO A 26 -29.66 -11.82 -28.62
CA PRO A 26 -29.91 -12.99 -27.78
C PRO A 26 -29.91 -14.33 -28.49
N GLU A 27 -29.88 -14.31 -29.81
CA GLU A 27 -29.74 -15.53 -30.62
C GLU A 27 -28.44 -16.25 -30.49
N LEU A 28 -27.38 -15.55 -30.13
CA LEU A 28 -26.08 -16.20 -30.04
C LEU A 28 -26.13 -17.26 -28.94
N GLU A 29 -25.37 -18.30 -29.17
CA GLU A 29 -25.04 -19.20 -28.07
C GLU A 29 -23.73 -18.62 -27.52
N VAL A 30 -23.77 -18.23 -26.25
CA VAL A 30 -22.55 -17.66 -25.62
C VAL A 30 -21.93 -18.53 -24.49
N VAL A 31 -20.76 -19.06 -24.82
CA VAL A 31 -20.09 -19.85 -23.79
C VAL A 31 -18.70 -19.26 -23.35
N VAL A 32 -18.52 -19.10 -22.05
CA VAL A 32 -17.24 -18.71 -21.46
C VAL A 32 -16.45 -19.84 -20.81
N TYR A 33 -15.19 -20.03 -21.19
CA TYR A 33 -14.29 -21.00 -20.55
C TYR A 33 -13.24 -20.24 -19.78
N GLU A 34 -13.42 -20.21 -18.47
CA GLU A 34 -12.42 -19.68 -17.54
C GLU A 34 -11.52 -20.78 -16.86
N LYS A 35 -10.19 -20.67 -16.93
CA LYS A 35 -9.43 -21.66 -16.20
C LYS A 35 -9.35 -21.58 -14.64
N SER A 36 -9.68 -20.43 -14.13
CA SER A 36 -9.32 -20.10 -12.80
C SER A 36 -10.39 -20.42 -11.89
N GLY A 37 -11.47 -20.99 -12.30
CA GLY A 37 -12.37 -21.10 -11.18
C GLY A 37 -12.93 -19.88 -10.44
N TRP A 38 -12.48 -18.71 -10.73
CA TRP A 38 -13.46 -17.62 -10.64
C TRP A 38 -13.66 -16.81 -11.91
N VAL A 39 -14.76 -16.13 -11.98
CA VAL A 39 -15.05 -15.35 -13.17
C VAL A 39 -15.61 -13.90 -12.80
N SER A 40 -15.31 -12.91 -13.64
CA SER A 40 -15.96 -11.61 -13.49
C SER A 40 -15.80 -10.93 -12.09
N TYR A 41 -14.53 -10.66 -11.72
CA TYR A 41 -14.16 -10.20 -10.35
C TYR A 41 -13.20 -9.05 -10.55
N GLY A 42 -13.21 -8.09 -9.61
CA GLY A 42 -12.34 -6.93 -9.65
C GLY A 42 -10.97 -7.17 -9.08
N ALA A 43 -9.99 -7.61 -9.86
CA ALA A 43 -8.66 -7.74 -9.30
C ALA A 43 -8.16 -6.46 -8.59
N CYS A 44 -8.67 -5.31 -9.00
CA CYS A 44 -8.25 -3.95 -8.57
C CYS A 44 -8.52 -3.80 -7.08
N GLY A 45 -9.47 -4.59 -6.59
CA GLY A 45 -9.95 -4.48 -5.25
C GLY A 45 -9.19 -5.41 -4.29
N LEU A 46 -8.36 -6.29 -4.83
CA LEU A 46 -7.67 -7.25 -3.99
C LEU A 46 -6.93 -6.62 -2.80
N PRO A 47 -6.20 -5.50 -2.99
CA PRO A 47 -5.54 -4.90 -1.86
C PRO A 47 -6.54 -4.42 -0.84
N TYR A 48 -7.77 -4.10 -1.16
CA TYR A 48 -8.67 -3.67 -0.10
C TYR A 48 -9.23 -4.83 0.74
N VAL A 49 -9.10 -6.00 0.22
CA VAL A 49 -9.55 -7.18 0.92
C VAL A 49 -8.39 -7.70 1.86
N LEU A 50 -7.19 -7.71 1.30
CA LEU A 50 -5.94 -7.86 1.97
C LEU A 50 -5.91 -6.99 3.16
N SER A 51 -6.31 -5.77 3.03
CA SER A 51 -6.12 -4.82 4.09
C SER A 51 -7.14 -5.00 5.15
N GLY A 52 -8.22 -5.73 4.89
CA GLY A 52 -9.27 -5.80 5.88
C GLY A 52 -10.46 -4.87 5.76
N GLU A 53 -10.27 -3.75 5.05
CA GLU A 53 -11.35 -2.83 4.66
C GLU A 53 -12.58 -3.49 4.01
N ILE A 54 -12.33 -4.44 3.13
CA ILE A 54 -13.41 -5.22 2.55
C ILE A 54 -13.34 -6.61 3.10
N PRO A 55 -14.33 -6.96 3.92
CA PRO A 55 -14.45 -8.10 4.82
C PRO A 55 -14.26 -9.42 4.13
N ARG A 56 -15.01 -9.68 3.07
CA ARG A 56 -14.91 -11.01 2.45
C ARG A 56 -14.52 -10.87 0.98
N LEU A 57 -13.80 -11.85 0.45
CA LEU A 57 -13.24 -11.81 -0.90
C LEU A 57 -14.30 -11.82 -2.02
N GLU A 58 -15.44 -12.45 -1.73
CA GLU A 58 -16.51 -12.64 -2.72
C GLU A 58 -17.17 -11.31 -2.99
N ARG A 59 -17.10 -10.39 -2.03
CA ARG A 59 -17.51 -9.01 -2.29
C ARG A 59 -17.06 -8.40 -3.74
N LEU A 60 -15.97 -8.91 -4.30
CA LEU A 60 -15.27 -8.37 -5.43
C LEU A 60 -15.83 -8.90 -6.73
N VAL A 61 -16.76 -9.84 -6.70
CA VAL A 61 -17.23 -10.37 -8.03
C VAL A 61 -18.46 -9.58 -8.45
N ALA A 62 -18.56 -9.28 -9.73
CA ALA A 62 -19.64 -8.52 -10.28
C ALA A 62 -20.87 -9.40 -10.71
N ARG A 63 -20.57 -10.56 -11.24
CA ARG A 63 -21.63 -11.41 -11.71
C ARG A 63 -21.25 -12.85 -11.46
N THR A 64 -22.17 -13.65 -10.90
CA THR A 64 -21.92 -15.08 -10.58
C THR A 64 -22.30 -15.99 -11.71
N PRO A 65 -21.74 -17.18 -11.72
CA PRO A 65 -21.94 -17.91 -12.96
C PRO A 65 -23.41 -18.24 -13.02
N GLU A 66 -24.06 -18.10 -11.87
CA GLU A 66 -25.45 -18.39 -11.78
C GLU A 66 -26.25 -17.24 -12.42
N GLU A 67 -25.89 -16.00 -12.08
CA GLU A 67 -26.59 -14.81 -12.66
C GLU A 67 -26.38 -14.73 -14.17
N PHE A 68 -25.15 -15.02 -14.61
CA PHE A 68 -24.90 -15.28 -15.97
C PHE A 68 -25.85 -16.27 -16.63
N ARG A 69 -25.98 -17.46 -16.05
CA ARG A 69 -26.85 -18.48 -16.55
C ARG A 69 -28.24 -17.86 -16.75
N LYS A 70 -28.84 -17.29 -15.68
CA LYS A 70 -30.12 -16.56 -15.82
C LYS A 70 -30.16 -15.61 -17.07
N GLN A 71 -29.02 -15.17 -17.53
CA GLN A 71 -29.00 -14.14 -18.55
C GLN A 71 -28.56 -14.68 -19.89
N GLY A 72 -28.53 -16.01 -20.04
CA GLY A 72 -28.25 -16.61 -21.35
C GLY A 72 -26.79 -17.00 -21.59
N VAL A 73 -26.00 -16.95 -20.52
CA VAL A 73 -24.56 -17.06 -20.67
C VAL A 73 -24.05 -18.20 -19.80
N LEU A 74 -23.38 -19.12 -20.49
CA LEU A 74 -22.92 -20.36 -19.92
C LEU A 74 -21.48 -20.25 -19.68
N VAL A 75 -21.12 -20.21 -18.42
CA VAL A 75 -19.75 -20.03 -17.96
C VAL A 75 -19.18 -21.30 -17.25
N HIS A 76 -17.99 -21.66 -17.61
CA HIS A 76 -17.35 -22.82 -17.06
C HIS A 76 -16.04 -22.47 -16.44
N THR A 77 -15.99 -22.50 -15.13
CA THR A 77 -14.69 -22.23 -14.46
C THR A 77 -13.90 -23.45 -14.36
N ARG A 78 -12.63 -23.33 -14.11
CA ARG A 78 -11.80 -24.52 -14.00
C ARG A 78 -11.84 -25.29 -15.34
N HIS A 79 -12.00 -24.56 -16.43
CA HIS A 79 -11.85 -25.15 -17.72
C HIS A 79 -10.78 -24.46 -18.54
N GLU A 80 -9.75 -25.19 -18.90
CA GLU A 80 -8.64 -24.58 -19.63
C GLU A 80 -8.66 -24.99 -21.06
N VAL A 81 -8.62 -24.01 -21.98
CA VAL A 81 -8.59 -24.41 -23.34
C VAL A 81 -7.17 -24.61 -23.70
N VAL A 82 -6.88 -25.82 -24.12
CA VAL A 82 -5.56 -26.34 -24.34
C VAL A 82 -5.15 -26.33 -25.81
N ASP A 83 -6.08 -26.49 -26.73
CA ASP A 83 -5.72 -26.28 -28.10
C ASP A 83 -6.85 -25.67 -28.97
N VAL A 84 -6.51 -24.93 -30.00
CA VAL A 84 -7.44 -24.50 -31.01
C VAL A 84 -7.05 -24.99 -32.48
N ASP A 85 -7.99 -25.69 -33.10
CA ASP A 85 -7.85 -26.03 -34.49
C ASP A 85 -8.45 -24.93 -35.37
N TYR A 86 -7.78 -23.81 -35.42
CA TYR A 86 -8.21 -22.55 -36.05
C TYR A 86 -8.64 -22.66 -37.46
N GLU A 87 -7.78 -21.99 -38.23
CA GLU A 87 -7.62 -22.01 -39.75
C GLU A 87 -6.15 -22.44 -40.36
N LEU A 88 -5.76 -23.73 -40.31
CA LEU A 88 -6.54 -24.92 -39.81
C LEU A 88 -8.08 -24.94 -40.16
N ARG A 89 -8.96 -25.30 -39.26
CA ARG A 89 -10.39 -25.24 -39.52
C ARG A 89 -11.19 -25.94 -38.46
N THR A 90 -11.84 -24.99 -37.72
CA THR A 90 -12.50 -25.06 -36.42
C THR A 90 -13.25 -26.35 -36.70
N LEU A 91 -13.20 -27.45 -35.89
CA LEU A 91 -13.55 -27.62 -34.41
C LEU A 91 -13.02 -26.50 -33.72
N THR A 92 -11.81 -26.90 -33.31
CA THR A 92 -10.86 -26.29 -32.44
C THR A 92 -11.45 -26.46 -31.10
N VAL A 93 -10.80 -25.88 -30.13
CA VAL A 93 -11.19 -25.94 -28.78
C VAL A 93 -11.17 -27.48 -28.42
N HIS A 94 -10.07 -27.95 -27.85
CA HIS A 94 -10.02 -29.12 -27.01
C HIS A 94 -9.95 -28.43 -25.72
N ASP A 95 -10.75 -28.80 -24.76
CA ASP A 95 -10.36 -28.35 -23.43
C ASP A 95 -10.70 -29.23 -22.26
N HIS A 96 -10.21 -28.84 -21.09
CA HIS A 96 -10.22 -29.66 -19.91
C HIS A 96 -11.15 -29.31 -18.63
N ALA A 97 -12.25 -30.10 -18.23
CA ALA A 97 -13.01 -29.92 -16.87
C ALA A 97 -12.30 -30.58 -15.76
N GLU A 98 -13.13 -30.92 -14.74
CA GLU A 98 -12.77 -31.85 -13.57
C GLU A 98 -13.07 -33.33 -13.81
N GLY A 99 -11.94 -34.01 -14.16
CA GLY A 99 -11.83 -35.28 -14.88
C GLY A 99 -11.34 -35.15 -16.33
N ARG A 100 -12.27 -34.68 -17.13
CA ARG A 100 -12.30 -34.95 -18.56
C ARG A 100 -11.73 -33.88 -19.44
N THR A 101 -11.55 -34.28 -20.67
CA THR A 101 -11.23 -33.32 -21.69
C THR A 101 -12.15 -33.56 -22.92
N PHE A 102 -12.28 -32.59 -23.84
CA PHE A 102 -13.31 -32.62 -24.89
C PHE A 102 -13.29 -31.52 -25.93
N GLN A 103 -14.28 -31.55 -26.83
CA GLN A 103 -14.19 -30.67 -28.00
C GLN A 103 -15.28 -29.64 -28.04
N ASP A 104 -15.02 -28.57 -28.79
CA ASP A 104 -16.04 -27.59 -29.03
C ASP A 104 -15.78 -26.87 -30.34
N ARG A 105 -16.76 -26.21 -30.91
CA ARG A 105 -16.52 -25.46 -32.12
C ARG A 105 -16.85 -24.03 -31.79
N PHE A 106 -16.35 -23.17 -32.63
CA PHE A 106 -16.87 -21.87 -32.52
C PHE A 106 -17.14 -21.27 -33.89
N ASP A 107 -17.98 -20.24 -33.90
CA ASP A 107 -18.12 -19.34 -35.06
C ASP A 107 -17.31 -18.00 -34.86
N HIS A 108 -17.50 -17.37 -33.68
CA HIS A 108 -16.69 -16.27 -33.19
C HIS A 108 -15.91 -16.73 -31.97
N LEU A 109 -14.61 -16.39 -31.94
CA LEU A 109 -13.70 -16.75 -30.86
C LEU A 109 -13.16 -15.49 -30.20
N VAL A 110 -13.47 -15.21 -28.93
CA VAL A 110 -12.81 -14.09 -28.24
C VAL A 110 -11.69 -14.62 -27.31
N LEU A 111 -10.45 -14.34 -27.68
CA LEU A 111 -9.26 -14.47 -26.82
C LEU A 111 -9.15 -13.38 -25.74
N ALA A 112 -9.27 -13.75 -24.48
CA ALA A 112 -9.30 -12.81 -23.39
C ALA A 112 -8.60 -13.49 -22.19
N THR A 113 -7.40 -13.94 -22.47
CA THR A 113 -6.70 -14.77 -21.56
C THR A 113 -5.84 -13.99 -20.58
N GLY A 114 -5.80 -12.71 -20.73
CA GLY A 114 -5.17 -11.88 -19.78
C GLY A 114 -3.68 -11.79 -19.76
N ALA A 115 -3.16 -11.48 -18.56
CA ALA A 115 -1.74 -11.40 -18.29
C ALA A 115 -1.33 -12.17 -17.03
N ARG A 116 -0.11 -12.69 -16.97
CA ARG A 116 0.46 -13.38 -15.79
C ARG A 116 1.60 -12.54 -15.22
N PRO A 117 1.97 -12.75 -13.97
CA PRO A 117 3.11 -12.03 -13.38
C PRO A 117 4.38 -12.28 -14.13
N SER A 118 5.17 -11.24 -14.22
CA SER A 118 6.42 -11.31 -14.90
C SER A 118 7.52 -11.50 -13.85
N LEU A 119 7.92 -12.76 -13.62
CA LEU A 119 8.91 -13.12 -12.55
C LEU A 119 10.37 -12.93 -12.83
N PRO A 120 11.08 -12.15 -11.93
CA PRO A 120 12.54 -11.94 -12.19
C PRO A 120 13.29 -13.17 -11.85
N PRO A 121 14.45 -13.27 -12.45
CA PRO A 121 15.19 -14.52 -12.22
C PRO A 121 15.97 -14.38 -10.89
N ILE A 122 15.52 -15.08 -9.87
CA ILE A 122 16.15 -14.91 -8.61
C ILE A 122 15.99 -16.19 -7.99
N PRO A 123 17.09 -16.71 -7.55
CA PRO A 123 17.09 -18.01 -6.92
C PRO A 123 16.22 -17.98 -5.62
N GLY A 124 15.24 -18.90 -5.46
CA GLY A 124 14.59 -19.04 -4.17
C GLY A 124 13.20 -18.48 -4.23
N THR A 125 12.80 -18.19 -5.44
CA THR A 125 11.47 -17.68 -5.69
C THR A 125 10.40 -18.73 -5.38
N GLU A 126 10.79 -19.99 -5.51
CA GLU A 126 9.91 -21.13 -5.41
C GLU A 126 9.46 -21.45 -4.01
N GLN A 127 9.99 -20.73 -3.04
CA GLN A 127 9.71 -21.07 -1.69
C GLN A 127 8.33 -20.69 -1.23
N GLU A 128 8.07 -21.06 0.01
CA GLU A 128 6.80 -21.14 0.67
C GLU A 128 6.12 -19.79 0.96
N GLY A 129 6.86 -18.83 1.46
CA GLY A 129 6.22 -17.54 1.63
C GLY A 129 6.46 -16.45 0.61
N VAL A 130 6.80 -16.84 -0.60
CA VAL A 130 6.83 -15.90 -1.75
C VAL A 130 5.48 -15.95 -2.45
N TYR A 131 4.90 -14.79 -2.71
CA TYR A 131 3.53 -14.66 -3.24
C TYR A 131 3.46 -13.67 -4.40
N THR A 132 2.33 -13.65 -5.05
CA THR A 132 2.13 -12.78 -6.23
C THR A 132 0.68 -12.24 -6.19
N LEU A 133 0.38 -11.07 -6.70
CA LEU A 133 -1.02 -10.64 -6.44
C LEU A 133 -1.78 -10.38 -7.70
N ARG A 134 -2.45 -11.40 -8.21
CA ARG A 134 -3.01 -11.24 -9.53
C ARG A 134 -4.46 -11.69 -9.58
N THR A 135 -4.82 -12.70 -8.76
CA THR A 135 -6.03 -13.49 -9.00
C THR A 135 -6.80 -13.67 -7.76
N MET A 136 -7.93 -14.36 -7.77
CA MET A 136 -8.66 -14.54 -6.53
C MET A 136 -7.95 -15.50 -5.64
N GLU A 137 -7.18 -16.40 -6.26
CA GLU A 137 -6.57 -17.50 -5.54
C GLU A 137 -5.39 -16.93 -4.84
N ASP A 138 -4.71 -16.02 -5.53
CA ASP A 138 -3.63 -15.25 -4.94
C ASP A 138 -4.14 -14.58 -3.69
N GLY A 139 -5.34 -14.07 -3.77
CA GLY A 139 -5.89 -13.44 -2.60
C GLY A 139 -6.09 -14.38 -1.44
N GLU A 140 -6.73 -15.52 -1.70
CA GLU A 140 -6.79 -16.60 -0.72
C GLU A 140 -5.42 -16.94 -0.09
N ARG A 141 -4.45 -17.26 -0.92
CA ARG A 141 -3.13 -17.53 -0.39
C ARG A 141 -2.64 -16.52 0.66
N LEU A 142 -2.53 -15.33 0.17
CA LEU A 142 -2.18 -14.16 0.98
C LEU A 142 -3.04 -14.00 2.27
N LEU A 143 -4.32 -14.29 2.15
CA LEU A 143 -5.25 -13.87 3.16
C LEU A 143 -5.10 -14.80 4.41
N LYS A 144 -4.63 -16.01 4.11
CA LYS A 144 -4.17 -17.03 5.05
C LYS A 144 -2.87 -16.68 5.75
N ALA A 145 -1.86 -16.33 4.97
CA ALA A 145 -0.58 -15.81 5.46
C ALA A 145 -0.59 -14.59 6.41
N LEU A 146 -1.34 -13.58 5.99
CA LEU A 146 -1.37 -12.28 6.59
C LEU A 146 -1.53 -12.31 8.11
N PRO A 147 -2.62 -12.92 8.60
CA PRO A 147 -2.82 -12.77 10.06
C PRO A 147 -1.83 -13.70 10.68
N GLN A 148 -0.89 -13.24 11.48
CA GLN A 148 0.32 -14.06 11.69
C GLN A 148 1.54 -13.38 11.11
N ALA A 149 1.42 -12.02 11.12
CA ALA A 149 2.38 -10.97 10.66
C ALA A 149 3.40 -11.63 9.82
N ARG A 150 4.71 -11.34 10.02
CA ARG A 150 5.31 -10.26 10.85
C ARG A 150 6.12 -9.20 10.05
N ARG A 151 6.99 -9.66 9.15
CA ARG A 151 7.90 -8.80 8.37
C ARG A 151 7.69 -9.03 6.85
N ALA A 152 7.25 -8.00 6.10
CA ALA A 152 7.09 -8.16 4.64
C ALA A 152 8.14 -7.45 3.81
N ALA A 153 8.68 -8.15 2.79
CA ALA A 153 9.40 -7.42 1.66
C ALA A 153 8.64 -7.43 0.33
N ILE A 154 8.47 -6.27 -0.27
CA ILE A 154 7.76 -6.15 -1.58
C ILE A 154 8.71 -5.77 -2.66
N LEU A 155 8.91 -6.62 -3.63
CA LEU A 155 9.73 -6.20 -4.76
C LEU A 155 8.94 -5.42 -5.80
N GLY A 156 9.27 -4.17 -6.08
CA GLY A 156 8.72 -3.44 -7.16
C GLY A 156 7.92 -2.35 -6.53
N ALA A 157 8.24 -1.12 -6.87
CA ALA A 157 7.48 0.04 -6.44
C ALA A 157 6.66 0.69 -7.56
N GLY A 158 5.97 -0.17 -8.33
CA GLY A 158 4.88 0.17 -9.23
C GLY A 158 3.56 0.49 -8.56
N TYR A 159 2.50 0.78 -9.25
CA TYR A 159 1.26 1.01 -8.48
C TYR A 159 0.84 -0.20 -7.56
N ILE A 160 0.71 -1.47 -8.06
CA ILE A 160 0.23 -2.51 -7.15
C ILE A 160 1.51 -2.69 -6.44
N GLY A 161 1.55 -3.02 -5.18
CA GLY A 161 2.96 -2.87 -4.78
C GLY A 161 3.17 -1.66 -3.93
N LEU A 162 3.03 -0.43 -4.42
CA LEU A 162 2.60 0.70 -3.51
C LEU A 162 1.25 0.40 -2.83
N GLU A 163 0.29 -0.11 -3.61
CA GLU A 163 -1.03 -0.50 -3.08
C GLU A 163 -0.89 -1.59 -1.98
N ALA A 164 0.03 -2.53 -2.22
CA ALA A 164 0.25 -3.65 -1.26
C ALA A 164 0.90 -3.20 0.00
N ALA A 165 1.99 -2.47 -0.11
CA ALA A 165 2.50 -1.66 1.00
C ALA A 165 1.41 -1.12 1.94
N GLU A 166 0.36 -0.48 1.44
CA GLU A 166 -0.64 0.10 2.37
C GLU A 166 -1.41 -1.05 3.00
N ALA A 167 -1.78 -2.03 2.19
CA ALA A 167 -2.54 -3.16 2.73
C ALA A 167 -1.81 -3.87 3.92
N PHE A 168 -0.57 -4.27 3.71
CA PHE A 168 0.25 -4.87 4.73
C PHE A 168 0.46 -4.01 5.94
N ARG A 169 0.65 -2.70 5.81
CA ARG A 169 0.78 -1.86 6.98
C ARG A 169 -0.54 -1.83 7.78
N LYS A 170 -1.67 -1.66 7.09
CA LYS A 170 -3.01 -1.80 7.66
C LYS A 170 -3.23 -3.16 8.36
N ARG A 171 -2.44 -4.13 8.03
CA ARG A 171 -2.53 -5.42 8.69
C ARG A 171 -1.42 -5.63 9.72
N GLY A 172 -0.70 -4.56 10.01
CA GLY A 172 0.21 -4.54 11.10
C GLY A 172 1.60 -4.98 10.86
N LEU A 173 1.89 -5.56 9.67
CA LEU A 173 3.30 -5.94 9.31
C LEU A 173 4.28 -4.78 9.20
N GLN A 174 5.55 -5.08 9.46
CA GLN A 174 6.50 -4.10 9.05
C GLN A 174 6.81 -4.39 7.58
N VAL A 175 6.99 -3.33 6.80
CA VAL A 175 7.13 -3.51 5.38
C VAL A 175 8.27 -2.77 4.83
N THR A 176 9.19 -3.49 4.20
CA THR A 176 10.16 -2.75 3.43
C THR A 176 9.94 -2.87 1.90
N LEU A 177 9.98 -1.74 1.16
CA LEU A 177 9.84 -1.75 -0.30
C LEU A 177 11.19 -1.83 -1.06
N LEU A 178 11.48 -2.83 -1.89
CA LEU A 178 12.73 -2.86 -2.70
C LEU A 178 12.49 -2.48 -4.16
N GLU A 179 13.24 -1.55 -4.67
CA GLU A 179 13.10 -1.15 -6.06
C GLU A 179 14.48 -1.08 -6.75
N ALA A 180 14.64 -1.70 -7.92
CA ALA A 180 15.89 -1.59 -8.66
C ALA A 180 16.17 -0.19 -9.20
N LYS A 181 15.20 0.56 -9.75
CA LYS A 181 15.46 1.93 -10.20
C LYS A 181 15.51 2.90 -9.01
N ASP A 182 15.83 4.14 -9.24
CA ASP A 182 16.11 5.11 -8.18
C ASP A 182 14.92 5.71 -7.38
N ARG A 183 13.69 5.51 -7.79
CA ARG A 183 12.56 6.14 -7.21
C ARG A 183 11.42 5.15 -7.11
N PRO A 184 10.46 5.38 -6.22
CA PRO A 184 9.17 4.71 -6.44
C PRO A 184 8.39 5.27 -7.69
N LEU A 185 7.56 4.40 -8.32
CA LEU A 185 6.78 4.75 -9.54
C LEU A 185 7.74 5.28 -10.55
N PRO A 186 8.74 4.42 -10.89
CA PRO A 186 9.92 4.70 -11.70
C PRO A 186 9.52 5.00 -13.12
N HIS A 187 8.31 4.68 -13.49
CA HIS A 187 7.97 4.92 -14.88
C HIS A 187 7.47 6.29 -15.18
N TRP A 188 7.37 7.11 -14.13
CA TRP A 188 6.87 8.45 -14.25
C TRP A 188 7.99 9.32 -13.81
N ASP A 189 8.02 10.56 -14.25
CA ASP A 189 8.93 11.61 -13.67
C ASP A 189 9.07 11.61 -12.11
N PRO A 190 10.18 12.16 -11.73
CA PRO A 190 10.74 11.88 -10.38
C PRO A 190 10.07 12.65 -9.23
N GLU A 191 9.52 13.84 -9.51
CA GLU A 191 8.76 14.64 -8.57
C GLU A 191 7.62 13.85 -7.93
N VAL A 192 6.87 13.17 -8.80
CA VAL A 192 5.82 12.30 -8.28
C VAL A 192 6.35 11.17 -7.43
N GLY A 193 7.30 10.38 -7.91
CA GLY A 193 7.99 9.38 -7.09
C GLY A 193 8.47 9.92 -5.74
N ALA A 194 9.10 11.10 -5.71
CA ALA A 194 9.44 11.81 -4.45
C ALA A 194 8.31 11.93 -3.47
N LEU A 195 7.17 12.42 -3.95
CA LEU A 195 5.99 12.66 -3.13
C LEU A 195 5.61 11.35 -2.43
N LEU A 196 5.71 10.27 -3.21
CA LEU A 196 5.38 8.97 -2.76
C LEU A 196 6.34 8.35 -1.72
N LYS A 197 7.64 8.57 -1.92
CA LYS A 197 8.66 8.18 -0.96
C LYS A 197 8.32 8.83 0.37
N GLU A 198 8.16 10.15 0.38
CA GLU A 198 7.78 10.82 1.61
C GLU A 198 6.49 10.29 2.29
N GLU A 199 5.45 9.92 1.56
CA GLU A 199 4.25 9.41 2.14
C GLU A 199 4.44 8.00 2.63
N LEU A 200 5.14 7.17 1.89
CA LEU A 200 5.42 5.85 2.41
C LEU A 200 6.22 5.88 3.68
N GLU A 201 7.18 6.77 3.70
CA GLU A 201 8.03 6.88 4.83
C GLU A 201 7.28 7.38 6.07
N ARG A 202 6.49 8.41 5.92
CA ARG A 202 5.58 8.89 6.95
C ARG A 202 4.74 7.78 7.56
N HIS A 203 4.41 6.73 6.82
CA HIS A 203 3.59 5.63 7.36
C HIS A 203 4.36 4.32 7.69
N GLY A 204 5.66 4.42 7.72
CA GLY A 204 6.40 3.44 8.40
C GLY A 204 6.96 2.48 7.42
N VAL A 205 6.92 2.83 6.15
CA VAL A 205 7.42 1.86 5.18
C VAL A 205 8.83 2.24 4.95
N GLU A 206 9.66 1.23 4.79
CA GLU A 206 11.05 1.52 4.52
C GLU A 206 11.26 1.42 3.03
N VAL A 207 11.77 2.44 2.37
CA VAL A 207 11.87 2.27 0.92
C VAL A 207 13.32 2.20 0.39
N TRP A 208 13.89 1.00 0.14
CA TRP A 208 15.24 0.78 -0.40
C TRP A 208 15.19 1.02 -1.90
N THR A 209 15.98 1.95 -2.40
CA THR A 209 16.02 2.25 -3.81
C THR A 209 17.32 1.86 -4.49
N GLY A 210 17.34 1.75 -5.79
CA GLY A 210 18.55 1.29 -6.46
C GLY A 210 19.20 0.00 -5.95
N VAL A 211 18.42 -1.07 -5.85
CA VAL A 211 18.76 -2.24 -5.04
C VAL A 211 18.68 -3.46 -5.92
N LYS A 212 19.75 -4.25 -5.94
CA LYS A 212 19.73 -5.47 -6.69
C LYS A 212 19.35 -6.58 -5.71
N VAL A 213 18.23 -7.25 -5.89
CA VAL A 213 17.98 -8.41 -5.07
C VAL A 213 18.78 -9.66 -5.53
N GLU A 214 19.53 -10.25 -4.62
CA GLU A 214 20.35 -11.36 -5.01
C GLU A 214 19.77 -12.73 -4.74
N ALA A 215 19.15 -12.99 -3.59
CA ALA A 215 18.40 -14.21 -3.48
C ALA A 215 17.43 -14.18 -2.37
N PHE A 216 16.48 -15.12 -2.34
CA PHE A 216 15.59 -15.27 -1.24
C PHE A 216 16.11 -16.37 -0.32
N ARG A 217 16.50 -16.00 0.88
CA ARG A 217 17.11 -16.97 1.78
C ARG A 217 16.13 -17.96 2.39
N GLY A 218 16.47 -19.24 2.43
CA GLY A 218 15.62 -20.16 3.16
C GLY A 218 15.77 -21.56 2.69
N MET A 219 15.18 -22.47 3.46
CA MET A 219 15.32 -23.89 3.17
C MET A 219 14.04 -24.45 2.53
N GLY A 220 13.45 -23.62 1.67
CA GLY A 220 12.10 -23.80 1.16
C GLY A 220 11.04 -22.98 1.88
N ARG A 221 11.47 -22.04 2.74
CA ARG A 221 10.52 -21.29 3.55
C ARG A 221 10.56 -19.81 3.41
N VAL A 222 11.75 -19.21 3.26
CA VAL A 222 11.90 -17.73 3.08
C VAL A 222 11.83 -16.99 4.38
N GLU A 223 12.95 -16.33 4.63
CA GLU A 223 13.12 -15.67 5.89
C GLU A 223 13.96 -14.48 5.60
N ALA A 224 14.65 -14.51 4.46
CA ALA A 224 15.41 -13.33 4.19
C ALA A 224 15.20 -12.43 3.02
N VAL A 225 15.65 -12.68 1.82
CA VAL A 225 16.05 -11.48 0.94
C VAL A 225 17.43 -10.84 1.17
N GLU A 226 18.34 -11.20 0.28
CA GLU A 226 19.71 -10.80 0.30
C GLU A 226 19.78 -9.89 -0.87
N THR A 227 20.25 -8.69 -0.62
CA THR A 227 20.35 -7.65 -1.62
C THR A 227 21.73 -7.08 -1.64
N SER A 228 22.00 -6.41 -2.75
CA SER A 228 23.24 -5.63 -2.99
C SER A 228 23.48 -4.68 -1.82
N GLU A 229 22.43 -4.30 -1.12
CA GLU A 229 22.57 -3.29 -0.06
C GLU A 229 22.37 -3.88 1.33
N GLY A 230 22.57 -5.20 1.50
CA GLY A 230 22.29 -5.74 2.81
C GLY A 230 21.19 -6.76 2.86
N VAL A 231 20.82 -7.17 4.07
CA VAL A 231 19.88 -8.27 4.20
C VAL A 231 18.57 -7.85 4.82
N VAL A 232 17.46 -8.13 4.14
CA VAL A 232 16.16 -7.72 4.67
C VAL A 232 15.45 -8.87 5.31
N PRO A 233 15.21 -8.81 6.58
CA PRO A 233 14.54 -10.05 7.03
C PRO A 233 13.04 -9.99 6.75
N ALA A 234 12.44 -11.10 6.27
CA ALA A 234 11.05 -11.14 5.79
C ALA A 234 10.41 -12.56 5.74
N ASP A 235 9.33 -12.75 6.47
CA ASP A 235 8.68 -14.06 6.39
C ASP A 235 7.62 -14.14 5.29
N LEU A 236 7.21 -12.98 4.80
CA LEU A 236 6.46 -12.87 3.57
C LEU A 236 7.08 -11.88 2.55
N VAL A 237 7.12 -12.39 1.32
CA VAL A 237 7.57 -11.56 0.24
C VAL A 237 6.55 -11.59 -0.93
N LEU A 238 6.24 -10.37 -1.40
CA LEU A 238 5.36 -10.09 -2.53
C LEU A 238 6.13 -9.61 -3.71
N LEU A 239 6.05 -10.35 -4.80
CA LEU A 239 6.66 -10.00 -6.10
C LEU A 239 5.72 -9.14 -6.91
N ALA A 240 6.08 -7.90 -7.14
CA ALA A 240 5.25 -6.87 -7.77
C ALA A 240 5.94 -6.11 -8.89
N THR A 241 6.29 -6.83 -9.94
CA THR A 241 7.48 -6.55 -10.76
C THR A 241 7.04 -6.61 -12.20
N GLY A 242 5.76 -6.43 -12.47
CA GLY A 242 5.28 -6.51 -13.81
C GLY A 242 4.39 -7.71 -14.17
N ILE A 243 3.72 -7.55 -15.30
CA ILE A 243 2.91 -8.61 -15.84
C ILE A 243 3.28 -8.72 -17.22
N ARG A 244 3.03 -9.82 -17.88
CA ARG A 244 3.32 -9.94 -19.30
C ARG A 244 2.01 -10.57 -19.80
N PRO A 245 1.62 -10.35 -21.11
CA PRO A 245 0.40 -10.93 -21.68
C PRO A 245 0.46 -12.43 -21.87
N ASN A 246 -0.72 -13.04 -21.68
CA ASN A 246 -0.88 -14.47 -21.95
C ASN A 246 -1.14 -14.86 -23.35
N THR A 247 -0.07 -14.92 -24.16
CA THR A 247 -0.24 -15.03 -25.59
C THR A 247 -0.03 -16.39 -26.14
N GLU A 248 0.32 -17.30 -25.27
CA GLU A 248 0.84 -18.58 -25.72
C GLU A 248 -0.17 -19.40 -26.63
N LEU A 249 -1.40 -19.60 -26.15
CA LEU A 249 -2.41 -20.22 -26.93
C LEU A 249 -2.64 -19.49 -28.24
N ALA A 250 -2.63 -18.17 -28.23
CA ALA A 250 -3.00 -17.48 -29.42
C ALA A 250 -1.89 -17.58 -30.41
N GLN A 251 -0.65 -17.75 -30.00
CA GLN A 251 0.40 -18.01 -31.01
C GLN A 251 0.27 -19.40 -31.58
N ALA A 252 -0.22 -20.35 -30.75
CA ALA A 252 -0.25 -21.69 -31.18
C ALA A 252 -1.20 -21.72 -32.40
N MET A 253 -2.22 -20.88 -32.38
CA MET A 253 -3.17 -20.93 -33.46
C MET A 253 -2.87 -19.87 -34.50
N GLY A 254 -1.70 -19.25 -34.44
CA GLY A 254 -1.25 -18.31 -35.47
C GLY A 254 -1.93 -16.95 -35.48
N VAL A 255 -2.24 -16.44 -34.33
CA VAL A 255 -2.73 -15.13 -34.20
C VAL A 255 -1.51 -14.27 -34.09
N ALA A 256 -1.49 -13.12 -34.78
CA ALA A 256 -0.32 -12.22 -34.78
C ALA A 256 -0.10 -11.36 -33.57
N LEU A 257 1.16 -11.32 -33.14
CA LEU A 257 1.46 -10.42 -32.05
C LEU A 257 1.92 -9.08 -32.59
N GLY A 258 1.68 -8.06 -31.79
CA GLY A 258 2.18 -6.75 -32.14
C GLY A 258 3.54 -6.45 -31.51
N PRO A 259 4.06 -5.28 -31.79
CA PRO A 259 5.43 -5.06 -31.34
C PRO A 259 5.53 -5.14 -29.80
N THR A 260 4.41 -4.98 -29.14
CA THR A 260 4.47 -4.92 -27.69
C THR A 260 4.53 -6.36 -27.10
N GLY A 261 4.07 -7.27 -27.93
CA GLY A 261 3.98 -8.66 -27.54
C GLY A 261 2.62 -9.17 -27.19
N ALA A 262 1.74 -8.17 -27.07
CA ALA A 262 0.39 -8.36 -26.75
C ALA A 262 -0.17 -8.68 -28.14
N ILE A 263 -1.35 -9.33 -28.22
CA ILE A 263 -2.06 -9.55 -29.49
C ILE A 263 -2.36 -8.27 -30.18
N ALA A 264 -2.09 -8.21 -31.49
CA ALA A 264 -2.55 -7.09 -32.34
C ALA A 264 -4.07 -6.99 -32.58
N THR A 265 -4.61 -5.79 -32.74
CA THR A 265 -6.05 -5.61 -33.01
C THR A 265 -6.44 -4.42 -33.89
N ASP A 266 -7.59 -4.44 -34.52
CA ASP A 266 -8.08 -3.22 -35.16
C ASP A 266 -9.17 -2.45 -34.30
N GLU A 267 -9.72 -1.38 -34.81
CA GLU A 267 -10.73 -0.72 -34.05
C GLU A 267 -11.94 -1.62 -33.76
N ARG A 268 -11.97 -2.82 -34.32
CA ARG A 268 -13.07 -3.73 -34.08
C ARG A 268 -12.72 -4.87 -33.18
N MET A 269 -11.50 -4.85 -32.63
CA MET A 269 -10.93 -5.89 -31.75
C MET A 269 -10.63 -7.13 -32.51
N ARG A 270 -10.69 -7.04 -33.81
CA ARG A 270 -10.40 -8.20 -34.59
C ARG A 270 -8.92 -8.50 -34.80
N THR A 271 -8.53 -9.75 -34.58
CA THR A 271 -7.18 -10.17 -34.92
C THR A 271 -6.99 -10.42 -36.41
N ASN A 272 -5.83 -10.98 -36.73
CA ASN A 272 -5.45 -11.32 -38.11
C ASN A 272 -6.25 -12.49 -38.68
N LEU A 273 -6.73 -13.38 -37.84
CA LEU A 273 -7.65 -14.42 -38.33
C LEU A 273 -9.12 -14.07 -38.33
N GLU A 274 -9.79 -14.46 -39.41
CA GLU A 274 -11.24 -14.20 -39.56
C GLU A 274 -12.01 -14.83 -38.43
N GLY A 275 -12.88 -14.04 -37.74
CA GLY A 275 -13.67 -14.60 -36.64
C GLY A 275 -13.08 -14.62 -35.25
N VAL A 276 -11.81 -14.24 -35.13
CA VAL A 276 -11.06 -14.25 -33.86
C VAL A 276 -10.82 -12.79 -33.45
N TYR A 277 -11.22 -12.46 -32.22
CA TYR A 277 -11.08 -11.16 -31.58
C TYR A 277 -10.21 -11.32 -30.38
N ALA A 278 -9.49 -10.28 -29.96
CA ALA A 278 -8.99 -10.27 -28.59
C ALA A 278 -9.40 -9.08 -27.71
N ALA A 279 -9.48 -9.32 -26.42
CA ALA A 279 -9.94 -8.27 -25.55
C ALA A 279 -9.22 -8.30 -24.18
N GLY A 280 -8.97 -7.11 -23.60
CA GLY A 280 -8.37 -6.95 -22.28
C GLY A 280 -6.87 -7.05 -22.25
N ASP A 281 -6.31 -7.66 -21.23
CA ASP A 281 -4.86 -7.56 -21.03
C ASP A 281 -4.05 -8.40 -21.99
N VAL A 282 -4.62 -9.22 -22.83
CA VAL A 282 -3.79 -9.90 -23.74
C VAL A 282 -3.70 -9.06 -25.01
N ALA A 283 -4.28 -7.88 -25.01
CA ALA A 283 -4.37 -7.14 -26.26
C ALA A 283 -3.76 -5.76 -26.25
N GLU A 284 -3.11 -5.45 -27.37
CA GLU A 284 -2.68 -4.08 -27.70
C GLU A 284 -3.84 -3.14 -27.93
N SER A 285 -3.55 -1.87 -27.72
CA SER A 285 -4.47 -0.77 -27.96
C SER A 285 -3.68 0.36 -28.64
N PHE A 286 -4.39 1.15 -29.41
CA PHE A 286 -3.76 2.21 -30.08
C PHE A 286 -3.54 3.38 -29.11
N HIS A 287 -2.31 3.77 -28.93
CA HIS A 287 -2.08 4.92 -28.10
C HIS A 287 -2.24 6.17 -28.93
N ARG A 288 -2.99 7.15 -28.44
CA ARG A 288 -3.38 8.26 -29.35
C ARG A 288 -2.37 9.41 -29.48
N VAL A 289 -1.42 9.43 -28.56
CA VAL A 289 -0.47 10.50 -28.44
C VAL A 289 0.69 9.99 -29.10
N LEU A 290 1.06 8.74 -28.83
CA LEU A 290 2.18 8.12 -29.58
C LEU A 290 1.91 7.79 -31.06
N LYS A 291 0.64 7.78 -31.42
CA LYS A 291 0.22 7.36 -32.77
C LYS A 291 0.65 5.96 -33.24
N ARG A 292 0.59 5.02 -32.31
CA ARG A 292 0.89 3.64 -32.56
C ARG A 292 0.28 2.67 -31.54
N PRO A 293 0.38 1.38 -31.79
CA PRO A 293 -0.04 0.43 -30.74
C PRO A 293 0.83 0.36 -29.49
N TYR A 294 0.21 -0.11 -28.44
CA TYR A 294 0.69 0.13 -27.11
C TYR A 294 0.13 -0.94 -26.15
N TRP A 295 0.82 -1.41 -25.14
CA TRP A 295 0.07 -2.27 -24.27
C TRP A 295 -0.40 -1.43 -23.03
N LEU A 296 -1.71 -1.34 -22.78
CA LEU A 296 -2.14 -0.68 -21.60
C LEU A 296 -3.04 -1.56 -20.75
N PRO A 297 -2.49 -2.59 -20.01
CA PRO A 297 -3.29 -3.54 -19.28
C PRO A 297 -4.01 -3.04 -18.05
N LEU A 298 -4.94 -2.12 -18.30
CA LEU A 298 -5.91 -1.60 -17.29
C LEU A 298 -7.34 -2.14 -17.47
N GLY A 299 -8.14 -2.03 -16.41
CA GLY A 299 -9.33 -2.81 -16.30
C GLY A 299 -10.43 -2.12 -16.98
N ASP A 300 -10.35 -0.81 -16.98
CA ASP A 300 -11.36 -0.03 -17.78
C ASP A 300 -11.09 -0.23 -19.25
N VAL A 301 -9.82 -0.30 -19.66
CA VAL A 301 -9.59 -0.61 -21.07
C VAL A 301 -10.03 -2.02 -21.43
N ALA A 302 -9.93 -2.97 -20.49
CA ALA A 302 -10.43 -4.34 -20.76
C ALA A 302 -11.97 -4.35 -21.03
N ASN A 303 -12.72 -3.69 -20.16
CA ASN A 303 -14.14 -3.51 -20.36
C ASN A 303 -14.51 -2.81 -21.73
N LYS A 304 -13.73 -1.83 -22.16
CA LYS A 304 -14.03 -1.16 -23.40
C LYS A 304 -13.61 -2.13 -24.48
N HIS A 305 -12.45 -2.82 -24.43
CA HIS A 305 -12.19 -3.87 -25.47
C HIS A 305 -13.36 -4.84 -25.55
N GLY A 306 -13.70 -5.46 -24.38
CA GLY A 306 -14.64 -6.54 -24.32
C GLY A 306 -15.96 -6.08 -24.91
N ARG A 307 -16.47 -4.99 -24.41
CA ARG A 307 -17.70 -4.48 -24.94
C ARG A 307 -17.66 -4.17 -26.44
N THR A 308 -16.53 -3.80 -27.04
CA THR A 308 -16.52 -3.54 -28.45
C THR A 308 -16.65 -4.88 -29.18
N ALA A 309 -15.88 -5.87 -28.79
CA ALA A 309 -15.90 -7.18 -29.49
C ALA A 309 -17.30 -7.77 -29.46
N GLY A 310 -17.86 -7.67 -28.25
CA GLY A 310 -19.21 -8.14 -27.96
C GLY A 310 -20.23 -7.56 -28.94
N SER A 311 -20.46 -6.25 -28.86
CA SER A 311 -21.22 -5.49 -29.84
C SER A 311 -20.87 -5.89 -31.26
N VAL A 312 -19.60 -6.04 -31.63
CA VAL A 312 -19.33 -6.26 -33.05
C VAL A 312 -19.85 -7.57 -33.52
N ILE A 313 -19.68 -8.58 -32.70
CA ILE A 313 -20.18 -9.96 -32.93
C ILE A 313 -21.73 -10.03 -33.03
N ALA A 314 -22.43 -9.28 -32.15
CA ALA A 314 -23.86 -9.27 -32.12
C ALA A 314 -24.42 -8.50 -33.33
N GLY A 315 -23.52 -8.06 -34.21
CA GLY A 315 -23.80 -7.29 -35.42
C GLY A 315 -24.13 -5.82 -35.27
N ARG A 316 -23.94 -5.27 -34.10
CA ARG A 316 -23.90 -3.85 -33.91
C ARG A 316 -22.63 -3.20 -34.44
N GLU A 317 -22.74 -1.89 -34.65
CA GLU A 317 -21.68 -1.02 -35.12
C GLU A 317 -20.98 -0.54 -33.87
N ALA A 318 -19.66 -0.77 -33.74
CA ALA A 318 -18.96 -0.42 -32.54
C ALA A 318 -17.50 -0.43 -32.95
N ARG A 319 -16.81 0.66 -32.58
CA ARG A 319 -15.33 0.80 -32.76
C ARG A 319 -14.59 1.12 -31.49
N PHE A 320 -13.39 0.60 -31.29
CA PHE A 320 -12.58 1.02 -30.15
C PHE A 320 -11.47 1.94 -30.66
N LEU A 321 -11.34 3.10 -30.03
CA LEU A 321 -10.65 4.13 -30.69
C LEU A 321 -9.39 4.58 -30.08
N GLY A 322 -8.99 3.89 -29.01
CA GLY A 322 -7.66 4.00 -28.45
C GLY A 322 -7.55 4.68 -27.11
N VAL A 323 -6.34 4.72 -26.58
CA VAL A 323 -6.11 5.22 -25.26
C VAL A 323 -5.12 6.36 -25.30
N VAL A 324 -4.94 6.98 -24.16
CA VAL A 324 -4.11 8.13 -24.05
C VAL A 324 -3.21 7.80 -22.85
N GLY A 325 -3.53 6.69 -22.17
CA GLY A 325 -2.78 6.16 -21.06
C GLY A 325 -3.18 6.55 -19.64
N THR A 326 -4.38 7.09 -19.41
CA THR A 326 -4.79 7.60 -18.06
C THR A 326 -4.87 6.51 -17.02
N ALA A 327 -4.15 6.64 -15.90
CA ALA A 327 -4.29 5.79 -14.69
C ALA A 327 -4.45 6.56 -13.36
N ILE A 328 -5.07 5.97 -12.39
CA ILE A 328 -5.08 6.56 -11.08
C ILE A 328 -4.92 5.42 -10.04
N PHE A 329 -4.24 5.70 -8.95
CA PHE A 329 -4.22 4.73 -7.86
C PHE A 329 -4.21 5.40 -6.45
N LYS A 330 -4.43 4.61 -5.41
CA LYS A 330 -4.44 5.18 -4.07
C LYS A 330 -3.36 4.51 -3.26
N ALA A 331 -2.49 5.38 -2.69
CA ALA A 331 -1.43 4.93 -1.79
C ALA A 331 -1.41 5.72 -0.53
N PHE A 332 -1.94 5.11 0.50
CA PHE A 332 -2.10 5.92 1.71
C PHE A 332 -2.92 7.19 1.50
N ASP A 333 -2.36 8.33 1.84
CA ASP A 333 -3.16 9.57 1.77
C ASP A 333 -2.89 10.33 0.44
N LEU A 334 -2.34 9.65 -0.53
CA LEU A 334 -2.22 10.27 -1.83
C LEU A 334 -3.09 9.53 -2.80
N ALA A 335 -3.76 10.32 -3.67
CA ALA A 335 -4.31 9.85 -4.92
C ALA A 335 -3.36 10.34 -6.09
N VAL A 336 -2.87 9.36 -6.88
CA VAL A 336 -1.86 9.60 -7.90
C VAL A 336 -2.31 9.32 -9.30
N ALA A 337 -2.46 10.39 -10.08
CA ALA A 337 -3.03 10.24 -11.38
C ALA A 337 -2.09 10.67 -12.45
N THR A 338 -1.85 9.76 -13.40
CA THR A 338 -1.07 10.05 -14.62
C THR A 338 -1.81 9.89 -15.98
N THR A 339 -1.33 10.58 -17.00
CA THR A 339 -1.84 10.42 -18.33
C THR A 339 -0.83 10.89 -19.40
N GLY A 340 -0.91 10.26 -20.57
CA GLY A 340 -0.05 10.62 -21.68
C GLY A 340 1.34 10.13 -21.39
N LEU A 341 2.33 10.99 -21.67
CA LEU A 341 3.71 10.69 -21.50
C LEU A 341 4.28 11.61 -20.46
N SER A 342 5.28 11.04 -19.78
CA SER A 342 6.06 11.72 -18.79
C SER A 342 7.08 12.48 -19.65
N LEU A 343 7.76 13.47 -19.03
CA LEU A 343 8.73 14.18 -19.72
C LEU A 343 9.80 13.23 -20.26
N GLU A 344 10.20 12.20 -19.48
CA GLU A 344 11.32 11.35 -19.94
C GLU A 344 10.82 10.69 -21.20
N GLY A 345 9.65 10.08 -21.12
CA GLY A 345 9.10 9.37 -22.23
C GLY A 345 8.92 10.28 -23.42
N ALA A 346 8.52 11.49 -23.17
CA ALA A 346 8.25 12.41 -24.26
C ALA A 346 9.54 12.60 -24.99
N LEU A 347 10.65 12.68 -24.21
CA LEU A 347 11.99 12.96 -24.73
C LEU A 347 12.55 11.83 -25.51
N LYS A 348 12.31 10.63 -25.01
CA LYS A 348 12.77 9.38 -25.60
C LYS A 348 12.13 9.22 -26.93
N GLU A 349 10.90 9.63 -27.06
CA GLU A 349 10.21 9.69 -28.37
C GLU A 349 10.63 10.79 -29.32
N GLY A 350 11.61 11.57 -28.92
CA GLY A 350 11.97 12.70 -29.74
C GLY A 350 11.29 14.04 -29.67
N PHE A 351 10.46 14.30 -28.68
CA PHE A 351 9.86 15.59 -28.76
C PHE A 351 10.79 16.59 -28.17
N TRP A 352 10.60 17.83 -28.57
CA TRP A 352 11.23 18.86 -27.80
C TRP A 352 10.27 19.23 -26.70
N ALA A 353 10.41 18.56 -25.55
CA ALA A 353 9.39 18.56 -24.48
C ALA A 353 9.89 19.33 -23.29
N LYS A 354 8.95 19.94 -22.59
CA LYS A 354 9.23 20.66 -21.37
C LYS A 354 8.18 20.19 -20.34
N LYS A 355 8.48 20.41 -19.05
CA LYS A 355 7.49 20.05 -18.02
C LYS A 355 7.28 21.20 -17.08
N VAL A 356 6.07 21.34 -16.56
CA VAL A 356 5.91 22.29 -15.44
C VAL A 356 5.45 21.48 -14.24
N PHE A 357 5.69 21.87 -13.00
CA PHE A 357 5.16 21.06 -11.85
C PHE A 357 4.88 22.03 -10.74
N ILE A 358 3.66 22.07 -10.24
CA ILE A 358 3.24 23.15 -9.37
C ILE A 358 2.57 22.52 -8.21
N GLN A 359 2.56 23.27 -7.11
CA GLN A 359 1.77 22.78 -6.00
C GLN A 359 0.76 23.76 -5.52
N SER A 360 -0.52 23.35 -5.62
CA SER A 360 -1.63 24.18 -5.20
C SER A 360 -2.38 23.49 -4.05
N ARG A 361 -3.64 23.82 -3.89
CA ARG A 361 -4.46 23.35 -2.82
C ARG A 361 -5.65 22.68 -3.51
N ASP A 362 -6.67 22.30 -2.75
CA ASP A 362 -7.78 21.51 -3.16
C ASP A 362 -8.98 22.20 -2.65
N GLY A 363 -8.92 23.52 -2.69
CA GLY A 363 -9.88 24.27 -1.95
C GLY A 363 -9.14 25.46 -1.49
N ALA A 364 -9.94 26.50 -1.26
CA ALA A 364 -9.51 27.84 -0.82
C ALA A 364 -8.43 27.65 0.26
N HIS A 365 -7.34 28.43 0.15
CA HIS A 365 -6.48 28.71 1.33
C HIS A 365 -7.24 28.73 2.71
N TYR A 366 -8.34 29.50 2.79
CA TYR A 366 -9.10 29.64 4.04
C TYR A 366 -10.03 28.46 4.43
N TYR A 367 -10.29 27.55 3.47
CA TYR A 367 -11.25 26.46 3.68
C TYR A 367 -10.75 25.38 4.59
N PRO A 368 -11.56 24.97 5.56
CA PRO A 368 -11.18 24.01 6.58
C PRO A 368 -11.01 22.71 5.92
N GLY A 369 -9.78 22.25 5.96
CA GLY A 369 -9.53 20.91 5.55
C GLY A 369 -8.77 20.81 4.25
N SER A 370 -8.60 21.94 3.56
CA SER A 370 -8.21 21.94 2.16
C SER A 370 -6.79 21.45 2.19
N GLY A 371 -6.49 20.58 1.21
CA GLY A 371 -5.24 19.86 1.20
C GLY A 371 -4.30 20.32 0.11
N PRO A 372 -3.12 19.69 0.01
CA PRO A 372 -2.30 20.06 -1.14
C PRO A 372 -2.83 19.32 -2.37
N LEU A 373 -2.50 19.93 -3.47
CA LEU A 373 -2.81 19.38 -4.80
C LEU A 373 -1.70 19.73 -5.80
N TRP A 374 -1.00 18.71 -6.34
CA TRP A 374 0.03 18.95 -7.37
C TRP A 374 -0.48 18.66 -8.74
N VAL A 375 0.00 19.46 -9.70
CA VAL A 375 -0.29 19.11 -11.06
C VAL A 375 1.00 19.22 -11.88
N GLU A 376 1.25 18.23 -12.73
CA GLU A 376 2.33 18.24 -13.66
C GLU A 376 1.81 18.28 -15.08
N LEU A 377 2.30 19.18 -15.95
CA LEU A 377 1.99 19.23 -17.38
C LEU A 377 3.26 18.89 -18.12
N VAL A 378 3.17 17.99 -19.07
CA VAL A 378 4.29 17.73 -20.02
C VAL A 378 3.85 18.20 -21.45
N TYR A 379 4.58 19.18 -21.98
CA TYR A 379 4.17 19.77 -23.31
C TYR A 379 5.32 19.87 -24.33
N GLU A 380 4.91 20.17 -25.57
CA GLU A 380 5.81 20.32 -26.72
C GLU A 380 6.19 21.75 -26.81
N GLU A 381 7.51 22.00 -26.89
CA GLU A 381 8.10 23.32 -26.81
C GLU A 381 7.39 24.42 -27.61
N GLY A 382 7.33 24.24 -28.93
CA GLY A 382 6.85 25.29 -29.76
C GLY A 382 5.37 25.32 -29.84
N THR A 383 4.84 24.21 -30.33
CA THR A 383 3.42 24.06 -30.57
C THR A 383 2.48 24.34 -29.35
N GLY A 384 2.97 24.09 -28.16
CA GLY A 384 2.15 24.03 -26.98
C GLY A 384 1.44 22.70 -26.74
N ARG A 385 1.64 21.73 -27.65
CA ARG A 385 0.85 20.51 -27.56
C ARG A 385 1.01 19.80 -26.23
N LEU A 386 -0.10 19.40 -25.66
CA LEU A 386 -0.09 18.58 -24.45
C LEU A 386 0.45 17.20 -24.75
N LEU A 387 1.24 16.64 -23.86
CA LEU A 387 1.79 15.29 -24.14
C LEU A 387 1.50 14.29 -22.99
N GLY A 388 1.19 14.86 -21.80
CA GLY A 388 0.99 14.06 -20.59
C GLY A 388 0.84 15.02 -19.45
N GLY A 389 0.69 14.45 -18.27
CA GLY A 389 0.25 15.21 -17.11
C GLY A 389 0.11 14.26 -15.92
N ALA A 390 0.29 14.82 -14.75
CA ALA A 390 -0.02 14.08 -13.56
C ALA A 390 -0.87 15.01 -12.62
N VAL A 391 -1.87 14.52 -11.97
CA VAL A 391 -2.23 15.24 -10.77
C VAL A 391 -2.15 14.34 -9.52
N VAL A 392 -1.56 14.88 -8.47
CA VAL A 392 -1.73 14.25 -7.19
C VAL A 392 -2.45 15.11 -6.07
N ALA A 393 -3.39 14.42 -5.41
CA ALA A 393 -4.26 15.01 -4.37
C ALA A 393 -4.48 13.94 -3.29
N ARG A 394 -5.11 14.34 -2.16
CA ARG A 394 -5.62 13.35 -1.19
C ARG A 394 -6.96 12.94 -1.82
N GLY A 395 -7.63 13.91 -2.42
CA GLY A 395 -8.88 13.75 -3.15
C GLY A 395 -9.42 12.55 -3.94
N HIS A 396 -10.60 12.12 -3.45
CA HIS A 396 -11.54 10.94 -3.72
C HIS A 396 -12.55 11.24 -4.85
N GLY A 397 -12.30 12.53 -5.26
CA GLY A 397 -11.56 13.02 -6.44
C GLY A 397 -10.46 14.14 -6.57
N ALA A 398 -9.95 14.15 -7.79
CA ALA A 398 -8.81 14.93 -8.43
C ALA A 398 -7.81 13.81 -9.01
N LEU A 399 -7.86 13.55 -10.37
CA LEU A 399 -9.20 13.15 -11.06
C LEU A 399 -9.67 14.37 -11.96
N ARG A 400 -9.25 15.59 -11.54
CA ARG A 400 -8.91 16.62 -12.47
C ARG A 400 -8.15 15.97 -13.72
N ILE A 401 -7.40 14.87 -13.52
CA ILE A 401 -6.63 14.20 -14.61
C ILE A 401 -7.52 13.97 -15.80
N ASP A 402 -8.81 13.83 -15.56
CA ASP A 402 -9.74 13.51 -16.64
C ASP A 402 -9.81 14.61 -17.70
N VAL A 403 -9.56 15.85 -17.31
CA VAL A 403 -9.64 16.99 -18.15
C VAL A 403 -8.47 16.86 -19.04
N LEU A 404 -7.33 16.52 -18.50
CA LEU A 404 -6.17 16.37 -19.39
C LEU A 404 -6.33 15.23 -20.43
N ALA A 405 -6.85 14.10 -19.98
CA ALA A 405 -7.10 12.98 -20.83
C ALA A 405 -7.98 13.50 -21.95
N ALA A 406 -8.94 14.34 -21.63
CA ALA A 406 -9.88 14.87 -22.63
C ALA A 406 -9.18 15.68 -23.77
N LEU A 407 -8.25 16.52 -23.35
CA LEU A 407 -7.54 17.37 -24.20
C LEU A 407 -6.54 16.65 -25.08
N LEU A 408 -5.82 15.70 -24.49
CA LEU A 408 -4.90 14.80 -25.13
C LEU A 408 -5.56 14.03 -26.25
N HIS A 409 -6.85 13.85 -26.12
CA HIS A 409 -7.62 13.05 -27.02
C HIS A 409 -7.77 13.60 -28.37
N ARG A 410 -8.19 14.88 -28.49
CA ARG A 410 -7.98 15.74 -29.71
C ARG A 410 -6.46 16.24 -29.76
N GLU A 411 -6.06 17.29 -30.40
CA GLU A 411 -4.61 17.59 -30.10
C GLU A 411 -4.41 18.27 -28.84
N GLY A 412 -4.99 19.44 -28.67
CA GLY A 412 -5.08 19.99 -27.33
C GLY A 412 -3.75 20.58 -26.83
N SER A 413 -3.72 21.90 -26.65
CA SER A 413 -2.47 22.59 -26.27
C SER A 413 -2.61 23.07 -24.86
N VAL A 414 -1.49 23.53 -24.32
CA VAL A 414 -1.57 24.38 -23.13
C VAL A 414 -2.53 25.62 -23.22
N GLU A 415 -2.59 26.20 -24.42
CA GLU A 415 -3.47 27.31 -24.75
C GLU A 415 -4.92 26.97 -24.54
N ASP A 416 -5.27 25.82 -25.09
CA ASP A 416 -6.61 25.25 -24.94
C ASP A 416 -6.94 25.06 -23.50
N LEU A 417 -5.99 24.48 -22.75
CA LEU A 417 -6.21 24.29 -21.35
C LEU A 417 -6.47 25.61 -20.61
N LEU A 418 -5.65 26.63 -20.82
CA LEU A 418 -5.93 28.01 -20.35
C LEU A 418 -7.33 28.62 -20.62
N ALA A 419 -7.87 28.31 -21.79
CA ALA A 419 -9.14 28.81 -22.13
C ALA A 419 -10.36 28.20 -21.45
N LEU A 420 -10.22 27.00 -20.84
CA LEU A 420 -11.26 26.17 -20.22
C LEU A 420 -11.90 26.84 -19.05
N ASP A 421 -13.22 26.89 -19.06
CA ASP A 421 -14.07 27.46 -17.99
C ASP A 421 -14.38 26.38 -16.83
N LEU A 422 -13.40 26.14 -15.95
CA LEU A 422 -13.58 25.11 -14.94
C LEU A 422 -14.35 25.65 -13.72
N ALA A 423 -14.61 24.73 -12.78
CA ALA A 423 -15.56 24.98 -11.74
C ALA A 423 -14.84 25.51 -10.53
N TYR A 424 -15.38 26.62 -10.02
CA TYR A 424 -14.88 27.21 -8.81
C TYR A 424 -15.88 27.20 -7.66
N ALA A 425 -15.36 26.86 -6.48
CA ALA A 425 -16.05 27.08 -5.19
C ALA A 425 -15.10 26.68 -4.01
N PRO A 426 -15.11 27.46 -2.96
CA PRO A 426 -14.03 27.33 -1.98
C PRO A 426 -13.81 25.89 -1.45
N PRO A 427 -14.87 25.06 -1.31
CA PRO A 427 -14.65 23.73 -0.80
C PRO A 427 -13.81 22.80 -1.74
N PHE A 428 -13.67 23.18 -3.04
CA PHE A 428 -13.21 22.25 -4.11
C PHE A 428 -11.95 22.60 -4.86
N SER A 429 -11.74 23.87 -4.98
CA SER A 429 -10.67 24.38 -5.79
C SER A 429 -10.38 25.78 -5.23
N PRO A 430 -9.10 26.19 -5.15
CA PRO A 430 -8.79 27.65 -5.20
C PRO A 430 -9.41 28.40 -6.43
N VAL A 431 -9.32 29.71 -6.45
CA VAL A 431 -10.12 30.42 -7.48
C VAL A 431 -9.55 30.26 -8.90
N TRP A 432 -8.25 30.18 -9.00
CA TRP A 432 -7.62 29.56 -10.16
C TRP A 432 -7.53 28.01 -9.98
N ASP A 433 -8.08 27.21 -10.92
CA ASP A 433 -7.96 25.77 -10.75
C ASP A 433 -6.51 25.43 -10.88
N PRO A 434 -6.04 24.51 -10.01
CA PRO A 434 -4.66 24.08 -10.17
C PRO A 434 -4.23 23.66 -11.64
N LEU A 435 -5.06 22.97 -12.44
CA LEU A 435 -4.78 22.87 -13.83
C LEU A 435 -4.51 24.27 -14.55
N LEU A 436 -5.39 25.28 -14.33
CA LEU A 436 -5.11 26.60 -14.92
C LEU A 436 -3.78 27.20 -14.42
N ILE A 437 -3.47 27.01 -13.12
CA ILE A 437 -2.29 27.72 -12.63
C ILE A 437 -1.12 27.07 -13.38
N ALA A 438 -0.97 25.76 -13.32
CA ALA A 438 0.05 25.03 -14.09
C ALA A 438 0.11 25.43 -15.53
N ALA A 439 -1.00 25.63 -16.20
CA ALA A 439 -0.97 26.19 -17.61
C ALA A 439 -0.24 27.51 -17.86
N GLN A 440 0.73 27.38 -18.77
CA GLN A 440 1.89 28.29 -19.08
C GLN A 440 2.68 28.77 -17.72
N GLN A 441 2.02 29.92 -17.27
CA GLN A 441 1.39 30.20 -16.00
C GLN A 441 2.34 29.40 -15.03
N ALA A 442 2.88 30.19 -14.01
CA ALA A 442 4.01 29.87 -13.08
C ALA A 442 4.78 28.57 -13.46
N ARG A 443 5.95 28.34 -12.83
CA ARG A 443 6.96 27.31 -13.30
C ARG A 443 7.23 26.06 -12.39
N MET B 1 5.96 52.39 -22.24
CA MET B 1 5.78 53.52 -21.32
C MET B 1 5.71 53.17 -19.76
N GLY B 2 5.34 54.20 -18.95
CA GLY B 2 5.20 54.24 -17.47
C GLY B 2 4.06 55.12 -16.88
N LYS B 3 2.81 54.84 -17.31
CA LYS B 3 1.68 55.69 -17.04
C LYS B 3 0.82 55.22 -15.83
N ARG B 4 -0.38 55.75 -15.68
CA ARG B 4 -1.10 55.57 -14.47
C ARG B 4 -2.41 54.83 -14.73
N MET B 5 -2.46 53.70 -14.01
CA MET B 5 -3.62 52.81 -14.05
C MET B 5 -4.45 53.01 -12.75
N VAL B 6 -5.72 53.36 -12.92
CA VAL B 6 -6.63 53.55 -11.85
C VAL B 6 -7.74 52.49 -11.86
N VAL B 7 -7.84 51.74 -10.78
CA VAL B 7 -8.90 50.70 -10.64
C VAL B 7 -10.05 51.12 -9.66
N VAL B 8 -11.23 51.39 -10.19
CA VAL B 8 -12.42 51.60 -9.41
C VAL B 8 -13.02 50.24 -8.94
N GLY B 9 -12.79 49.85 -7.68
CA GLY B 9 -13.32 48.64 -7.13
C GLY B 9 -12.18 47.70 -6.92
N GLY B 10 -12.18 46.95 -5.83
CA GLY B 10 -10.94 46.30 -5.47
C GLY B 10 -11.27 44.99 -4.88
N VAL B 11 -12.42 44.46 -5.29
CA VAL B 11 -12.76 43.19 -4.72
C VAL B 11 -12.15 41.96 -5.43
N ALA B 12 -12.48 41.66 -6.67
CA ALA B 12 -11.88 40.47 -7.24
C ALA B 12 -11.33 40.78 -8.62
N GLY B 13 -12.21 41.10 -9.59
CA GLY B 13 -11.81 41.72 -10.83
C GLY B 13 -10.73 42.84 -10.68
N GLY B 14 -11.05 43.82 -9.81
CA GLY B 14 -10.19 44.95 -9.61
C GLY B 14 -8.88 44.49 -9.05
N ALA B 15 -8.93 43.64 -8.03
CA ALA B 15 -7.67 43.31 -7.41
C ALA B 15 -6.75 42.56 -8.38
N SER B 16 -7.30 41.62 -9.16
CA SER B 16 -6.52 40.84 -10.12
C SER B 16 -5.81 41.66 -11.10
N ALA B 17 -6.52 42.69 -11.61
CA ALA B 17 -5.99 43.66 -12.60
C ALA B 17 -4.74 44.39 -12.05
N ALA B 18 -4.98 45.12 -10.97
CA ALA B 18 -3.95 45.79 -10.30
C ALA B 18 -2.74 44.85 -10.08
N ALA B 19 -2.94 43.65 -9.55
CA ALA B 19 -1.81 42.82 -9.16
C ALA B 19 -1.05 42.33 -10.40
N LYS B 20 -1.80 41.86 -11.40
CA LYS B 20 -1.15 41.43 -12.67
C LYS B 20 -0.44 42.56 -13.44
N ALA B 21 -1.03 43.74 -13.49
CA ALA B 21 -0.39 44.81 -14.23
C ALA B 21 0.86 45.21 -13.57
N LYS B 22 0.85 45.39 -12.27
CA LYS B 22 2.06 45.86 -11.60
C LYS B 22 3.24 44.89 -11.74
N ARG B 23 2.90 43.60 -11.78
CA ARG B 23 3.91 42.53 -11.88
C ARG B 23 4.44 42.53 -13.24
N GLU B 24 3.55 42.77 -14.21
CA GLU B 24 3.86 42.53 -15.60
C GLU B 24 4.56 43.71 -16.18
N ASN B 25 4.27 44.87 -15.61
CA ASN B 25 5.02 46.11 -15.90
C ASN B 25 5.24 47.01 -14.69
N PRO B 26 6.39 46.89 -14.01
CA PRO B 26 6.47 47.59 -12.71
C PRO B 26 6.53 49.13 -12.81
N GLU B 27 6.81 49.67 -14.01
CA GLU B 27 6.75 51.07 -14.36
C GLU B 27 5.41 51.71 -14.22
N LEU B 28 4.37 50.94 -14.10
CA LEU B 28 3.06 51.53 -13.95
C LEU B 28 2.91 52.10 -12.59
N GLU B 29 2.30 53.27 -12.50
CA GLU B 29 1.71 53.68 -11.24
C GLU B 29 0.36 52.96 -11.12
N VAL B 30 0.28 52.03 -10.13
CA VAL B 30 -1.02 51.35 -9.91
C VAL B 30 -1.75 51.79 -8.65
N VAL B 31 -2.95 52.38 -8.78
CA VAL B 31 -3.76 52.80 -7.60
C VAL B 31 -5.16 52.19 -7.64
N VAL B 32 -5.55 51.50 -6.56
CA VAL B 32 -6.95 50.98 -6.41
C VAL B 32 -7.91 51.84 -5.51
N TYR B 33 -9.07 52.32 -5.98
CA TYR B 33 -10.01 52.99 -5.05
C TYR B 33 -11.18 52.12 -4.75
N GLU B 34 -11.18 51.56 -3.55
CA GLU B 34 -12.30 50.70 -3.11
C GLU B 34 -13.33 51.46 -2.21
N LYS B 35 -14.64 51.45 -2.51
CA LYS B 35 -15.53 52.13 -1.53
C LYS B 35 -15.80 51.46 -0.15
N SER B 36 -15.67 50.14 -0.14
CA SER B 36 -16.12 49.33 0.94
C SER B 36 -15.08 49.18 2.04
N GLY B 37 -13.93 49.79 1.99
CA GLY B 37 -13.22 49.48 3.24
C GLY B 37 -12.76 48.02 3.48
N TRP B 38 -13.22 47.09 2.65
CA TRP B 38 -12.31 46.01 2.44
C TRP B 38 -11.91 45.72 0.99
N VAL B 39 -10.75 45.06 0.83
CA VAL B 39 -10.24 44.85 -0.51
C VAL B 39 -9.72 43.38 -0.64
N SER B 40 -9.91 42.75 -1.83
CA SER B 40 -9.28 41.47 -2.06
C SER B 40 -9.65 40.34 -1.05
N TYR B 41 -10.93 40.05 -0.96
CA TYR B 41 -11.41 39.04 -0.06
C TYR B 41 -12.42 38.12 -0.79
N GLY B 42 -12.65 36.97 -0.23
CA GLY B 42 -13.42 35.94 -0.88
C GLY B 42 -14.86 35.90 -0.41
N ALA B 43 -15.75 36.62 -1.10
CA ALA B 43 -17.15 36.58 -0.76
C ALA B 43 -17.71 35.12 -0.70
N CYS B 44 -17.18 34.28 -1.57
CA CYS B 44 -17.58 32.88 -1.68
C CYS B 44 -17.41 32.11 -0.38
N GLY B 45 -16.40 32.49 0.42
CA GLY B 45 -16.16 32.02 1.76
C GLY B 45 -17.15 32.48 2.86
N LEU B 46 -17.99 33.49 2.58
CA LEU B 46 -18.79 34.08 3.66
C LEU B 46 -19.69 33.10 4.46
N PRO B 47 -20.43 32.24 3.77
CA PRO B 47 -21.18 31.18 4.46
C PRO B 47 -20.31 30.27 5.39
N TYR B 48 -19.04 30.09 5.16
CA TYR B 48 -18.26 29.20 6.03
C TYR B 48 -17.73 29.95 7.26
N VAL B 49 -17.94 31.24 7.21
CA VAL B 49 -17.60 31.99 8.39
C VAL B 49 -18.83 32.12 9.29
N LEU B 50 -19.95 32.35 8.60
CA LEU B 50 -21.30 32.34 9.11
C LEU B 50 -21.55 31.09 9.93
N SER B 51 -21.23 29.97 9.33
CA SER B 51 -21.47 28.69 9.93
C SER B 51 -20.58 28.38 11.13
N GLY B 52 -19.50 29.12 11.33
CA GLY B 52 -18.57 28.79 12.38
C GLY B 52 -17.36 28.02 11.92
N GLU B 53 -17.45 27.33 10.78
CA GLU B 53 -16.32 26.49 10.31
C GLU B 53 -15.01 27.25 10.12
N ILE B 54 -15.08 28.42 9.50
CA ILE B 54 -13.99 29.39 9.55
C ILE B 54 -14.13 30.45 10.69
N PRO B 55 -13.23 30.35 11.67
CA PRO B 55 -13.24 31.07 12.96
C PRO B 55 -13.42 32.59 12.86
N ARG B 56 -12.49 33.29 12.21
CA ARG B 56 -12.55 34.76 12.09
C ARG B 56 -12.80 35.21 10.65
N LEU B 57 -13.51 36.31 10.46
CA LEU B 57 -13.80 36.87 9.12
C LEU B 57 -12.56 37.31 8.24
N GLU B 58 -11.44 37.61 8.90
CA GLU B 58 -10.26 38.13 8.19
C GLU B 58 -9.56 36.98 7.43
N ARG B 59 -9.75 35.76 7.93
CA ARG B 59 -9.22 34.61 7.25
C ARG B 59 -9.58 34.57 5.70
N LEU B 60 -10.72 35.14 5.31
CA LEU B 60 -11.12 35.36 3.89
C LEU B 60 -10.32 36.41 2.95
N VAL B 61 -9.34 37.13 3.45
CA VAL B 61 -8.80 38.14 2.56
C VAL B 61 -7.56 37.48 2.02
N ALA B 62 -7.19 37.82 0.79
CA ALA B 62 -6.07 37.20 0.13
C ALA B 62 -4.78 38.06 0.19
N ARG B 63 -4.98 39.36 0.24
CA ARG B 63 -3.85 40.28 0.25
C ARG B 63 -4.31 41.52 1.02
N THR B 64 -3.47 41.94 1.96
CA THR B 64 -3.78 43.18 2.69
C THR B 64 -3.24 44.44 2.00
N PRO B 65 -3.84 45.60 2.32
CA PRO B 65 -3.43 46.83 1.65
C PRO B 65 -1.95 47.07 1.90
N GLU B 66 -1.53 46.48 3.00
CA GLU B 66 -0.13 46.55 3.34
C GLU B 66 0.72 45.70 2.43
N GLU B 67 0.25 44.53 2.11
CA GLU B 67 1.11 43.67 1.34
C GLU B 67 1.16 44.18 -0.06
N PHE B 68 0.02 44.69 -0.52
CA PHE B 68 -0.05 45.40 -1.78
C PHE B 68 0.98 46.52 -1.81
N ARG B 69 0.90 47.45 -0.83
CA ARG B 69 1.89 48.50 -0.75
C ARG B 69 3.32 47.94 -0.95
N LYS B 70 3.75 47.00 -0.13
CA LYS B 70 5.04 46.33 -0.41
C LYS B 70 5.25 45.89 -1.89
N GLN B 71 4.18 45.67 -2.63
CA GLN B 71 4.35 45.14 -3.97
C GLN B 71 4.12 46.19 -5.05
N GLY B 72 4.04 47.48 -4.67
CA GLY B 72 3.98 48.59 -5.61
C GLY B 72 2.57 49.07 -5.91
N VAL B 73 1.61 48.57 -5.11
CA VAL B 73 0.22 48.86 -5.38
C VAL B 73 -0.47 49.62 -4.27
N LEU B 74 -0.98 50.76 -4.67
CA LEU B 74 -1.59 51.65 -3.72
C LEU B 74 -3.07 51.50 -3.65
N VAL B 75 -3.55 50.96 -2.55
CA VAL B 75 -4.99 50.75 -2.40
C VAL B 75 -5.66 51.69 -1.32
N HIS B 76 -6.80 52.24 -1.65
CA HIS B 76 -7.52 53.11 -0.75
C HIS B 76 -8.90 52.60 -0.56
N THR B 77 -9.13 52.12 0.66
CA THR B 77 -10.49 51.70 1.05
C THR B 77 -11.29 52.87 1.53
N ARG B 78 -12.63 52.72 1.51
CA ARG B 78 -13.50 53.79 1.99
C ARG B 78 -13.31 55.02 1.05
N HIS B 79 -13.02 54.73 -0.24
CA HIS B 79 -12.93 55.79 -1.22
C HIS B 79 -13.83 55.63 -2.41
N GLU B 80 -14.79 56.53 -2.52
CA GLU B 80 -15.76 56.27 -3.54
C GLU B 80 -15.46 57.13 -4.78
N VAL B 81 -15.30 56.54 -5.95
CA VAL B 81 -15.20 57.47 -7.08
C VAL B 81 -16.55 57.88 -7.58
N VAL B 82 -16.75 59.16 -7.52
CA VAL B 82 -18.07 59.74 -7.61
C VAL B 82 -18.38 60.28 -9.01
N ASP B 83 -17.36 60.90 -9.61
CA ASP B 83 -17.47 61.21 -11.02
C ASP B 83 -16.24 60.91 -11.90
N VAL B 84 -16.50 60.58 -13.17
CA VAL B 84 -15.44 60.48 -14.16
C VAL B 84 -15.67 61.48 -15.34
N ASP B 85 -14.64 62.31 -15.59
CA ASP B 85 -14.55 63.26 -16.75
C ASP B 85 -13.87 62.62 -17.93
N TYR B 86 -14.58 61.72 -18.53
CA TYR B 86 -14.02 60.74 -19.44
C TYR B 86 -13.30 61.31 -20.61
N GLU B 87 -14.02 61.05 -21.68
CA GLU B 87 -13.99 61.65 -23.08
C GLU B 87 -15.38 62.35 -23.68
N LEU B 88 -15.81 63.52 -23.13
CA LEU B 88 -15.09 64.35 -22.11
C LEU B 88 -13.52 64.38 -22.30
N ARG B 89 -12.74 64.24 -21.23
CA ARG B 89 -11.29 64.16 -21.36
C ARG B 89 -10.57 64.39 -20.10
N THR B 90 -10.04 63.21 -19.76
CA THR B 90 -9.55 62.85 -18.45
C THR B 90 -8.75 64.03 -17.80
N LEU B 91 -9.35 64.62 -16.72
CA LEU B 91 -8.88 64.54 -15.29
C LEU B 91 -9.52 63.22 -15.06
N THR B 92 -10.83 63.42 -14.90
CA THR B 92 -11.84 62.54 -14.33
C THR B 92 -11.43 62.12 -12.94
N VAL B 93 -12.22 61.18 -12.39
CA VAL B 93 -11.98 60.72 -11.06
C VAL B 93 -12.01 62.02 -10.14
N HIS B 94 -13.22 62.34 -9.64
CA HIS B 94 -13.39 63.09 -8.41
C HIS B 94 -13.74 61.92 -7.49
N ASP B 95 -13.02 61.82 -6.37
CA ASP B 95 -13.56 60.98 -5.33
C ASP B 95 -13.31 61.36 -3.88
N HIS B 96 -14.06 60.65 -3.04
CA HIS B 96 -14.24 60.92 -1.64
C HIS B 96 -13.44 60.02 -0.56
N ALA B 97 -12.40 60.52 0.22
CA ALA B 97 -11.87 59.83 1.49
C ALA B 97 -12.78 60.04 2.69
N GLU B 98 -12.09 59.93 3.88
CA GLU B 98 -12.58 60.33 5.27
C GLU B 98 -12.27 61.78 5.68
N GLY B 99 -13.37 62.52 5.54
CA GLY B 99 -13.47 63.95 5.36
C GLY B 99 -13.66 64.36 3.88
N ARG B 100 -12.55 64.21 3.17
CA ARG B 100 -12.38 65.04 1.96
C ARG B 100 -12.87 64.47 0.61
N THR B 101 -12.85 65.34 -0.38
CA THR B 101 -13.05 64.89 -1.72
C THR B 101 -11.96 65.53 -2.63
N PHE B 102 -11.74 64.96 -3.81
CA PHE B 102 -10.52 65.28 -4.62
C PHE B 102 -10.33 64.64 -6.02
N GLN B 103 -9.23 65.01 -6.67
CA GLN B 103 -9.14 64.75 -8.09
C GLN B 103 -8.00 63.81 -8.39
N ASP B 104 -8.21 63.03 -9.45
CA ASP B 104 -7.13 62.23 -10.00
C ASP B 104 -7.17 62.03 -11.47
N ARG B 105 -6.08 61.58 -12.02
CA ARG B 105 -6.08 61.30 -13.45
C ARG B 105 -5.74 59.89 -13.69
N PHE B 106 -6.16 59.41 -14.86
CA PHE B 106 -5.77 58.09 -15.29
C PHE B 106 -5.35 58.07 -16.77
N ASP B 107 -4.50 57.10 -17.07
CA ASP B 107 -4.14 56.77 -18.44
C ASP B 107 -4.89 55.53 -18.88
N HIS B 108 -4.99 54.58 -17.94
CA HIS B 108 -5.85 53.41 -18.12
C HIS B 108 -6.85 53.34 -16.99
N LEU B 109 -8.11 53.09 -17.29
CA LEU B 109 -9.16 52.98 -16.27
C LEU B 109 -9.74 51.57 -16.34
N VAL B 110 -9.71 50.82 -15.21
CA VAL B 110 -10.39 49.53 -15.09
C VAL B 110 -11.53 49.75 -14.11
N LEU B 111 -12.77 49.65 -14.65
CA LEU B 111 -14.07 49.64 -14.02
C LEU B 111 -14.42 48.25 -13.41
N ALA B 112 -14.30 48.09 -12.11
CA ALA B 112 -14.51 46.79 -11.44
C ALA B 112 -15.41 47.00 -10.17
N THR B 113 -16.52 47.63 -10.44
CA THR B 113 -17.39 48.01 -9.39
C THR B 113 -18.34 46.91 -8.88
N GLY B 114 -18.35 45.79 -9.58
CA GLY B 114 -19.06 44.63 -9.09
C GLY B 114 -20.55 44.70 -9.29
N ALA B 115 -21.27 44.07 -8.36
CA ALA B 115 -22.71 43.87 -8.44
C ALA B 115 -23.29 43.95 -7.02
N ARG B 116 -24.54 44.37 -6.96
CA ARG B 116 -25.23 44.68 -5.71
C ARG B 116 -26.47 43.78 -5.67
N PRO B 117 -27.02 43.56 -4.46
CA PRO B 117 -28.21 42.69 -4.36
C PRO B 117 -29.36 43.31 -5.10
N SER B 118 -30.17 42.43 -5.64
CA SER B 118 -31.29 42.81 -6.47
C SER B 118 -32.56 42.51 -5.71
N LEU B 119 -33.00 43.56 -4.97
CA LEU B 119 -34.18 43.47 -4.05
C LEU B 119 -35.60 43.48 -4.62
N PRO B 120 -36.38 42.43 -4.30
CA PRO B 120 -37.78 42.48 -4.75
C PRO B 120 -38.49 43.56 -3.92
N PRO B 121 -39.42 44.22 -4.60
CA PRO B 121 -40.20 45.30 -3.96
C PRO B 121 -41.13 44.59 -2.93
N ILE B 122 -40.74 44.76 -1.67
CA ILE B 122 -41.48 44.10 -0.62
C ILE B 122 -41.56 45.04 0.59
N PRO B 123 -42.82 45.42 0.94
CA PRO B 123 -43.00 46.30 2.10
C PRO B 123 -42.39 45.71 3.39
N GLY B 124 -41.45 46.45 4.01
CA GLY B 124 -40.97 46.11 5.34
C GLY B 124 -39.60 45.49 5.25
N THR B 125 -38.92 45.76 4.11
CA THR B 125 -37.60 45.20 3.79
C THR B 125 -36.60 45.97 4.60
N GLU B 126 -37.05 47.21 4.91
CA GLU B 126 -36.20 48.23 5.54
C GLU B 126 -35.90 48.00 7.02
N GLN B 127 -36.58 47.02 7.58
CA GLN B 127 -36.45 46.69 8.97
C GLN B 127 -35.12 46.06 9.36
N GLU B 128 -35.00 46.05 10.68
CA GLU B 128 -33.87 45.66 11.47
C GLU B 128 -33.20 44.21 11.34
N GLY B 129 -33.98 43.15 11.30
CA GLY B 129 -33.35 41.83 11.09
C GLY B 129 -33.48 41.26 9.65
N VAL B 130 -33.69 42.14 8.67
CA VAL B 130 -33.51 41.78 7.29
C VAL B 130 -32.05 42.10 6.83
N TYR B 131 -31.45 41.09 6.21
CA TYR B 131 -30.03 40.98 5.85
C TYR B 131 -29.84 40.52 4.42
N THR B 132 -28.62 40.79 3.94
CA THR B 132 -28.17 40.49 2.58
C THR B 132 -26.77 39.92 2.67
N LEU B 133 -26.42 38.99 1.78
CA LEU B 133 -25.05 38.41 1.88
C LEU B 133 -24.12 38.71 0.71
N ARG B 134 -23.37 39.77 0.77
CA ARG B 134 -22.69 40.18 -0.44
C ARG B 134 -21.25 40.60 -0.09
N THR B 135 -21.14 41.32 1.04
CA THR B 135 -19.89 41.98 1.44
C THR B 135 -19.29 41.59 2.80
N MET B 136 -18.09 42.15 3.13
CA MET B 136 -17.47 41.78 4.41
C MET B 136 -18.27 42.34 5.51
N GLU B 137 -18.94 43.48 5.24
CA GLU B 137 -19.74 44.15 6.23
C GLU B 137 -21.07 43.43 6.40
N ASP B 138 -21.73 43.02 5.31
CA ASP B 138 -22.81 42.05 5.46
C ASP B 138 -22.42 40.85 6.43
N GLY B 139 -21.19 40.37 6.28
CA GLY B 139 -20.71 39.33 7.13
C GLY B 139 -20.63 39.70 8.60
N GLU B 140 -20.00 40.83 8.90
CA GLU B 140 -20.13 41.42 10.24
C GLU B 140 -21.62 41.48 10.78
N ARG B 141 -22.52 42.17 10.08
CA ARG B 141 -23.86 42.35 10.54
C ARG B 141 -24.53 41.03 10.99
N LEU B 142 -24.59 40.04 10.08
CA LEU B 142 -25.07 38.65 10.33
C LEU B 142 -24.30 37.90 11.46
N LEU B 143 -23.00 38.14 11.60
CA LEU B 143 -22.25 37.31 12.49
C LEU B 143 -22.64 37.72 13.90
N LYS B 144 -23.02 39.02 14.02
CA LYS B 144 -23.58 39.65 15.24
C LYS B 144 -24.97 39.04 15.60
N ALA B 145 -25.90 39.12 14.64
CA ALA B 145 -27.24 38.54 14.81
C ALA B 145 -27.33 37.00 15.15
N LEU B 146 -26.52 36.24 14.43
CA LEU B 146 -26.55 34.80 14.49
C LEU B 146 -26.61 34.30 15.92
N PRO B 147 -25.56 34.54 16.73
CA PRO B 147 -25.52 33.83 18.02
C PRO B 147 -26.58 34.49 18.85
N GLN B 148 -27.70 33.82 19.18
CA GLN B 148 -28.94 34.55 19.56
C GLN B 148 -30.06 34.18 18.64
N ALA B 149 -29.93 32.93 18.16
CA ALA B 149 -30.89 32.25 17.23
C ALA B 149 -31.84 33.26 16.49
N ARG B 150 -33.11 32.89 16.21
CA ARG B 150 -33.72 31.60 16.59
C ARG B 150 -34.49 30.92 15.37
N ARG B 151 -35.16 31.75 14.60
CA ARG B 151 -35.99 31.32 13.46
C ARG B 151 -35.55 32.13 12.18
N ALA B 152 -35.02 31.42 11.16
CA ALA B 152 -34.59 32.14 9.96
C ALA B 152 -35.48 31.86 8.75
N ALA B 153 -35.87 32.95 8.05
CA ALA B 153 -36.41 32.80 6.65
C ALA B 153 -35.41 33.28 5.60
N ILE B 154 -35.14 32.43 4.58
CA ILE B 154 -34.36 32.73 3.44
C ILE B 154 -35.26 32.88 2.21
N LEU B 155 -35.29 34.09 1.60
CA LEU B 155 -35.95 34.21 0.27
C LEU B 155 -35.02 33.87 -0.85
N GLY B 156 -35.39 32.86 -1.62
CA GLY B 156 -34.62 32.50 -2.80
C GLY B 156 -33.83 31.25 -2.65
N ALA B 157 -34.11 30.31 -3.54
CA ALA B 157 -33.38 29.05 -3.43
C ALA B 157 -32.37 28.80 -4.55
N GLY B 158 -31.56 29.86 -4.77
CA GLY B 158 -30.32 29.89 -5.53
C GLY B 158 -29.15 29.28 -4.78
N TYR B 159 -28.01 29.22 -5.43
CA TYR B 159 -26.89 28.63 -4.77
C TYR B 159 -26.61 29.39 -3.46
N ILE B 160 -26.52 30.75 -3.40
CA ILE B 160 -26.21 31.33 -2.07
C ILE B 160 -27.58 31.25 -1.49
N GLY B 161 -27.76 30.92 -0.25
CA GLY B 161 -29.21 30.70 -0.09
C GLY B 161 -29.48 29.26 0.26
N LEU B 162 -29.31 28.29 -0.66
CA LEU B 162 -28.89 26.93 -0.27
C LEU B 162 -27.60 26.96 0.56
N GLU B 163 -26.57 27.69 0.13
CA GLU B 163 -25.35 27.78 0.94
C GLU B 163 -25.67 28.36 2.31
N ALA B 164 -26.58 29.32 2.34
CA ALA B 164 -26.94 30.00 3.61
C ALA B 164 -27.73 29.11 4.60
N ALA B 165 -28.72 28.39 4.02
CA ALA B 165 -29.46 27.39 4.77
C ALA B 165 -28.51 26.40 5.54
N GLU B 166 -27.51 25.86 4.83
CA GLU B 166 -26.56 25.09 5.55
C GLU B 166 -25.86 25.85 6.67
N ALA B 167 -25.35 27.02 6.40
CA ALA B 167 -24.67 27.77 7.41
C ALA B 167 -25.53 27.94 8.65
N PHE B 168 -26.79 28.38 8.46
CA PHE B 168 -27.72 28.74 9.52
C PHE B 168 -28.08 27.50 10.36
N ARG B 169 -28.27 26.33 9.70
CA ARG B 169 -28.56 25.11 10.46
C ARG B 169 -27.35 24.76 11.36
N LYS B 170 -26.16 24.85 10.82
CA LYS B 170 -24.97 24.59 11.59
C LYS B 170 -24.92 25.54 12.78
N ARG B 171 -25.69 26.64 12.72
CA ARG B 171 -25.61 27.64 13.82
C ARG B 171 -26.85 27.53 14.77
N GLY B 172 -27.55 26.44 14.60
CA GLY B 172 -28.62 26.17 15.50
C GLY B 172 -30.01 26.59 15.06
N LEU B 173 -30.13 27.60 14.16
CA LEU B 173 -31.49 28.14 13.82
C LEU B 173 -32.42 27.16 13.10
N GLN B 174 -33.70 27.45 13.21
CA GLN B 174 -34.58 26.70 12.35
C GLN B 174 -34.67 27.56 11.09
N VAL B 175 -34.70 26.84 9.98
CA VAL B 175 -34.69 27.57 8.75
C VAL B 175 -35.76 27.14 7.78
N THR B 176 -36.51 28.12 7.36
CA THR B 176 -37.37 27.86 6.22
C THR B 176 -36.93 28.66 4.87
N LEU B 177 -36.84 27.92 3.77
CA LEU B 177 -36.49 28.43 2.44
C LEU B 177 -37.75 28.83 1.64
N LEU B 178 -37.80 30.07 1.14
CA LEU B 178 -38.97 30.42 0.39
C LEU B 178 -38.58 30.68 -1.05
N GLU B 179 -39.18 29.93 -1.95
CA GLU B 179 -38.92 30.06 -3.36
C GLU B 179 -40.24 30.35 -4.19
N ALA B 180 -40.20 31.43 -4.96
CA ALA B 180 -41.24 31.77 -5.89
C ALA B 180 -41.53 30.73 -6.94
N LYS B 181 -40.48 30.19 -7.59
CA LYS B 181 -40.69 29.08 -8.58
C LYS B 181 -40.89 27.70 -7.89
N ASP B 182 -41.13 26.67 -8.67
CA ASP B 182 -41.53 25.38 -8.08
C ASP B 182 -40.43 24.46 -7.51
N ARG B 183 -39.17 24.84 -7.70
CA ARG B 183 -38.12 23.92 -7.28
C ARG B 183 -37.01 24.70 -6.59
N PRO B 184 -36.21 24.04 -5.73
CA PRO B 184 -34.92 24.73 -5.44
C PRO B 184 -34.06 24.77 -6.74
N LEU B 185 -33.15 25.75 -6.86
CA LEU B 185 -32.19 25.82 -8.00
C LEU B 185 -32.97 25.79 -9.30
N PRO B 186 -33.93 26.71 -9.41
CA PRO B 186 -34.97 26.79 -10.43
C PRO B 186 -34.31 27.01 -11.73
N HIS B 187 -33.07 27.41 -11.70
CA HIS B 187 -32.48 27.72 -12.99
C HIS B 187 -31.97 26.55 -13.79
N TRP B 188 -31.98 25.42 -13.15
CA TRP B 188 -31.51 24.24 -13.79
C TRP B 188 -32.67 23.25 -13.92
N ASP B 189 -32.52 22.23 -14.73
CA ASP B 189 -33.49 21.17 -14.72
C ASP B 189 -33.91 20.60 -13.36
N PRO B 190 -35.02 19.85 -13.36
CA PRO B 190 -35.72 19.73 -12.08
C PRO B 190 -35.20 18.56 -11.23
N GLU B 191 -34.57 17.61 -11.94
CA GLU B 191 -33.94 16.44 -11.29
C GLU B 191 -33.03 16.86 -10.22
N VAL B 192 -32.26 17.87 -10.59
CA VAL B 192 -31.29 18.38 -9.70
C VAL B 192 -32.03 19.09 -8.57
N GLY B 193 -32.86 20.09 -8.85
CA GLY B 193 -33.62 20.70 -7.77
C GLY B 193 -34.25 19.63 -6.83
N ALA B 194 -34.75 18.53 -7.39
CA ALA B 194 -35.32 17.46 -6.51
C ALA B 194 -34.30 16.87 -5.44
N LEU B 195 -33.10 16.52 -5.88
CA LEU B 195 -32.11 15.93 -5.06
C LEU B 195 -31.80 16.88 -3.93
N LEU B 196 -31.85 18.16 -4.24
CA LEU B 196 -31.58 19.20 -3.25
C LEU B 196 -32.75 19.35 -2.27
N LYS B 197 -33.99 19.23 -2.77
CA LYS B 197 -35.12 19.40 -1.87
C LYS B 197 -34.96 18.24 -0.79
N GLU B 198 -34.68 17.03 -1.28
CA GLU B 198 -34.55 15.93 -0.37
C GLU B 198 -33.40 16.17 0.67
N GLU B 199 -32.28 16.73 0.22
CA GLU B 199 -31.18 16.90 1.16
C GLU B 199 -31.48 17.96 2.21
N LEU B 200 -32.21 18.96 1.74
CA LEU B 200 -32.54 20.10 2.60
C LEU B 200 -33.48 19.60 3.66
N GLU B 201 -34.46 18.86 3.17
CA GLU B 201 -35.38 18.24 4.08
C GLU B 201 -34.76 17.31 5.11
N ARG B 202 -33.89 16.44 4.65
CA ARG B 202 -33.18 15.51 5.51
C ARG B 202 -32.38 16.25 6.57
N HIS B 203 -32.03 17.55 6.34
CA HIS B 203 -31.30 18.33 7.39
C HIS B 203 -32.17 19.32 8.18
N GLY B 204 -33.46 19.12 8.14
CA GLY B 204 -34.23 20.00 8.97
C GLY B 204 -34.72 21.28 8.36
N VAL B 205 -34.55 21.45 7.05
CA VAL B 205 -34.85 22.72 6.43
C VAL B 205 -36.21 22.52 5.86
N GLU B 206 -37.07 23.52 6.06
CA GLU B 206 -38.38 23.45 5.46
C GLU B 206 -38.35 24.23 4.15
N VAL B 207 -38.90 23.67 3.09
CA VAL B 207 -38.72 24.37 1.86
C VAL B 207 -40.10 24.63 1.21
N TRP B 208 -40.58 25.86 1.37
CA TRP B 208 -41.85 26.33 0.73
C TRP B 208 -41.55 26.63 -0.75
N THR B 209 -42.31 26.01 -1.62
CA THR B 209 -42.16 26.28 -3.02
C THR B 209 -43.34 27.06 -3.60
N GLY B 210 -43.20 27.61 -4.84
CA GLY B 210 -44.22 28.43 -5.50
C GLY B 210 -44.96 29.44 -4.55
N VAL B 211 -44.19 30.36 -3.97
CA VAL B 211 -44.63 31.05 -2.78
C VAL B 211 -44.43 32.51 -3.04
N LYS B 212 -45.52 33.24 -2.92
CA LYS B 212 -45.47 34.70 -3.12
C LYS B 212 -45.28 35.42 -1.79
N VAL B 213 -44.14 36.05 -1.58
CA VAL B 213 -43.98 36.76 -0.31
C VAL B 213 -44.74 38.06 -0.30
N GLU B 214 -45.64 38.29 0.66
CA GLU B 214 -46.40 39.54 0.63
C GLU B 214 -45.85 40.69 1.47
N ALA B 215 -45.24 40.43 2.59
CA ALA B 215 -44.53 41.50 3.30
C ALA B 215 -43.93 40.99 4.57
N PHE B 216 -43.01 41.83 5.12
CA PHE B 216 -42.20 41.53 6.32
C PHE B 216 -42.81 42.19 7.56
N ARG B 217 -43.36 41.34 8.44
CA ARG B 217 -44.21 41.91 9.49
C ARG B 217 -43.30 42.47 10.59
N GLY B 218 -43.73 43.64 11.12
CA GLY B 218 -43.12 44.20 12.31
C GLY B 218 -43.18 45.69 12.34
N MET B 219 -42.73 46.21 13.46
CA MET B 219 -42.76 47.63 13.71
C MET B 219 -41.34 48.23 13.57
N GLY B 220 -40.61 47.83 12.52
CA GLY B 220 -39.22 48.20 12.30
C GLY B 220 -38.28 47.14 12.87
N ARG B 221 -38.83 45.97 13.23
CA ARG B 221 -38.03 44.84 13.71
C ARG B 221 -38.08 43.53 12.92
N VAL B 222 -39.23 43.18 12.35
CA VAL B 222 -39.33 41.88 11.67
C VAL B 222 -39.36 40.70 12.65
N GLU B 223 -40.41 39.93 12.41
CA GLU B 223 -40.69 38.82 13.28
C GLU B 223 -41.51 37.87 12.39
N ALA B 224 -42.02 38.39 11.26
CA ALA B 224 -42.80 37.46 10.45
C ALA B 224 -42.45 37.03 9.01
N VAL B 225 -42.76 37.80 7.98
CA VAL B 225 -42.93 37.12 6.67
C VAL B 225 -44.28 36.46 6.43
N GLU B 226 -45.13 37.25 5.72
CA GLU B 226 -46.51 36.93 5.37
C GLU B 226 -46.43 36.56 3.94
N THR B 227 -46.93 35.39 3.60
CA THR B 227 -46.80 34.90 2.26
C THR B 227 -48.13 34.37 1.77
N SER B 228 -48.26 34.23 0.45
CA SER B 228 -49.46 33.62 -0.17
C SER B 228 -49.83 32.24 0.45
N GLU B 229 -48.89 31.64 1.19
CA GLU B 229 -49.07 30.28 1.74
C GLU B 229 -49.05 30.30 3.27
N GLY B 230 -49.22 31.47 3.87
CA GLY B 230 -49.29 31.45 5.29
C GLY B 230 -48.23 32.26 5.93
N VAL B 231 -47.96 32.03 7.18
CA VAL B 231 -47.10 32.98 7.83
C VAL B 231 -45.91 32.30 8.47
N VAL B 232 -44.74 32.80 8.12
CA VAL B 232 -43.58 32.14 8.61
C VAL B 232 -43.04 33.01 9.66
N PRO B 233 -43.03 32.52 10.90
CA PRO B 233 -42.36 33.39 11.91
C PRO B 233 -40.81 33.32 11.81
N ALA B 234 -40.17 34.51 11.84
CA ALA B 234 -38.73 34.68 11.63
C ALA B 234 -38.12 35.96 12.29
N ASP B 235 -37.20 35.79 13.23
CA ASP B 235 -36.51 36.97 13.74
C ASP B 235 -35.28 37.44 12.90
N LEU B 236 -34.80 36.50 12.04
CA LEU B 236 -33.81 36.83 10.98
C LEU B 236 -34.21 36.36 9.59
N VAL B 237 -34.15 37.33 8.67
CA VAL B 237 -34.47 37.08 7.26
C VAL B 237 -33.32 37.55 6.31
N LEU B 238 -32.86 36.57 5.48
CA LEU B 238 -31.82 36.66 4.42
C LEU B 238 -32.49 36.79 3.03
N LEU B 239 -32.20 37.93 2.36
CA LEU B 239 -32.64 38.16 0.97
C LEU B 239 -31.53 37.66 0.06
N ALA B 240 -31.90 36.67 -0.79
CA ALA B 240 -30.95 35.88 -1.65
C ALA B 240 -31.61 35.54 -2.99
N THR B 241 -31.87 36.64 -3.70
CA THR B 241 -32.87 36.75 -4.77
C THR B 241 -32.26 37.36 -6.03
N GLY B 242 -30.93 37.40 -6.10
CA GLY B 242 -30.29 37.89 -7.30
C GLY B 242 -29.36 39.02 -7.03
N ILE B 243 -28.49 39.27 -7.99
CA ILE B 243 -27.64 40.44 -7.91
C ILE B 243 -27.91 41.09 -9.22
N ARG B 244 -27.54 42.36 -9.31
CA ARG B 244 -27.49 43.10 -10.59
C ARG B 244 -26.13 43.89 -10.60
N PRO B 245 -25.59 44.13 -11.79
CA PRO B 245 -24.30 44.79 -11.87
C PRO B 245 -24.41 46.28 -11.52
N ASN B 246 -23.36 46.77 -10.91
CA ASN B 246 -23.15 48.19 -10.65
C ASN B 246 -22.67 49.02 -11.80
N THR B 247 -23.59 49.32 -12.70
CA THR B 247 -23.23 49.94 -13.96
C THR B 247 -23.45 51.43 -13.96
N GLU B 248 -23.79 51.94 -12.80
CA GLU B 248 -24.26 53.31 -12.72
C GLU B 248 -23.13 54.39 -13.04
N LEU B 249 -21.99 54.26 -12.38
CA LEU B 249 -20.95 55.20 -12.68
C LEU B 249 -20.44 55.06 -14.11
N ALA B 250 -20.55 53.87 -14.69
CA ALA B 250 -20.00 53.66 -16.01
C ALA B 250 -20.93 54.27 -17.04
N GLN B 251 -22.23 54.37 -16.69
CA GLN B 251 -23.18 54.90 -17.65
C GLN B 251 -23.03 56.38 -17.68
N ALA B 252 -22.81 56.92 -16.47
CA ALA B 252 -22.45 58.33 -16.32
C ALA B 252 -21.32 58.72 -17.22
N MET B 253 -20.37 57.81 -17.49
CA MET B 253 -19.28 58.23 -18.33
C MET B 253 -19.46 57.76 -19.72
N GLY B 254 -20.64 57.27 -20.04
CA GLY B 254 -20.87 56.82 -21.43
C GLY B 254 -20.13 55.55 -21.91
N VAL B 255 -20.11 54.59 -21.01
CA VAL B 255 -19.60 53.33 -21.32
C VAL B 255 -20.86 52.58 -21.68
N ALA B 256 -20.74 51.80 -22.74
CA ALA B 256 -21.81 51.00 -23.31
C ALA B 256 -22.18 49.67 -22.53
N LEU B 257 -23.49 49.46 -22.44
CA LEU B 257 -24.00 48.28 -21.78
C LEU B 257 -24.32 47.31 -22.88
N GLY B 258 -24.14 46.05 -22.52
CA GLY B 258 -24.55 44.96 -23.38
C GLY B 258 -26.01 44.60 -23.09
N PRO B 259 -26.50 43.68 -23.93
CA PRO B 259 -27.96 43.41 -23.83
C PRO B 259 -28.27 42.88 -22.42
N THR B 260 -27.25 42.32 -21.72
CA THR B 260 -27.44 41.74 -20.38
C THR B 260 -27.59 42.88 -19.33
N GLY B 261 -27.06 44.07 -19.58
CA GLY B 261 -27.12 45.12 -18.56
C GLY B 261 -25.78 45.36 -17.89
N ALA B 262 -24.93 44.36 -18.11
CA ALA B 262 -23.58 44.45 -17.66
C ALA B 262 -22.79 45.28 -18.73
N ILE B 263 -21.63 45.78 -18.38
CA ILE B 263 -20.80 46.43 -19.32
C ILE B 263 -20.29 45.49 -20.45
N ALA B 264 -20.36 45.99 -21.69
CA ALA B 264 -19.87 45.23 -22.87
C ALA B 264 -18.34 45.14 -22.92
N THR B 265 -17.75 44.09 -23.49
CA THR B 265 -16.29 44.07 -23.54
C THR B 265 -15.79 43.27 -24.75
N ASP B 266 -14.51 43.46 -25.13
CA ASP B 266 -13.96 42.58 -26.17
C ASP B 266 -13.07 41.51 -25.57
N GLU B 267 -12.44 40.66 -26.40
CA GLU B 267 -11.47 39.72 -25.88
C GLU B 267 -10.32 40.39 -25.04
N ARG B 268 -10.19 41.70 -25.09
CA ARG B 268 -9.18 42.38 -24.33
C ARG B 268 -9.68 43.12 -23.07
N MET B 269 -11.00 43.01 -22.85
CA MET B 269 -11.67 43.50 -21.67
C MET B 269 -11.83 44.95 -21.83
N ARG B 270 -11.55 45.39 -23.05
CA ARG B 270 -11.78 46.78 -23.38
C ARG B 270 -13.26 47.16 -23.64
N THR B 271 -13.70 48.26 -23.04
CA THR B 271 -15.05 48.82 -23.30
C THR B 271 -15.01 49.64 -24.60
N ASN B 272 -16.14 50.27 -24.89
CA ASN B 272 -16.27 51.21 -26.03
C ASN B 272 -15.44 52.49 -26.03
N LEU B 273 -15.07 53.03 -24.86
CA LEU B 273 -14.06 54.08 -24.70
C LEU B 273 -12.61 53.66 -24.62
N GLU B 274 -11.80 54.39 -25.38
CA GLU B 274 -10.37 54.13 -25.44
C GLU B 274 -9.80 54.31 -24.06
N GLY B 275 -9.02 53.34 -23.56
CA GLY B 275 -8.38 53.52 -22.27
C GLY B 275 -9.10 52.93 -21.04
N VAL B 276 -10.38 52.56 -21.26
CA VAL B 276 -11.30 52.04 -20.28
C VAL B 276 -11.62 50.56 -20.59
N TYR B 277 -11.21 49.73 -19.61
CA TYR B 277 -11.61 48.32 -19.45
C TYR B 277 -12.74 47.98 -18.43
N ALA B 278 -13.38 46.81 -18.55
CA ALA B 278 -14.12 46.31 -17.36
C ALA B 278 -13.70 44.92 -16.97
N ALA B 279 -13.78 44.62 -15.68
CA ALA B 279 -13.44 43.31 -15.12
C ALA B 279 -14.38 42.92 -14.00
N GLY B 280 -14.82 41.66 -14.03
CA GLY B 280 -15.58 41.02 -12.94
C GLY B 280 -17.10 41.06 -13.10
N ASP B 281 -17.78 41.32 -11.99
CA ASP B 281 -19.21 41.22 -11.95
C ASP B 281 -19.92 42.30 -12.68
N VAL B 282 -19.24 43.35 -13.04
CA VAL B 282 -19.94 44.40 -13.76
C VAL B 282 -19.94 44.13 -15.27
N ALA B 283 -19.18 43.11 -15.66
CA ALA B 283 -18.85 42.87 -17.04
C ALA B 283 -19.47 41.62 -17.65
N GLU B 284 -20.08 41.77 -18.80
CA GLU B 284 -20.41 40.63 -19.65
C GLU B 284 -19.19 39.83 -20.14
N SER B 285 -19.48 38.64 -20.64
CA SER B 285 -18.48 37.72 -21.09
C SER B 285 -19.17 36.97 -22.19
N PHE B 286 -18.40 36.53 -23.19
CA PHE B 286 -18.98 35.82 -24.31
C PHE B 286 -19.21 34.39 -23.94
N HIS B 287 -20.46 33.95 -24.09
CA HIS B 287 -20.83 32.58 -23.82
C HIS B 287 -20.51 31.80 -25.06
N ARG B 288 -19.70 30.75 -24.90
CA ARG B 288 -19.26 29.99 -26.09
C ARG B 288 -20.22 28.95 -26.67
N VAL B 289 -21.25 28.59 -25.92
CA VAL B 289 -22.24 27.65 -26.41
C VAL B 289 -23.34 28.42 -27.11
N LEU B 290 -23.73 29.50 -26.46
CA LEU B 290 -24.75 30.37 -27.03
C LEU B 290 -24.25 31.35 -28.11
N LYS B 291 -22.94 31.47 -28.25
CA LYS B 291 -22.30 32.30 -29.28
C LYS B 291 -22.84 33.73 -29.25
N ARG B 292 -22.86 34.28 -28.03
CA ARG B 292 -23.19 35.67 -27.70
C ARG B 292 -22.89 36.14 -26.27
N PRO B 293 -23.06 37.45 -26.04
CA PRO B 293 -22.64 37.92 -24.70
C PRO B 293 -23.64 37.53 -23.60
N TYR B 294 -23.08 37.35 -22.41
CA TYR B 294 -23.76 36.68 -21.36
C TYR B 294 -23.27 37.28 -20.04
N TRP B 295 -24.05 37.15 -18.96
CA TRP B 295 -23.56 37.63 -17.66
C TRP B 295 -23.18 36.44 -16.81
N LEU B 296 -21.95 36.28 -16.36
CA LEU B 296 -21.69 35.10 -15.55
C LEU B 296 -20.91 35.54 -14.37
N PRO B 297 -21.57 36.24 -13.40
CA PRO B 297 -20.91 36.82 -12.20
C PRO B 297 -20.34 35.81 -11.14
N LEU B 298 -19.27 35.12 -11.50
CA LEU B 298 -18.61 34.14 -10.66
C LEU B 298 -17.18 34.65 -10.48
N GLY B 299 -16.55 34.18 -9.42
CA GLY B 299 -15.35 34.80 -8.94
C GLY B 299 -14.19 34.29 -9.76
N ASP B 300 -14.31 33.09 -10.32
CA ASP B 300 -13.26 32.64 -11.18
C ASP B 300 -13.21 33.42 -12.46
N VAL B 301 -14.38 33.70 -13.05
CA VAL B 301 -14.46 34.64 -14.17
C VAL B 301 -14.06 36.05 -13.84
N ALA B 302 -14.29 36.51 -12.63
CA ALA B 302 -13.74 37.81 -12.29
C ALA B 302 -12.18 37.89 -12.29
N ASN B 303 -11.53 36.92 -11.68
CA ASN B 303 -10.07 36.76 -11.77
C ASN B 303 -9.57 36.65 -13.25
N LYS B 304 -10.36 36.01 -14.12
CA LYS B 304 -9.92 35.84 -15.50
C LYS B 304 -10.04 37.21 -16.26
N HIS B 305 -11.14 37.92 -16.01
CA HIS B 305 -11.27 39.29 -16.52
C HIS B 305 -10.08 40.10 -16.12
N GLY B 306 -9.74 39.99 -14.83
CA GLY B 306 -8.98 40.97 -14.10
C GLY B 306 -7.59 40.84 -14.60
N ARG B 307 -7.18 39.58 -14.67
CA ARG B 307 -5.85 39.23 -15.13
C ARG B 307 -5.70 39.53 -16.57
N THR B 308 -6.74 39.39 -17.39
CA THR B 308 -6.59 39.86 -18.80
C THR B 308 -6.38 41.35 -18.97
N ALA B 309 -7.30 42.16 -18.42
CA ALA B 309 -7.13 43.61 -18.35
C ALA B 309 -5.74 44.05 -17.90
N GLY B 310 -5.33 43.47 -16.79
CA GLY B 310 -4.05 43.71 -16.20
C GLY B 310 -2.93 43.53 -17.14
N SER B 311 -2.80 42.32 -17.68
CA SER B 311 -1.83 41.98 -18.73
C SER B 311 -1.88 42.90 -19.90
N VAL B 312 -3.09 43.14 -20.38
CA VAL B 312 -3.19 43.91 -21.62
C VAL B 312 -2.54 45.25 -21.48
N ILE B 313 -2.90 45.91 -20.35
CA ILE B 313 -2.41 47.25 -19.89
C ILE B 313 -0.84 47.29 -19.73
N ALA B 314 -0.28 46.26 -19.17
CA ALA B 314 1.17 46.27 -18.97
C ALA B 314 1.86 45.96 -20.26
N GLY B 315 1.08 46.05 -21.34
CA GLY B 315 1.46 45.60 -22.67
C GLY B 315 1.91 44.19 -23.00
N ARG B 316 1.53 43.21 -22.18
CA ARG B 316 1.51 41.83 -22.60
C ARG B 316 0.33 41.47 -23.54
N GLU B 317 0.51 40.38 -24.26
CA GLU B 317 -0.46 39.93 -25.24
C GLU B 317 -1.40 39.02 -24.49
N ALA B 318 -2.68 39.35 -24.36
CA ALA B 318 -3.53 38.50 -23.53
C ALA B 318 -4.93 38.65 -24.03
N ARG B 319 -5.65 37.51 -24.09
CA ARG B 319 -7.05 37.53 -24.50
C ARG B 319 -8.03 36.67 -23.62
N PHE B 320 -9.22 37.16 -23.40
CA PHE B 320 -10.19 36.38 -22.70
C PHE B 320 -11.25 35.80 -23.66
N LEU B 321 -11.40 34.50 -23.64
CA LEU B 321 -12.05 33.94 -24.80
C LEU B 321 -13.43 33.35 -24.55
N GLY B 322 -14.10 33.82 -23.51
CA GLY B 322 -15.41 33.36 -23.08
C GLY B 322 -15.55 32.25 -22.01
N VAL B 323 -16.82 31.96 -21.79
CA VAL B 323 -17.17 31.03 -20.78
C VAL B 323 -18.22 30.17 -21.32
N VAL B 324 -18.54 29.14 -20.56
CA VAL B 324 -19.44 28.08 -21.01
C VAL B 324 -20.47 27.95 -19.91
N GLY B 325 -20.33 28.78 -18.88
CA GLY B 325 -21.15 28.72 -17.68
C GLY B 325 -20.88 27.73 -16.55
N THR B 326 -19.73 27.10 -16.42
CA THR B 326 -19.53 26.09 -15.41
C THR B 326 -19.67 26.63 -14.02
N ALA B 327 -20.52 26.03 -13.21
CA ALA B 327 -20.51 26.36 -11.78
C ALA B 327 -20.52 25.16 -10.76
N ILE B 328 -19.99 25.30 -9.57
CA ILE B 328 -20.18 24.25 -8.58
C ILE B 328 -20.47 24.92 -7.19
N PHE B 329 -21.41 24.38 -6.42
CA PHE B 329 -21.52 24.83 -5.02
C PHE B 329 -21.68 23.62 -4.06
N LYS B 330 -21.47 23.84 -2.76
CA LYS B 330 -21.76 22.84 -1.75
C LYS B 330 -23.02 23.24 -0.88
N ALA B 331 -24.02 22.36 -0.96
CA ALA B 331 -25.17 22.32 -0.04
C ALA B 331 -25.29 21.03 0.82
N PHE B 332 -24.88 21.13 2.09
CA PHE B 332 -24.87 19.95 3.01
C PHE B 332 -24.00 18.90 2.41
N ASP B 333 -24.56 17.74 2.09
CA ASP B 333 -23.75 16.61 1.72
C ASP B 333 -23.74 16.42 0.25
N LEU B 334 -24.14 17.45 -0.47
CA LEU B 334 -24.16 17.39 -1.94
C LEU B 334 -23.25 18.45 -2.49
N ALA B 335 -22.44 18.06 -3.45
CA ALA B 335 -21.77 19.02 -4.30
C ALA B 335 -22.49 18.99 -5.70
N VAL B 336 -22.89 20.12 -6.20
CA VAL B 336 -23.75 20.21 -7.36
C VAL B 336 -23.09 21.02 -8.41
N ALA B 337 -22.77 20.37 -9.52
CA ALA B 337 -22.08 21.15 -10.56
C ALA B 337 -22.82 21.11 -11.85
N THR B 338 -23.00 22.27 -12.47
CA THR B 338 -23.64 22.42 -13.79
C THR B 338 -22.75 23.15 -14.78
N THR B 339 -23.05 23.02 -16.05
CA THR B 339 -22.34 23.70 -17.12
C THR B 339 -23.18 23.66 -18.41
N GLY B 340 -22.86 24.64 -19.27
CA GLY B 340 -23.61 24.82 -20.49
C GLY B 340 -25.04 25.22 -20.19
N LEU B 341 -25.91 24.57 -20.93
CA LEU B 341 -27.34 24.83 -20.90
C LEU B 341 -28.10 23.67 -20.30
N SER B 342 -29.14 23.99 -19.51
CA SER B 342 -30.06 23.00 -19.03
C SER B 342 -30.91 22.66 -20.20
N LEU B 343 -31.59 21.54 -20.15
CA LEU B 343 -32.47 21.22 -21.25
C LEU B 343 -33.52 22.30 -21.53
N GLU B 344 -34.05 22.90 -20.45
CA GLU B 344 -35.02 23.97 -20.63
C GLU B 344 -34.46 25.06 -21.50
N GLY B 345 -33.37 25.60 -21.02
CA GLY B 345 -32.67 26.66 -21.74
C GLY B 345 -32.23 26.22 -23.12
N ALA B 346 -31.72 25.01 -23.25
CA ALA B 346 -31.43 24.47 -24.56
C ALA B 346 -32.59 24.64 -25.48
N LEU B 347 -33.78 24.19 -25.05
CA LEU B 347 -35.01 24.28 -25.86
C LEU B 347 -35.54 25.76 -26.14
N LYS B 348 -35.40 26.65 -25.15
CA LYS B 348 -35.79 28.03 -25.27
C LYS B 348 -35.00 28.63 -26.44
N GLU B 349 -33.76 28.24 -26.53
CA GLU B 349 -32.85 28.67 -27.56
C GLU B 349 -33.14 28.01 -28.83
N GLY B 350 -34.08 27.14 -28.86
CA GLY B 350 -34.44 26.48 -30.08
C GLY B 350 -33.67 25.26 -30.55
N PHE B 351 -33.03 24.57 -29.63
CA PHE B 351 -32.37 23.34 -30.10
C PHE B 351 -33.34 22.21 -30.01
N TRP B 352 -33.17 21.28 -30.90
CA TRP B 352 -33.89 20.04 -30.72
C TRP B 352 -33.13 19.19 -29.72
N ALA B 353 -33.43 19.33 -28.45
CA ALA B 353 -32.46 18.93 -27.46
C ALA B 353 -33.08 17.83 -26.70
N LYS B 354 -32.31 16.89 -26.27
CA LYS B 354 -32.78 15.87 -25.33
C LYS B 354 -31.85 15.83 -24.12
N LYS B 355 -32.23 15.09 -23.11
CA LYS B 355 -31.34 14.96 -21.95
C LYS B 355 -31.31 13.54 -21.43
N VAL B 356 -30.22 13.19 -20.82
CA VAL B 356 -30.20 11.91 -20.14
C VAL B 356 -29.79 12.20 -18.66
N PHE B 357 -30.21 11.36 -17.70
CA PHE B 357 -29.93 11.64 -16.29
C PHE B 357 -29.76 10.31 -15.70
N ILE B 358 -28.66 10.06 -15.02
CA ILE B 358 -28.42 8.72 -14.59
C ILE B 358 -27.87 8.78 -13.23
N GLN B 359 -28.03 7.68 -12.47
CA GLN B 359 -27.43 7.66 -11.16
C GLN B 359 -26.56 6.45 -11.00
N SER B 360 -25.29 6.76 -10.68
CA SER B 360 -24.16 5.84 -10.50
C SER B 360 -23.59 6.00 -9.09
N ARG B 361 -22.34 5.57 -8.92
CA ARG B 361 -21.64 5.65 -7.62
C ARG B 361 -20.32 6.30 -7.93
N ASP B 362 -19.53 6.50 -6.87
CA ASP B 362 -18.30 7.29 -6.80
C ASP B 362 -17.17 6.43 -6.42
N GLY B 363 -17.00 5.33 -7.12
CA GLY B 363 -16.24 4.23 -6.51
C GLY B 363 -17.00 2.95 -6.69
N ALA B 364 -16.24 1.90 -6.99
CA ALA B 364 -16.74 0.53 -6.97
C ALA B 364 -17.91 0.21 -5.97
N HIS B 365 -18.92 -0.54 -6.48
CA HIS B 365 -20.03 -1.06 -5.67
C HIS B 365 -19.48 -1.60 -4.35
N TYR B 366 -18.43 -2.42 -4.47
CA TYR B 366 -17.81 -3.03 -3.27
C TYR B 366 -16.91 -2.15 -2.39
N TYR B 367 -16.45 -1.01 -2.90
CA TYR B 367 -15.62 -0.17 -2.07
C TYR B 367 -16.28 0.53 -0.89
N PRO B 368 -15.60 0.59 0.26
CA PRO B 368 -16.21 1.07 1.51
C PRO B 368 -16.47 2.48 1.43
N GLY B 369 -17.71 2.87 1.56
CA GLY B 369 -17.94 4.29 1.61
C GLY B 369 -18.37 4.97 0.33
N SER B 370 -18.33 4.24 -0.78
CA SER B 370 -18.66 4.81 -2.06
C SER B 370 -20.10 5.39 -2.00
N GLY B 371 -20.22 6.62 -2.46
CA GLY B 371 -21.49 7.29 -2.49
C GLY B 371 -22.21 7.37 -3.84
N PRO B 372 -23.35 7.99 -3.82
CA PRO B 372 -24.01 8.07 -5.09
C PRO B 372 -23.31 9.12 -5.99
N LEU B 373 -23.56 8.98 -7.26
CA LEU B 373 -23.10 10.04 -8.13
C LEU B 373 -24.05 10.24 -9.33
N TRP B 374 -24.49 11.46 -9.57
CA TRP B 374 -25.45 11.61 -10.73
C TRP B 374 -24.87 12.49 -11.78
N VAL B 375 -25.25 12.21 -12.98
CA VAL B 375 -24.71 12.96 -14.04
C VAL B 375 -25.81 13.23 -15.05
N GLU B 376 -25.85 14.46 -15.57
CA GLU B 376 -26.86 14.85 -16.56
C GLU B 376 -26.17 15.31 -17.79
N LEU B 377 -26.61 14.82 -18.91
CA LEU B 377 -26.11 15.31 -20.17
C LEU B 377 -27.18 16.01 -20.99
N VAL B 378 -26.86 17.18 -21.53
CA VAL B 378 -27.87 17.87 -22.36
C VAL B 378 -27.35 17.98 -23.76
N TYR B 379 -27.98 17.31 -24.70
CA TYR B 379 -27.42 17.27 -26.06
C TYR B 379 -28.40 17.54 -27.25
N GLU B 380 -27.80 17.79 -28.38
CA GLU B 380 -28.57 18.07 -29.58
C GLU B 380 -28.91 16.71 -30.22
N GLU B 381 -30.14 16.60 -30.67
CA GLU B 381 -30.74 15.36 -31.10
C GLU B 381 -30.00 14.68 -32.17
N GLY B 382 -29.73 15.39 -33.26
CA GLY B 382 -29.12 14.76 -34.42
C GLY B 382 -27.62 14.64 -34.38
N THR B 383 -26.95 15.78 -34.31
CA THR B 383 -25.55 15.95 -34.33
C THR B 383 -24.85 15.18 -33.22
N GLY B 384 -25.57 14.93 -32.12
CA GLY B 384 -24.96 14.57 -30.82
C GLY B 384 -24.19 15.69 -30.03
N ARG B 385 -24.27 16.96 -30.41
CA ARG B 385 -23.46 18.00 -29.84
C ARG B 385 -23.79 18.20 -28.40
N LEU B 386 -22.82 18.21 -27.49
CA LEU B 386 -23.10 18.55 -26.09
C LEU B 386 -23.58 19.97 -26.00
N LEU B 387 -24.49 20.23 -25.04
CA LEU B 387 -25.03 21.56 -24.82
C LEU B 387 -24.91 22.00 -23.37
N GLY B 388 -24.86 21.03 -22.48
CA GLY B 388 -24.68 21.35 -21.07
C GLY B 388 -24.74 20.04 -20.37
N GLY B 389 -24.67 20.05 -19.01
CA GLY B 389 -24.64 18.84 -18.20
C GLY B 389 -24.45 19.18 -16.75
N ALA B 390 -24.70 18.23 -15.89
CA ALA B 390 -24.62 18.52 -14.48
C ALA B 390 -24.01 17.28 -13.87
N VAL B 391 -23.28 17.44 -12.79
CA VAL B 391 -22.96 16.28 -12.03
C VAL B 391 -23.14 16.59 -10.60
N VAL B 392 -23.85 15.71 -9.90
CA VAL B 392 -23.85 15.81 -8.46
C VAL B 392 -23.25 14.61 -7.72
N ALA B 393 -22.49 14.93 -6.67
CA ALA B 393 -21.84 13.97 -5.84
C ALA B 393 -21.84 14.39 -4.34
N ARG B 394 -21.31 13.57 -3.42
CA ARG B 394 -20.91 14.06 -2.10
C ARG B 394 -19.55 14.77 -2.33
N GLY B 395 -18.70 14.09 -3.15
CA GLY B 395 -17.31 14.38 -3.60
C GLY B 395 -16.61 15.76 -3.77
N HIS B 396 -15.42 15.81 -3.17
CA HIS B 396 -14.63 17.05 -2.77
C HIS B 396 -13.33 17.27 -3.62
N GLY B 397 -13.34 16.50 -4.81
CA GLY B 397 -14.56 16.29 -5.67
C GLY B 397 -15.36 15.33 -6.59
N ALA B 398 -15.59 15.78 -7.81
CA ALA B 398 -16.61 15.43 -8.90
C ALA B 398 -17.68 16.59 -9.28
N LEU B 399 -17.44 17.55 -10.22
CA LEU B 399 -16.05 18.01 -10.55
C LEU B 399 -15.49 17.31 -11.78
N ARG B 400 -16.00 16.11 -12.00
CA ARG B 400 -16.03 15.48 -13.28
C ARG B 400 -16.60 16.57 -14.24
N ILE B 401 -17.22 17.59 -13.66
CA ILE B 401 -17.95 18.53 -14.55
C ILE B 401 -16.93 19.18 -15.46
N ASP B 402 -15.72 19.22 -15.03
CA ASP B 402 -14.71 19.92 -15.77
C ASP B 402 -14.48 19.28 -17.14
N VAL B 403 -14.64 17.97 -17.27
CA VAL B 403 -14.46 17.25 -18.50
C VAL B 403 -15.49 17.76 -19.50
N LEU B 404 -16.66 18.12 -19.00
CA LEU B 404 -17.74 18.44 -19.92
C LEU B 404 -17.48 19.82 -20.39
N ALA B 405 -17.08 20.64 -19.43
CA ALA B 405 -16.73 22.02 -19.66
C ALA B 405 -15.66 22.01 -20.74
N ALA B 406 -14.73 21.13 -20.59
CA ALA B 406 -13.72 20.94 -21.60
C ALA B 406 -14.22 20.66 -22.95
N LEU B 407 -15.01 19.62 -23.09
CA LEU B 407 -15.64 19.31 -24.37
C LEU B 407 -16.51 20.41 -24.96
N LEU B 408 -17.30 21.08 -24.11
CA LEU B 408 -18.25 22.13 -24.49
C LEU B 408 -17.41 23.26 -25.20
N HIS B 409 -16.18 23.35 -24.70
CA HIS B 409 -15.30 24.33 -25.18
C HIS B 409 -15.01 24.28 -26.68
N ARG B 410 -14.58 23.09 -27.18
CA ARG B 410 -14.54 22.78 -28.64
C ARG B 410 -15.96 22.39 -29.02
N GLU B 411 -16.31 21.90 -30.20
CA GLU B 411 -17.78 21.53 -30.25
C GLU B 411 -18.15 20.41 -29.32
N GLY B 412 -17.61 19.25 -29.59
CA GLY B 412 -17.71 18.19 -28.62
C GLY B 412 -19.08 17.55 -28.64
N SER B 413 -19.07 16.28 -28.99
CA SER B 413 -20.29 15.48 -29.01
C SER B 413 -20.38 14.45 -27.91
N VAL B 414 -21.56 13.85 -27.80
CA VAL B 414 -21.70 12.67 -26.98
C VAL B 414 -20.74 11.55 -27.42
N GLU B 415 -20.58 11.34 -28.72
CA GLU B 415 -19.58 10.44 -29.28
C GLU B 415 -18.18 10.66 -28.69
N ASP B 416 -17.73 11.92 -28.72
CA ASP B 416 -16.42 12.34 -28.23
C ASP B 416 -16.25 11.96 -26.77
N LEU B 417 -17.24 12.29 -25.95
CA LEU B 417 -17.25 11.90 -24.58
C LEU B 417 -17.10 10.39 -24.43
N LEU B 418 -17.98 9.60 -24.99
CA LEU B 418 -17.72 8.16 -25.19
C LEU B 418 -16.26 7.65 -25.47
N ALA B 419 -15.50 8.39 -26.24
CA ALA B 419 -14.19 7.89 -26.69
C ALA B 419 -13.06 8.12 -25.66
N LEU B 420 -13.33 9.04 -24.71
CA LEU B 420 -12.43 9.49 -23.67
C LEU B 420 -11.92 8.32 -22.83
N ASP B 421 -10.63 8.34 -22.63
CA ASP B 421 -10.03 7.35 -21.75
C ASP B 421 -9.90 7.89 -20.32
N LEU B 422 -10.98 7.83 -19.57
CA LEU B 422 -10.83 8.37 -18.16
C LEU B 422 -10.20 7.41 -17.16
N ALA B 423 -10.13 7.89 -15.92
CA ALA B 423 -9.35 7.14 -14.93
C ALA B 423 -10.22 6.29 -14.10
N TYR B 424 -9.88 5.00 -14.04
CA TYR B 424 -10.57 4.03 -13.21
C TYR B 424 -9.76 3.60 -11.96
N ALA B 425 -10.33 3.58 -10.77
CA ALA B 425 -9.73 2.70 -9.75
C ALA B 425 -10.72 2.61 -8.65
N PRO B 426 -10.79 1.49 -7.91
CA PRO B 426 -11.99 1.23 -7.10
C PRO B 426 -12.48 2.37 -6.11
N PRO B 427 -11.53 3.09 -5.55
CA PRO B 427 -11.85 4.11 -4.58
C PRO B 427 -12.50 5.29 -5.20
N PHE B 428 -12.41 5.53 -6.53
CA PHE B 428 -12.79 6.81 -7.16
C PHE B 428 -13.92 6.84 -8.21
N SER B 429 -14.07 5.71 -8.87
CA SER B 429 -15.05 5.57 -9.92
C SER B 429 -15.41 4.09 -10.00
N PRO B 430 -16.66 3.80 -10.28
CA PRO B 430 -16.95 2.48 -10.92
C PRO B 430 -16.10 2.19 -12.22
N VAL B 431 -16.09 0.99 -12.77
CA VAL B 431 -15.17 0.76 -13.87
C VAL B 431 -15.58 1.48 -15.21
N TRP B 432 -16.85 1.80 -15.34
CA TRP B 432 -17.31 2.73 -16.32
C TRP B 432 -17.52 4.10 -15.61
N ASP B 433 -16.81 5.11 -16.06
CA ASP B 433 -17.00 6.33 -15.34
C ASP B 433 -18.43 6.75 -15.50
N PRO B 434 -19.07 7.37 -14.48
CA PRO B 434 -20.45 7.85 -14.67
C PRO B 434 -20.63 8.82 -15.87
N LEU B 435 -19.63 9.61 -16.26
CA LEU B 435 -19.72 10.30 -17.54
C LEU B 435 -19.90 9.30 -18.68
N LEU B 436 -19.07 8.27 -18.73
CA LEU B 436 -19.22 7.27 -19.77
C LEU B 436 -20.53 6.56 -19.77
N ILE B 437 -21.05 6.21 -18.54
CA ILE B 437 -22.35 5.48 -18.49
C ILE B 437 -23.48 6.40 -19.16
N ALA B 438 -23.75 7.53 -18.57
CA ALA B 438 -24.49 8.61 -19.23
C ALA B 438 -24.38 8.75 -20.75
N ALA B 439 -23.16 8.71 -21.27
CA ALA B 439 -22.90 8.85 -22.69
C ALA B 439 -23.57 7.74 -23.49
N GLN B 440 -24.31 8.20 -24.53
CA GLN B 440 -25.53 7.55 -25.25
C GLN B 440 -26.53 6.66 -24.30
N GLN B 441 -25.93 5.40 -24.27
CA GLN B 441 -25.55 4.65 -23.10
C GLN B 441 -26.65 5.00 -22.05
N ALA B 442 -27.23 3.91 -21.45
CA ALA B 442 -28.49 3.85 -20.68
C ALA B 442 -29.23 5.23 -20.61
N ARG B 443 -30.54 5.26 -20.16
CA ARG B 443 -31.49 6.46 -20.30
C ARG B 443 -31.90 7.27 -19.01
N MET C 1 -45.57 -1.53 52.67
CA MET C 1 -45.92 -1.86 51.28
C MET C 1 -45.09 -3.07 50.56
N GLY C 2 -45.38 -3.29 49.26
CA GLY C 2 -44.75 -4.28 48.35
C GLY C 2 -44.59 -3.83 46.83
N LYS C 3 -43.88 -2.69 46.67
CA LYS C 3 -43.73 -2.01 45.42
C LYS C 3 -42.44 -2.44 44.63
N ARG C 4 -42.20 -1.72 43.52
CA ARG C 4 -41.24 -2.10 42.50
C ARG C 4 -39.94 -1.23 42.56
N MET C 5 -38.83 -1.93 42.81
CA MET C 5 -37.49 -1.38 42.82
C MET C 5 -36.72 -1.83 41.60
N VAL C 6 -36.31 -0.81 40.87
CA VAL C 6 -35.56 -0.94 39.63
C VAL C 6 -34.16 -0.39 39.81
N VAL C 7 -33.18 -1.28 39.51
CA VAL C 7 -31.76 -0.91 39.62
C VAL C 7 -31.11 -0.83 38.23
N VAL C 8 -30.69 0.37 37.92
CA VAL C 8 -29.98 0.55 36.68
C VAL C 8 -28.52 0.38 36.95
N GLY C 9 -27.94 -0.71 36.40
CA GLY C 9 -26.55 -1.10 36.66
C GLY C 9 -26.44 -2.12 37.78
N GLY C 10 -25.61 -3.13 37.54
CA GLY C 10 -25.59 -4.27 38.46
C GLY C 10 -24.24 -4.72 38.91
N VAL C 11 -23.28 -3.80 38.89
CA VAL C 11 -21.93 -4.24 39.20
C VAL C 11 -21.66 -4.24 40.67
N ALA C 12 -21.63 -3.11 41.36
CA ALA C 12 -21.31 -3.25 42.74
C ALA C 12 -22.26 -2.50 43.67
N GLY C 13 -22.38 -1.21 43.52
CA GLY C 13 -23.45 -0.51 44.19
C GLY C 13 -24.79 -1.09 43.84
N GLY C 14 -25.01 -1.38 42.55
CA GLY C 14 -26.30 -1.89 42.12
C GLY C 14 -26.65 -3.29 42.70
N ALA C 15 -25.75 -4.27 42.52
CA ALA C 15 -25.97 -5.58 43.17
C ALA C 15 -26.21 -5.52 44.69
N SER C 16 -25.54 -4.63 45.40
CA SER C 16 -25.69 -4.46 46.83
C SER C 16 -27.05 -4.01 47.22
N ALA C 17 -27.57 -3.03 46.49
CA ALA C 17 -28.89 -2.45 46.77
C ALA C 17 -29.97 -3.50 46.65
N ALA C 18 -29.96 -4.15 45.49
CA ALA C 18 -30.83 -5.27 45.15
C ALA C 18 -30.80 -6.33 46.22
N ALA C 19 -29.65 -6.92 46.49
CA ALA C 19 -29.54 -8.00 47.50
C ALA C 19 -30.10 -7.61 48.86
N LYS C 20 -29.79 -6.42 49.31
CA LYS C 20 -30.13 -6.06 50.67
C LYS C 20 -31.58 -5.66 50.72
N ALA C 21 -32.11 -4.92 49.72
CA ALA C 21 -33.53 -4.54 49.75
C ALA C 21 -34.36 -5.85 49.80
N LYS C 22 -34.00 -6.87 49.05
CA LYS C 22 -34.89 -7.99 48.89
C LYS C 22 -34.80 -8.91 50.09
N ARG C 23 -33.65 -8.82 50.78
CA ARG C 23 -33.45 -9.54 51.99
C ARG C 23 -34.22 -8.82 53.14
N GLU C 24 -34.19 -7.52 53.16
CA GLU C 24 -34.78 -6.80 54.24
C GLU C 24 -36.27 -6.71 54.06
N ASN C 25 -36.70 -6.70 52.80
CA ASN C 25 -38.10 -6.65 52.47
C ASN C 25 -38.61 -7.56 51.31
N PRO C 26 -38.87 -8.83 51.62
CA PRO C 26 -39.04 -9.74 50.46
C PRO C 26 -40.27 -9.43 49.63
N GLU C 27 -41.17 -8.59 50.19
CA GLU C 27 -42.34 -8.10 49.47
C GLU C 27 -41.91 -7.29 48.23
N LEU C 28 -40.68 -6.76 48.14
CA LEU C 28 -40.39 -5.91 47.01
C LEU C 28 -40.30 -6.77 45.75
N GLU C 29 -40.79 -6.21 44.63
CA GLU C 29 -40.42 -6.73 43.32
C GLU C 29 -39.06 -6.05 43.10
N VAL C 30 -37.99 -6.89 43.02
CA VAL C 30 -36.62 -6.42 42.70
C VAL C 30 -36.06 -6.85 41.29
N VAL C 31 -35.93 -5.81 40.40
CA VAL C 31 -35.40 -6.01 39.08
C VAL C 31 -34.10 -5.20 38.86
N VAL C 32 -33.03 -5.88 38.39
CA VAL C 32 -31.80 -5.21 37.98
C VAL C 32 -31.62 -5.22 36.47
N TYR C 33 -31.48 -4.05 35.83
CA TYR C 33 -30.99 -3.95 34.43
C TYR C 33 -29.49 -3.60 34.23
N GLU C 34 -28.74 -4.58 33.74
CA GLU C 34 -27.31 -4.39 33.60
C GLU C 34 -27.02 -4.29 32.12
N LYS C 35 -26.38 -3.24 31.59
CA LYS C 35 -26.06 -3.34 30.14
C LYS C 35 -24.89 -4.29 29.68
N SER C 36 -23.99 -4.60 30.62
CA SER C 36 -22.75 -5.27 30.33
C SER C 36 -22.87 -6.75 30.26
N GLY C 37 -23.95 -7.35 30.55
CA GLY C 37 -23.70 -8.77 30.28
C GLY C 37 -22.89 -9.55 31.32
N TRP C 38 -22.37 -8.83 32.31
CA TRP C 38 -22.00 -9.46 33.55
C TRP C 38 -22.51 -8.65 34.70
N VAL C 39 -22.69 -9.31 35.81
CA VAL C 39 -23.28 -8.59 36.93
C VAL C 39 -22.54 -9.08 38.19
N SER C 40 -22.37 -8.20 39.19
CA SER C 40 -21.86 -8.70 40.49
C SER C 40 -20.40 -9.46 40.46
N TYR C 41 -19.43 -8.74 39.89
CA TYR C 41 -18.06 -9.21 39.77
C TYR C 41 -17.11 -8.15 40.34
N GLY C 42 -15.97 -8.61 40.85
CA GLY C 42 -15.01 -7.69 41.45
C GLY C 42 -13.96 -7.21 40.46
N ALA C 43 -14.15 -6.02 39.86
CA ALA C 43 -13.17 -5.52 38.88
C ALA C 43 -11.74 -5.46 39.57
N CYS C 44 -11.73 -5.27 40.90
CA CYS C 44 -10.53 -5.15 41.75
C CYS C 44 -9.62 -6.27 41.48
N GLY C 45 -10.22 -7.41 41.25
CA GLY C 45 -9.53 -8.65 40.88
C GLY C 45 -8.94 -8.85 39.47
N LEU C 46 -9.30 -7.97 38.55
CA LEU C 46 -8.91 -8.18 37.15
C LEU C 46 -7.36 -8.34 36.91
N PRO C 47 -6.54 -7.45 37.54
CA PRO C 47 -5.11 -7.62 37.44
C PRO C 47 -4.61 -8.97 37.91
N TYR C 48 -5.34 -9.66 38.84
CA TYR C 48 -4.88 -10.99 39.34
C TYR C 48 -5.22 -12.14 38.39
N VAL C 49 -6.11 -11.83 37.46
CA VAL C 49 -6.53 -12.81 36.50
C VAL C 49 -5.69 -12.63 35.26
N LEU C 50 -5.40 -11.36 34.96
CA LEU C 50 -4.41 -11.00 33.95
C LEU C 50 -3.01 -11.61 34.19
N SER C 51 -2.61 -11.60 35.43
CA SER C 51 -1.28 -11.99 35.77
C SER C 51 -1.23 -13.50 35.74
N GLY C 52 -2.40 -14.16 35.73
CA GLY C 52 -2.43 -15.61 35.78
C GLY C 52 -2.47 -16.27 37.15
N GLU C 53 -2.28 -15.46 38.18
CA GLU C 53 -2.53 -15.96 39.53
C GLU C 53 -3.94 -16.55 39.78
N ILE C 54 -4.97 -15.84 39.35
CA ILE C 54 -6.32 -16.40 39.30
C ILE C 54 -6.60 -17.00 37.93
N PRO C 55 -6.64 -18.35 37.85
CA PRO C 55 -6.77 -19.16 36.64
C PRO C 55 -7.93 -18.72 35.65
N ARG C 56 -9.18 -18.62 36.09
CA ARG C 56 -10.25 -18.28 35.15
C ARG C 56 -10.89 -16.96 35.59
N LEU C 57 -11.34 -16.15 34.63
CA LEU C 57 -12.07 -14.89 34.90
C LEU C 57 -13.42 -14.98 35.77
N GLU C 58 -14.17 -16.10 35.66
CA GLU C 58 -15.48 -16.23 36.29
C GLU C 58 -15.23 -16.35 37.77
N ARG C 59 -14.00 -16.73 38.16
CA ARG C 59 -13.64 -16.77 39.55
C ARG C 59 -13.92 -15.42 40.33
N LEU C 60 -14.14 -14.36 39.53
CA LEU C 60 -14.33 -12.99 39.99
C LEU C 60 -15.78 -12.61 40.32
N VAL C 61 -16.75 -13.43 39.92
CA VAL C 61 -18.13 -13.07 40.23
C VAL C 61 -18.52 -13.53 41.66
N ALA C 62 -19.27 -12.65 42.35
CA ALA C 62 -19.82 -12.97 43.68
C ALA C 62 -21.14 -13.79 43.68
N ARG C 63 -22.01 -13.48 42.71
CA ARG C 63 -23.34 -14.07 42.66
C ARG C 63 -23.75 -14.10 41.19
N THR C 64 -24.13 -15.28 40.72
CA THR C 64 -24.71 -15.42 39.36
C THR C 64 -26.16 -15.07 39.24
N PRO C 65 -26.56 -14.68 38.01
CA PRO C 65 -27.96 -14.29 37.78
C PRO C 65 -28.95 -15.38 38.18
N GLU C 66 -28.52 -16.62 38.02
CA GLU C 66 -29.22 -17.72 38.61
C GLU C 66 -29.37 -17.64 40.15
N GLU C 67 -28.27 -17.38 40.88
CA GLU C 67 -28.37 -17.47 42.32
C GLU C 67 -29.25 -16.35 42.84
N PHE C 68 -29.20 -15.24 42.09
CA PHE C 68 -30.03 -14.07 42.29
C PHE C 68 -31.47 -14.45 42.18
N ARG C 69 -31.81 -15.04 41.02
CA ARG C 69 -33.15 -15.56 40.79
C ARG C 69 -33.64 -16.41 41.97
N LYS C 70 -32.95 -17.50 42.34
CA LYS C 70 -33.20 -18.24 43.62
C LYS C 70 -33.41 -17.38 44.88
N GLN C 71 -32.95 -16.12 44.89
CA GLN C 71 -33.14 -15.32 46.10
C GLN C 71 -34.10 -14.21 45.92
N GLY C 72 -34.85 -14.30 44.84
CA GLY C 72 -35.94 -13.37 44.58
C GLY C 72 -35.57 -12.14 43.77
N VAL C 73 -34.40 -12.20 43.14
CA VAL C 73 -33.95 -11.02 42.44
C VAL C 73 -33.81 -11.29 40.95
N LEU C 74 -34.42 -10.40 40.19
CA LEU C 74 -34.46 -10.59 38.75
C LEU C 74 -33.45 -9.73 38.06
N VAL C 75 -32.49 -10.37 37.39
CA VAL C 75 -31.41 -9.62 36.83
C VAL C 75 -31.37 -9.86 35.34
N HIS C 76 -31.28 -8.76 34.60
CA HIS C 76 -31.16 -8.75 33.14
C HIS C 76 -29.93 -8.11 32.60
N THR C 77 -29.02 -8.94 32.05
CA THR C 77 -27.75 -8.47 31.49
C THR C 77 -27.94 -8.14 30.02
N ARG C 78 -27.07 -7.33 29.49
CA ARG C 78 -27.17 -6.94 28.11
C ARG C 78 -28.48 -6.24 27.95
N HIS C 79 -28.85 -5.44 28.95
CA HIS C 79 -30.07 -4.56 28.96
C HIS C 79 -29.79 -3.15 29.38
N GLU C 80 -29.90 -2.24 28.41
CA GLU C 80 -29.51 -0.86 28.58
C GLU C 80 -30.72 0.02 28.88
N VAL C 81 -30.86 0.59 30.09
CA VAL C 81 -31.92 1.60 30.16
C VAL C 81 -31.61 2.90 29.50
N VAL C 82 -32.43 3.19 28.50
CA VAL C 82 -32.16 4.19 27.47
C VAL C 82 -32.79 5.52 27.77
N ASP C 83 -33.99 5.46 28.29
CA ASP C 83 -34.59 6.64 28.83
C ASP C 83 -35.42 6.46 30.13
N VAL C 84 -35.59 7.53 30.89
CA VAL C 84 -36.40 7.50 32.09
C VAL C 84 -37.32 8.69 32.10
N ASP C 85 -38.64 8.43 32.09
CA ASP C 85 -39.75 9.40 32.19
C ASP C 85 -40.07 9.62 33.64
N TYR C 86 -39.29 10.45 34.23
CA TYR C 86 -39.12 10.58 35.65
C TYR C 86 -40.28 11.17 36.30
N GLU C 87 -40.01 12.37 36.73
CA GLU C 87 -40.99 13.46 37.13
C GLU C 87 -40.91 14.90 36.34
N LEU C 88 -41.35 15.00 35.06
CA LEU C 88 -42.07 13.94 34.28
C LEU C 88 -43.03 13.06 35.18
N ARG C 89 -43.05 11.74 34.99
CA ARG C 89 -43.88 10.88 35.81
C ARG C 89 -44.03 9.50 35.20
N THR C 90 -43.50 8.63 36.07
CA THR C 90 -42.86 7.40 35.80
C THR C 90 -43.99 6.72 35.19
N LEU C 91 -43.75 6.35 33.91
CA LEU C 91 -43.52 4.98 33.41
C LEU C 91 -42.12 4.98 33.86
N THR C 92 -41.42 5.59 32.94
CA THR C 92 -40.01 5.74 32.82
C THR C 92 -39.49 4.42 32.38
N VAL C 93 -38.21 4.32 32.17
CA VAL C 93 -37.58 3.08 31.85
C VAL C 93 -38.15 2.60 30.48
N HIS C 94 -37.45 2.97 29.40
CA HIS C 94 -37.59 2.32 28.08
C HIS C 94 -36.32 1.62 28.20
N ASP C 95 -36.30 0.32 27.96
CA ASP C 95 -35.01 -0.21 27.60
C ASP C 95 -34.94 -1.32 26.62
N HIS C 96 -33.73 -1.68 26.25
CA HIS C 96 -33.38 -2.59 25.17
C HIS C 96 -32.81 -4.10 25.43
N ALA C 97 -33.52 -5.22 25.15
CA ALA C 97 -32.87 -6.62 25.24
C ALA C 97 -32.07 -6.91 23.99
N GLU C 98 -31.94 -8.25 23.74
CA GLU C 98 -31.57 -8.89 22.41
C GLU C 98 -32.73 -9.17 21.44
N GLY C 99 -32.70 -8.31 20.40
CA GLY C 99 -33.84 -7.94 19.57
C GLY C 99 -34.39 -6.60 20.06
N ARG C 100 -35.19 -6.69 21.12
CA ARG C 100 -36.30 -5.72 21.37
C ARG C 100 -36.04 -4.55 22.28
N THR C 101 -36.99 -3.65 22.28
CA THR C 101 -36.98 -2.63 23.27
C THR C 101 -38.39 -2.46 23.88
N PHE C 102 -38.53 -1.78 25.01
CA PHE C 102 -39.74 -1.91 25.86
C PHE C 102 -39.86 -1.06 27.11
N GLN C 103 -41.01 -1.15 27.76
CA GLN C 103 -41.31 -0.26 28.91
C GLN C 103 -41.35 -0.91 30.34
N ASP C 104 -40.98 -0.13 31.35
CA ASP C 104 -41.18 -0.61 32.68
C ASP C 104 -41.48 0.56 33.56
N ARG C 105 -41.84 0.29 34.81
CA ARG C 105 -42.22 1.39 35.72
C ARG C 105 -41.46 1.02 36.90
N PHE C 106 -41.35 2.05 37.74
CA PHE C 106 -40.73 1.87 39.01
C PHE C 106 -41.46 2.68 40.08
N ASP C 107 -41.20 2.28 41.32
CA ASP C 107 -41.58 3.05 42.53
C ASP C 107 -40.30 3.61 43.23
N HIS C 108 -39.28 2.76 43.34
CA HIS C 108 -37.94 3.19 43.73
C HIS C 108 -37.00 2.89 42.59
N LEU C 109 -36.15 3.89 42.31
CA LEU C 109 -35.16 3.78 41.25
C LEU C 109 -33.84 3.94 41.91
N VAL C 110 -32.94 3.00 41.66
CA VAL C 110 -31.54 3.18 42.12
C VAL C 110 -30.65 3.26 40.88
N LEU C 111 -29.97 4.41 40.80
CA LEU C 111 -28.98 4.69 39.79
C LEU C 111 -27.59 4.20 40.25
N ALA C 112 -27.06 3.22 39.54
CA ALA C 112 -25.85 2.60 39.89
C ALA C 112 -25.21 2.26 38.59
N THR C 113 -25.08 3.29 37.78
CA THR C 113 -24.45 3.16 36.47
C THR C 113 -22.90 3.23 36.43
N GLY C 114 -22.27 3.52 37.57
CA GLY C 114 -20.82 3.44 37.66
C GLY C 114 -20.02 4.54 37.02
N ALA C 115 -18.84 4.13 36.55
CA ALA C 115 -17.89 5.05 35.90
C ALA C 115 -17.16 4.45 34.68
N ARG C 116 -16.82 5.34 33.76
CA ARG C 116 -16.14 4.92 32.53
C ARG C 116 -14.73 5.55 32.47
N PRO C 117 -13.77 4.87 31.77
CA PRO C 117 -12.43 5.39 31.57
C PRO C 117 -12.50 6.80 31.08
N SER C 118 -11.60 7.60 31.64
CA SER C 118 -11.47 8.99 31.22
C SER C 118 -10.32 9.09 30.29
N LEU C 119 -10.59 9.09 28.98
CA LEU C 119 -9.52 9.05 27.94
C LEU C 119 -8.93 10.39 27.47
N PRO C 120 -7.59 10.55 27.61
CA PRO C 120 -6.92 11.71 26.99
C PRO C 120 -7.08 11.73 25.44
N PRO C 121 -7.21 12.95 24.96
CA PRO C 121 -7.32 13.11 23.51
C PRO C 121 -5.98 12.82 22.88
N ILE C 122 -5.81 11.63 22.34
CA ILE C 122 -4.50 11.33 21.77
C ILE C 122 -4.74 10.60 20.52
N PRO C 123 -4.14 11.07 19.46
CA PRO C 123 -4.33 10.48 18.13
C PRO C 123 -3.85 9.02 18.09
N GLY C 124 -4.74 8.14 17.68
CA GLY C 124 -4.37 6.74 17.45
C GLY C 124 -4.87 5.83 18.56
N THR C 125 -5.63 6.39 19.49
CA THR C 125 -6.22 5.65 20.57
C THR C 125 -7.14 4.58 20.04
N GLU C 126 -7.65 4.76 18.85
CA GLU C 126 -8.68 3.91 18.34
C GLU C 126 -8.11 2.62 17.78
N GLN C 127 -6.79 2.53 17.75
CA GLN C 127 -6.19 1.34 17.22
C GLN C 127 -6.27 0.11 18.11
N GLU C 128 -5.71 -0.96 17.55
CA GLU C 128 -6.16 -2.29 17.75
C GLU C 128 -5.49 -2.86 19.01
N GLY C 129 -4.27 -2.49 19.32
CA GLY C 129 -3.80 -3.00 20.60
C GLY C 129 -3.83 -2.04 21.82
N VAL C 130 -4.61 -0.98 21.72
CA VAL C 130 -4.81 -0.11 22.87
C VAL C 130 -6.05 -0.57 23.62
N TYR C 131 -5.88 -0.75 24.93
CA TYR C 131 -6.82 -1.36 25.87
C TYR C 131 -7.11 -0.47 27.08
N THR C 132 -8.23 -0.79 27.73
CA THR C 132 -8.64 -0.15 28.99
C THR C 132 -8.87 -1.28 30.04
N LEU C 133 -8.75 -1.02 31.34
CA LEU C 133 -9.06 -2.16 32.30
C LEU C 133 -10.24 -1.90 33.25
N ARG C 134 -11.47 -2.15 32.83
CA ARG C 134 -12.54 -1.61 33.64
C ARG C 134 -13.55 -2.70 33.97
N THR C 135 -13.71 -3.66 33.06
CA THR C 135 -14.91 -4.51 32.99
C THR C 135 -14.48 -5.88 32.67
N MET C 136 -15.43 -6.82 32.71
CA MET C 136 -15.08 -8.23 32.44
C MET C 136 -14.67 -8.42 31.01
N GLU C 137 -15.26 -7.62 30.14
CA GLU C 137 -14.97 -7.67 28.71
C GLU C 137 -13.57 -7.08 28.48
N ASP C 138 -13.27 -5.97 29.10
CA ASP C 138 -11.88 -5.55 29.08
C ASP C 138 -10.93 -6.74 29.41
N GLY C 139 -11.16 -7.43 30.54
CA GLY C 139 -10.39 -8.58 30.87
C GLY C 139 -10.32 -9.62 29.76
N GLU C 140 -11.44 -10.01 29.16
CA GLU C 140 -11.41 -10.94 28.01
C GLU C 140 -10.46 -10.45 26.94
N ARG C 141 -10.74 -9.25 26.41
CA ARG C 141 -9.88 -8.69 25.41
C ARG C 141 -8.32 -8.80 25.75
N LEU C 142 -7.92 -8.22 26.86
CA LEU C 142 -6.57 -8.35 27.40
C LEU C 142 -6.09 -9.76 27.51
N LEU C 143 -6.98 -10.67 27.88
CA LEU C 143 -6.52 -12.02 28.20
C LEU C 143 -6.14 -12.77 26.95
N LYS C 144 -6.84 -12.42 25.88
CA LYS C 144 -6.49 -12.80 24.49
C LYS C 144 -5.14 -12.29 23.94
N ALA C 145 -4.95 -10.98 24.02
CA ALA C 145 -3.64 -10.33 23.72
C ALA C 145 -2.42 -10.86 24.51
N LEU C 146 -2.59 -11.02 25.83
CA LEU C 146 -1.46 -11.18 26.70
C LEU C 146 -0.57 -12.29 26.26
N PRO C 147 -1.08 -13.52 26.09
CA PRO C 147 -0.11 -14.63 25.81
C PRO C 147 0.34 -14.50 24.37
N GLN C 148 1.59 -14.19 24.08
CA GLN C 148 1.86 -13.55 22.77
C GLN C 148 2.42 -12.20 22.94
N ALA C 149 3.02 -12.02 24.12
CA ALA C 149 3.81 -10.87 24.57
C ALA C 149 3.39 -9.58 23.87
N ARG C 150 4.33 -8.65 23.50
CA ARG C 150 5.82 -8.62 23.76
C ARG C 150 6.32 -7.43 24.59
N ARG C 151 5.90 -6.25 24.20
CA ARG C 151 6.32 -5.01 24.85
C ARG C 151 5.06 -4.22 25.27
N ALA C 152 4.91 -3.91 26.56
CA ALA C 152 3.78 -3.06 26.97
C ALA C 152 4.12 -1.60 27.35
N ALA C 153 3.33 -0.65 26.90
CA ALA C 153 3.33 0.66 27.53
C ALA C 153 2.08 0.92 28.37
N ILE C 154 2.21 1.45 29.56
CA ILE C 154 1.05 1.79 30.40
C ILE C 154 1.00 3.28 30.61
N LEU C 155 -0.02 3.95 30.16
CA LEU C 155 -0.18 5.36 30.55
C LEU C 155 -0.88 5.55 31.90
N GLY C 156 -0.28 6.28 32.82
CA GLY C 156 -0.82 6.61 34.09
C GLY C 156 -0.22 5.67 35.15
N ALA C 157 0.39 6.22 36.19
CA ALA C 157 0.96 5.36 37.23
C ALA C 157 0.19 5.66 38.52
N GLY C 158 -1.18 5.69 38.42
CA GLY C 158 -2.11 5.55 39.52
C GLY C 158 -2.15 4.13 40.05
N TYR C 159 -3.08 3.81 40.92
CA TYR C 159 -3.00 2.49 41.51
C TYR C 159 -3.28 1.39 40.44
N ILE C 160 -4.22 1.57 39.53
CA ILE C 160 -4.48 0.40 38.65
C ILE C 160 -3.48 0.77 37.68
N GLY C 161 -2.76 -0.14 37.09
CA GLY C 161 -1.71 0.61 36.38
C GLY C 161 -0.34 0.47 36.98
N LEU C 162 -0.19 0.84 38.23
CA LEU C 162 0.86 0.15 39.05
C LEU C 162 0.44 -1.26 39.22
N GLU C 163 -0.85 -1.52 39.45
CA GLU C 163 -1.28 -2.90 39.51
C GLU C 163 -1.02 -3.64 38.16
N ALA C 164 -1.26 -2.92 37.07
CA ALA C 164 -1.09 -3.51 35.74
C ALA C 164 0.31 -3.90 35.37
N ALA C 165 1.26 -2.99 35.70
CA ALA C 165 2.69 -3.21 35.60
C ALA C 165 3.07 -4.55 36.22
N GLU C 166 2.59 -4.89 37.42
CA GLU C 166 2.89 -6.18 38.02
C GLU C 166 2.26 -7.36 37.25
N ALA C 167 0.97 -7.29 36.96
CA ALA C 167 0.36 -8.30 36.14
C ALA C 167 1.14 -8.57 34.83
N PHE C 168 1.55 -7.51 34.13
CA PHE C 168 2.24 -7.70 32.86
C PHE C 168 3.61 -8.31 32.98
N ARG C 169 4.30 -7.90 34.02
CA ARG C 169 5.64 -8.43 34.23
C ARG C 169 5.59 -9.89 34.55
N LYS C 170 4.57 -10.30 35.33
CA LYS C 170 4.34 -11.70 35.68
C LYS C 170 4.01 -12.52 34.42
N ARG C 171 3.43 -11.85 33.44
CA ARG C 171 3.11 -12.49 32.20
C ARG C 171 4.28 -12.45 31.20
N GLY C 172 5.42 -11.94 31.66
CA GLY C 172 6.60 -11.93 30.85
C GLY C 172 6.88 -10.70 29.98
N LEU C 173 5.98 -9.76 29.83
CA LEU C 173 6.24 -8.71 28.84
C LEU C 173 7.28 -7.76 29.41
N GLN C 174 7.89 -6.92 28.54
CA GLN C 174 8.66 -5.80 29.06
C GLN C 174 7.75 -4.66 29.16
N VAL C 175 7.86 -3.96 30.26
CA VAL C 175 6.87 -2.94 30.51
C VAL C 175 7.47 -1.54 30.79
N THR C 176 7.03 -0.52 30.03
CA THR C 176 7.42 0.80 30.41
C THR C 176 6.23 1.66 30.93
N LEU C 177 6.43 2.43 32.01
CA LEU C 177 5.29 3.17 32.61
C LEU C 177 5.42 4.59 32.23
N LEU C 178 4.39 5.23 31.68
CA LEU C 178 4.57 6.66 31.34
C LEU C 178 3.70 7.53 32.24
N GLU C 179 4.26 8.52 32.87
CA GLU C 179 3.40 9.34 33.68
C GLU C 179 3.65 10.80 33.36
N ALA C 180 2.59 11.60 33.25
CA ALA C 180 2.69 13.09 33.04
C ALA C 180 3.32 13.92 34.21
N LYS C 181 2.83 13.66 35.41
CA LYS C 181 3.45 14.23 36.58
C LYS C 181 4.80 13.53 36.91
N ASP C 182 5.48 14.05 37.93
CA ASP C 182 6.90 13.69 38.22
C ASP C 182 7.20 12.34 38.97
N ARG C 183 6.21 11.72 39.58
CA ARG C 183 6.46 10.56 40.40
C ARG C 183 5.32 9.57 40.09
N PRO C 184 5.53 8.31 40.39
CA PRO C 184 4.41 7.38 40.43
C PRO C 184 3.53 7.79 41.60
N LEU C 185 2.26 7.40 41.55
CA LEU C 185 1.31 7.77 42.62
C LEU C 185 1.39 9.27 42.94
N PRO C 186 1.18 10.09 41.93
CA PRO C 186 1.30 11.55 41.95
C PRO C 186 0.27 12.22 42.85
N HIS C 187 -0.76 11.48 43.17
CA HIS C 187 -1.76 12.11 44.00
C HIS C 187 -1.48 12.13 45.47
N TRP C 188 -0.36 11.53 45.82
CA TRP C 188 0.04 11.41 47.17
C TRP C 188 1.34 12.17 47.25
N ASP C 189 1.81 12.48 48.46
CA ASP C 189 3.17 12.93 48.73
C ASP C 189 4.33 12.05 48.15
N PRO C 190 5.51 12.66 47.96
CA PRO C 190 6.48 12.12 47.03
C PRO C 190 7.33 11.00 47.59
N GLU C 191 7.47 10.93 48.92
CA GLU C 191 8.23 9.86 49.58
C GLU C 191 7.68 8.53 49.23
N VAL C 192 6.34 8.45 49.30
CA VAL C 192 5.65 7.23 48.88
C VAL C 192 5.90 6.92 47.38
N GLY C 193 5.74 7.90 46.46
CA GLY C 193 6.01 7.69 45.03
C GLY C 193 7.38 7.06 44.84
N ALA C 194 8.32 7.62 45.61
CA ALA C 194 9.72 7.26 45.51
C ALA C 194 9.96 5.80 45.80
N LEU C 195 9.37 5.36 46.92
CA LEU C 195 9.45 3.93 47.27
C LEU C 195 8.91 3.03 46.15
N LEU C 196 7.90 3.52 45.45
CA LEU C 196 7.27 2.80 44.39
C LEU C 196 8.16 2.72 43.15
N LYS C 197 8.76 3.89 42.80
CA LYS C 197 9.78 3.94 41.71
C LYS C 197 10.90 2.89 41.87
N GLU C 198 11.44 2.84 43.06
CA GLU C 198 12.47 1.91 43.35
C GLU C 198 11.99 0.47 43.24
N GLU C 199 10.77 0.19 43.68
CA GLU C 199 10.27 -1.18 43.55
C GLU C 199 9.97 -1.58 42.13
N LEU C 200 9.41 -0.62 41.38
CA LEU C 200 9.09 -0.92 40.00
C LEU C 200 10.35 -1.20 39.23
N GLU C 201 11.32 -0.32 39.46
CA GLU C 201 12.62 -0.52 38.84
C GLU C 201 13.26 -1.85 39.16
N ARG C 202 13.39 -2.17 40.46
CA ARG C 202 13.86 -3.44 40.96
C ARG C 202 13.20 -4.63 40.26
N HIS C 203 11.93 -4.52 39.85
CA HIS C 203 11.32 -5.63 39.10
C HIS C 203 11.36 -5.51 37.58
N GLY C 204 12.14 -4.60 37.03
CA GLY C 204 12.34 -4.55 35.59
C GLY C 204 11.38 -3.66 34.85
N VAL C 205 10.76 -2.74 35.57
CA VAL C 205 9.78 -1.88 34.91
C VAL C 205 10.47 -0.56 34.67
N GLU C 206 10.42 -0.06 33.43
CA GLU C 206 11.00 1.24 33.18
C GLU C 206 10.03 2.34 33.51
N VAL C 207 10.35 3.27 34.43
CA VAL C 207 9.32 4.29 34.67
C VAL C 207 9.70 5.65 34.11
N TRP C 208 9.17 6.09 32.91
CA TRP C 208 9.29 7.48 32.37
C TRP C 208 8.37 8.47 33.14
N THR C 209 8.97 9.49 33.70
CA THR C 209 8.25 10.52 34.39
C THR C 209 8.17 11.86 33.62
N GLY C 210 7.23 12.73 33.97
CA GLY C 210 7.05 14.01 33.30
C GLY C 210 7.07 13.91 31.79
N VAL C 211 6.14 13.15 31.28
CA VAL C 211 6.24 12.60 29.93
C VAL C 211 4.95 12.93 29.26
N LYS C 212 5.03 13.61 28.11
CA LYS C 212 3.86 14.07 27.37
C LYS C 212 3.76 13.09 26.26
N VAL C 213 2.69 12.29 26.27
CA VAL C 213 2.42 11.38 25.13
C VAL C 213 1.86 12.11 23.88
N GLU C 214 2.53 12.01 22.75
CA GLU C 214 2.02 12.76 21.62
C GLU C 214 1.13 11.95 20.65
N ALA C 215 1.40 10.66 20.45
CA ALA C 215 0.46 9.86 19.69
C ALA C 215 0.84 8.44 19.65
N PHE C 216 -0.12 7.59 19.23
CA PHE C 216 0.11 6.16 19.14
C PHE C 216 0.43 5.73 17.72
N ARG C 217 1.64 5.26 17.49
CA ARG C 217 2.03 4.98 16.15
C ARG C 217 1.42 3.72 15.51
N GLY C 218 0.98 3.82 14.29
CA GLY C 218 0.55 2.62 13.62
C GLY C 218 -0.50 2.84 12.56
N MET C 219 -0.73 1.82 11.76
CA MET C 219 -1.74 1.89 10.72
C MET C 219 -3.01 1.19 11.08
N GLY C 220 -3.39 1.37 12.32
CA GLY C 220 -4.56 0.76 12.89
C GLY C 220 -4.17 -0.36 13.80
N ARG C 221 -2.88 -0.54 14.00
CA ARG C 221 -2.42 -1.59 14.88
C ARG C 221 -1.78 -1.12 16.14
N VAL C 222 -0.85 -0.17 16.07
CA VAL C 222 -0.12 0.29 17.32
C VAL C 222 1.09 -0.54 17.62
N GLU C 223 2.19 0.19 17.70
CA GLU C 223 3.46 -0.42 17.69
C GLU C 223 4.31 0.56 18.35
N ALA C 224 3.86 1.80 18.46
CA ALA C 224 4.72 2.73 19.16
C ALA C 224 4.31 3.45 20.36
N VAL C 225 3.61 4.56 20.35
CA VAL C 225 3.86 5.62 21.45
C VAL C 225 5.12 6.53 21.30
N GLU C 226 4.78 7.69 20.72
CA GLU C 226 5.63 8.84 20.52
C GLU C 226 5.33 9.83 21.65
N THR C 227 6.36 10.13 22.43
CA THR C 227 6.28 10.98 23.59
C THR C 227 7.24 12.10 23.47
N SER C 228 7.02 13.12 24.26
CA SER C 228 7.97 14.19 24.40
C SER C 228 9.43 13.69 24.65
N GLU C 229 9.58 12.48 25.17
CA GLU C 229 10.88 12.03 25.61
C GLU C 229 11.41 10.93 24.75
N GLY C 230 10.86 10.75 23.58
CA GLY C 230 11.36 9.72 22.71
C GLY C 230 10.29 8.77 22.34
N VAL C 231 10.67 7.67 21.70
CA VAL C 231 9.70 6.70 21.20
C VAL C 231 9.71 5.39 21.94
N VAL C 232 8.56 5.02 22.49
CA VAL C 232 8.52 3.76 23.22
C VAL C 232 7.94 2.66 22.34
N PRO C 233 8.73 1.68 21.96
CA PRO C 233 8.02 0.62 21.27
C PRO C 233 7.10 -0.30 22.17
N ALA C 234 5.89 -0.59 21.66
CA ALA C 234 4.90 -1.33 22.37
C ALA C 234 3.85 -1.93 21.43
N ASP C 235 3.65 -3.23 21.44
CA ASP C 235 2.53 -3.83 20.74
C ASP C 235 1.23 -3.85 21.50
N LEU C 236 1.32 -3.72 22.82
CA LEU C 236 0.17 -3.48 23.64
C LEU C 236 0.32 -2.22 24.58
N VAL C 237 -0.72 -1.42 24.62
CA VAL C 237 -0.74 -0.28 25.49
C VAL C 237 -2.09 -0.20 26.31
N LEU C 238 -1.94 0.01 27.59
CA LEU C 238 -3.02 0.18 28.54
C LEU C 238 -3.20 1.63 29.00
N LEU C 239 -4.39 2.13 28.86
CA LEU C 239 -4.68 3.48 29.26
C LEU C 239 -5.21 3.36 30.64
N ALA C 240 -4.56 4.05 31.57
CA ALA C 240 -4.85 3.98 33.00
C ALA C 240 -4.79 5.40 33.66
N THR C 241 -5.69 6.22 33.17
CA THR C 241 -5.51 7.64 33.23
C THR C 241 -6.73 8.22 33.88
N GLY C 242 -7.42 7.42 34.68
CA GLY C 242 -8.58 7.97 35.30
C GLY C 242 -9.90 7.46 34.83
N ILE C 243 -10.92 7.73 35.62
CA ILE C 243 -12.27 7.34 35.28
C ILE C 243 -13.08 8.55 35.55
N ARG C 244 -14.24 8.64 34.90
CA ARG C 244 -15.27 9.66 35.15
C ARG C 244 -16.67 9.00 35.37
N PRO C 245 -17.56 9.66 36.18
CA PRO C 245 -18.86 9.04 36.47
C PRO C 245 -19.80 8.97 35.24
N ASN C 246 -20.61 7.89 35.16
CA ASN C 246 -21.63 7.76 34.14
C ASN C 246 -22.91 8.49 34.48
N THR C 247 -22.87 9.80 34.39
CA THR C 247 -23.99 10.60 34.86
C THR C 247 -24.96 11.02 33.73
N GLU C 248 -24.72 10.53 32.51
CA GLU C 248 -25.46 10.98 31.37
C GLU C 248 -27.00 10.71 31.44
N LEU C 249 -27.36 9.47 31.82
CA LEU C 249 -28.76 9.11 32.01
C LEU C 249 -29.41 9.83 33.19
N ALA C 250 -28.68 10.05 34.24
CA ALA C 250 -29.32 10.73 35.36
C ALA C 250 -29.58 12.24 35.10
N GLN C 251 -28.77 12.83 34.22
CA GLN C 251 -28.97 14.24 33.93
C GLN C 251 -30.14 14.35 33.00
N ALA C 252 -30.24 13.43 32.02
CA ALA C 252 -31.40 13.31 31.14
C ALA C 252 -32.74 13.38 31.95
N MET C 253 -32.78 12.78 33.13
CA MET C 253 -33.99 12.80 33.86
C MET C 253 -34.00 13.89 34.96
N GLY C 254 -33.05 14.83 34.91
CA GLY C 254 -33.02 15.93 35.83
C GLY C 254 -32.59 15.60 37.25
N VAL C 255 -31.65 14.64 37.41
CA VAL C 255 -31.06 14.37 38.74
C VAL C 255 -29.88 15.32 38.86
N ALA C 256 -29.76 15.98 40.02
CA ALA C 256 -28.69 16.93 40.29
C ALA C 256 -27.25 16.34 40.44
N LEU C 257 -26.29 16.95 39.74
CA LEU C 257 -24.90 16.62 40.01
C LEU C 257 -24.35 17.48 41.17
N GLY C 258 -23.41 16.91 41.95
CA GLY C 258 -22.70 17.67 42.94
C GLY C 258 -21.49 18.34 42.29
N PRO C 259 -20.81 19.16 43.06
CA PRO C 259 -19.69 19.86 42.48
C PRO C 259 -18.61 18.94 41.84
N THR C 260 -18.59 17.70 42.26
CA THR C 260 -17.57 16.80 41.77
C THR C 260 -17.89 16.39 40.39
N GLY C 261 -19.17 16.53 40.00
CA GLY C 261 -19.71 15.91 38.82
C GLY C 261 -20.33 14.55 38.90
N ALA C 262 -20.18 13.93 40.08
CA ALA C 262 -20.88 12.71 40.44
C ALA C 262 -22.29 13.11 40.85
N ILE C 263 -23.16 12.12 40.96
CA ILE C 263 -24.51 12.39 41.53
C ILE C 263 -24.47 12.83 43.00
N ALA C 264 -25.22 13.90 43.30
CA ALA C 264 -25.36 14.37 44.68
C ALA C 264 -26.27 13.51 45.48
N THR C 265 -25.93 13.29 46.77
CA THR C 265 -26.76 12.38 47.64
C THR C 265 -26.95 12.86 49.14
N ASP C 266 -27.88 12.31 49.88
CA ASP C 266 -27.82 12.53 51.31
C ASP C 266 -27.40 11.28 52.12
N GLU C 267 -27.45 11.36 53.44
CA GLU C 267 -27.07 10.22 54.25
C GLU C 267 -27.98 9.02 53.92
N ARG C 268 -29.00 9.25 53.11
CA ARG C 268 -29.87 8.12 52.77
C ARG C 268 -29.65 7.57 51.35
N MET C 269 -28.72 8.21 50.63
CA MET C 269 -28.40 7.92 49.22
C MET C 269 -29.50 8.50 48.30
N ARG C 270 -30.29 9.40 48.86
CA ARG C 270 -31.37 9.87 48.03
C ARG C 270 -30.89 11.10 47.20
N THR C 271 -31.08 11.10 45.90
CA THR C 271 -30.86 12.27 45.07
C THR C 271 -31.93 13.30 45.33
N ASN C 272 -31.96 14.31 44.45
CA ASN C 272 -32.92 15.40 44.46
C ASN C 272 -34.37 15.04 44.12
N LEU C 273 -34.51 14.04 43.26
CA LEU C 273 -35.83 13.44 42.97
C LEU C 273 -36.33 12.37 43.99
N GLU C 274 -37.54 12.58 44.50
CA GLU C 274 -38.27 11.63 45.33
C GLU C 274 -38.25 10.29 44.66
N GLY C 275 -37.89 9.25 45.39
CA GLY C 275 -37.91 7.90 44.85
C GLY C 275 -36.69 7.39 44.07
N VAL C 276 -35.75 8.29 43.81
CA VAL C 276 -34.53 7.97 43.07
C VAL C 276 -33.31 8.15 43.98
N TYR C 277 -32.52 7.08 44.02
CA TYR C 277 -31.29 6.98 44.81
C TYR C 277 -30.09 6.83 43.87
N ALA C 278 -28.91 7.26 44.32
CA ALA C 278 -27.73 6.72 43.63
C ALA C 278 -26.69 5.97 44.58
N ALA C 279 -25.95 5.02 43.96
CA ALA C 279 -24.99 4.20 44.69
C ALA C 279 -23.77 3.84 43.85
N GLY C 280 -22.58 3.84 44.46
CA GLY C 280 -21.34 3.31 43.89
C GLY C 280 -20.57 4.41 43.17
N ASP C 281 -20.02 4.09 42.03
CA ASP C 281 -19.16 5.05 41.40
C ASP C 281 -19.84 6.14 40.64
N VAL C 282 -21.15 6.25 40.61
CA VAL C 282 -21.69 7.41 39.92
C VAL C 282 -22.08 8.46 41.01
N ALA C 283 -21.82 8.10 42.28
CA ALA C 283 -22.25 8.91 43.41
C ALA C 283 -21.16 9.53 44.25
N GLU C 284 -21.38 10.81 44.58
CA GLU C 284 -20.57 11.53 45.59
C GLU C 284 -20.74 10.92 46.93
N SER C 285 -19.74 11.09 47.78
CA SER C 285 -19.82 10.78 49.22
C SER C 285 -19.38 11.97 50.04
N PHE C 286 -19.85 12.03 51.30
CA PHE C 286 -19.36 13.15 52.10
C PHE C 286 -17.93 12.82 52.68
N HIS C 287 -16.95 13.69 52.38
CA HIS C 287 -15.62 13.57 52.99
C HIS C 287 -15.58 14.20 54.42
N ARG C 288 -15.12 13.43 55.39
CA ARG C 288 -15.33 13.82 56.78
C ARG C 288 -14.20 14.73 57.24
N VAL C 289 -13.11 14.73 56.50
CA VAL C 289 -11.98 15.52 56.91
C VAL C 289 -12.14 16.85 56.22
N LEU C 290 -12.35 16.81 54.89
CA LEU C 290 -12.70 18.04 54.17
C LEU C 290 -14.06 18.68 54.53
N LYS C 291 -14.94 17.91 55.19
CA LYS C 291 -16.28 18.43 55.57
C LYS C 291 -17.08 18.98 54.34
N ARG C 292 -17.07 18.22 53.24
CA ARG C 292 -17.86 18.52 52.05
C ARG C 292 -17.95 17.26 51.09
N PRO C 293 -18.83 17.34 50.05
CA PRO C 293 -18.93 16.16 49.15
C PRO C 293 -17.68 15.98 48.30
N TYR C 294 -17.54 14.77 47.78
CA TYR C 294 -16.23 14.35 47.32
C TYR C 294 -16.43 13.10 46.47
N TRP C 295 -15.48 12.71 45.66
CA TRP C 295 -15.78 11.54 44.82
C TRP C 295 -14.84 10.45 45.19
N LEU C 296 -15.34 9.34 45.64
CA LEU C 296 -14.37 8.36 46.12
C LEU C 296 -14.79 7.02 45.53
N PRO C 297 -14.59 6.86 44.20
CA PRO C 297 -14.94 5.64 43.48
C PRO C 297 -14.21 4.35 43.81
N LEU C 298 -14.36 3.88 45.03
CA LEU C 298 -13.88 2.58 45.52
C LEU C 298 -15.01 1.57 45.79
N GLY C 299 -14.63 0.31 45.69
CA GLY C 299 -15.54 -0.79 45.73
C GLY C 299 -16.19 -1.01 47.07
N ASP C 300 -15.41 -0.74 48.11
CA ASP C 300 -15.97 -0.76 49.44
C ASP C 300 -17.08 0.29 49.65
N VAL C 301 -16.78 1.53 49.26
CA VAL C 301 -17.79 2.57 49.32
C VAL C 301 -18.96 2.29 48.38
N ALA C 302 -18.74 1.57 47.26
CA ALA C 302 -19.91 1.16 46.42
C ALA C 302 -20.83 0.28 47.24
N ASN C 303 -20.25 -0.76 47.87
CA ASN C 303 -21.04 -1.63 48.71
C ASN C 303 -21.77 -0.97 49.91
N LYS C 304 -21.13 0.00 50.51
CA LYS C 304 -21.76 0.77 51.57
C LYS C 304 -22.86 1.66 50.97
N HIS C 305 -22.60 2.37 49.86
CA HIS C 305 -23.74 3.05 49.17
C HIS C 305 -24.91 2.15 48.96
N GLY C 306 -24.69 1.02 48.31
CA GLY C 306 -25.76 0.15 47.82
C GLY C 306 -26.54 -0.44 48.95
N ARG C 307 -25.84 -0.92 49.95
CA ARG C 307 -26.50 -1.40 51.16
C ARG C 307 -27.34 -0.35 51.88
N THR C 308 -26.92 0.89 51.91
CA THR C 308 -27.71 1.93 52.52
C THR C 308 -28.97 2.11 51.73
N ALA C 309 -28.86 2.27 50.44
CA ALA C 309 -30.07 2.51 49.62
C ALA C 309 -31.07 1.36 49.79
N GLY C 310 -30.56 0.15 49.55
CA GLY C 310 -31.31 -1.08 49.69
C GLY C 310 -32.07 -1.09 51.04
N SER C 311 -31.35 -1.04 52.19
CA SER C 311 -32.04 -0.89 53.49
C SER C 311 -33.18 0.17 53.56
N VAL C 312 -32.82 1.38 53.13
CA VAL C 312 -33.75 2.50 53.21
C VAL C 312 -35.07 2.16 52.48
N ILE C 313 -34.96 1.75 51.21
CA ILE C 313 -36.09 1.30 50.38
C ILE C 313 -36.90 0.16 51.01
N ALA C 314 -36.22 -0.83 51.61
CA ALA C 314 -36.90 -1.93 52.33
C ALA C 314 -37.44 -1.44 53.72
N GLY C 315 -37.29 -0.14 53.95
CA GLY C 315 -37.96 0.51 55.04
C GLY C 315 -37.23 0.33 56.34
N ARG C 316 -36.04 -0.28 56.35
CA ARG C 316 -35.06 -0.11 57.48
C ARG C 316 -34.44 1.27 57.53
N GLU C 317 -34.10 1.67 58.76
CA GLU C 317 -33.51 2.99 59.07
C GLU C 317 -32.02 2.77 58.81
N ALA C 318 -31.48 3.45 57.81
CA ALA C 318 -30.06 3.22 57.47
C ALA C 318 -29.49 4.57 56.98
N ARG C 319 -28.26 4.88 57.41
CA ARG C 319 -27.63 6.13 56.98
C ARG C 319 -26.21 5.84 56.61
N PHE C 320 -25.73 6.61 55.63
CA PHE C 320 -24.34 6.55 55.21
C PHE C 320 -23.68 7.82 55.65
N LEU C 321 -22.62 7.66 56.44
CA LEU C 321 -22.12 8.90 57.09
C LEU C 321 -20.82 9.52 56.60
N GLY C 322 -20.34 9.03 55.45
CA GLY C 322 -19.21 9.60 54.75
C GLY C 322 -18.01 8.73 54.79
N VAL C 323 -16.99 9.30 54.15
CA VAL C 323 -15.66 8.68 54.01
C VAL C 323 -14.52 9.64 54.46
N VAL C 324 -13.27 9.22 54.30
CA VAL C 324 -12.16 9.84 54.91
C VAL C 324 -11.10 9.53 53.93
N GLY C 325 -11.46 8.75 52.90
CA GLY C 325 -10.57 8.44 51.74
C GLY C 325 -9.55 7.32 51.89
N THR C 326 -9.77 6.33 52.73
CA THR C 326 -8.85 5.25 52.93
C THR C 326 -8.74 4.37 51.73
N ALA C 327 -7.52 4.04 51.33
CA ALA C 327 -7.32 3.08 50.23
C ALA C 327 -6.03 2.29 50.38
N ILE C 328 -5.98 1.09 49.80
CA ILE C 328 -4.78 0.30 49.86
C ILE C 328 -4.65 -0.41 48.58
N PHE C 329 -3.48 -0.63 48.09
CA PHE C 329 -3.32 -1.51 46.95
C PHE C 329 -2.00 -2.31 46.99
N LYS C 330 -1.81 -3.27 46.09
CA LYS C 330 -0.56 -3.98 46.12
C LYS C 330 0.19 -3.93 44.80
N ALA C 331 1.43 -3.41 44.89
CA ALA C 331 2.35 -3.31 43.73
C ALA C 331 3.60 -4.09 44.02
N PHE C 332 3.83 -5.19 43.31
CA PHE C 332 4.92 -6.13 43.71
C PHE C 332 5.01 -6.45 45.22
N ASP C 333 6.12 -6.09 45.83
CA ASP C 333 6.38 -6.49 47.22
C ASP C 333 6.00 -5.36 48.19
N LEU C 334 5.19 -4.43 47.75
CA LEU C 334 4.82 -3.38 48.64
C LEU C 334 3.33 -3.40 48.73
N ALA C 335 2.92 -2.96 49.90
CA ALA C 335 1.51 -2.70 50.13
C ALA C 335 1.48 -1.21 50.50
N VAL C 336 0.61 -0.46 49.80
CA VAL C 336 0.63 0.97 50.00
C VAL C 336 -0.70 1.39 50.45
N ALA C 337 -0.81 1.86 51.70
CA ALA C 337 -2.14 2.31 52.17
C ALA C 337 -2.12 3.83 52.44
N THR C 338 -3.20 4.51 52.05
CA THR C 338 -3.30 5.98 52.32
C THR C 338 -4.63 6.32 52.90
N THR C 339 -4.71 7.49 53.50
CA THR C 339 -5.96 7.93 54.11
C THR C 339 -5.91 9.39 54.44
N GLY C 340 -7.08 10.02 54.42
CA GLY C 340 -7.12 11.47 54.54
C GLY C 340 -6.50 12.20 53.32
N LEU C 341 -5.73 13.25 53.62
CA LEU C 341 -5.13 14.19 52.67
C LEU C 341 -3.66 13.97 52.84
N SER C 342 -2.99 14.19 51.73
CA SER C 342 -1.54 14.25 51.68
C SER C 342 -1.19 15.65 52.24
N LEU C 343 0.10 15.85 52.51
CA LEU C 343 0.54 17.14 52.88
C LEU C 343 0.23 18.18 51.74
N GLU C 344 0.50 17.86 50.47
CA GLU C 344 0.11 18.83 49.44
C GLU C 344 -1.36 19.18 49.56
N GLY C 345 -2.23 18.18 49.54
CA GLY C 345 -3.61 18.49 49.54
C GLY C 345 -3.99 19.29 50.77
N ALA C 346 -3.40 18.93 51.92
CA ALA C 346 -3.79 19.50 53.19
C ALA C 346 -3.49 20.97 53.02
N LEU C 347 -2.36 21.27 52.40
CA LEU C 347 -1.94 22.65 52.19
C LEU C 347 -2.80 23.41 51.19
N LYS C 348 -3.16 22.73 50.11
CA LYS C 348 -4.02 23.31 49.08
C LYS C 348 -5.36 23.79 49.70
N GLU C 349 -5.91 23.00 50.61
CA GLU C 349 -7.10 23.38 51.39
C GLU C 349 -6.86 24.45 52.46
N GLY C 350 -5.64 24.93 52.50
CA GLY C 350 -5.27 25.89 53.47
C GLY C 350 -5.19 25.45 54.89
N PHE C 351 -4.64 24.28 55.17
CA PHE C 351 -4.30 24.02 56.57
C PHE C 351 -2.85 24.45 56.77
N TRP C 352 -2.51 24.84 57.99
CA TRP C 352 -1.11 24.91 58.34
C TRP C 352 -0.72 23.50 58.72
N ALA C 353 -0.16 22.82 57.73
CA ALA C 353 -0.03 21.38 57.77
C ALA C 353 1.44 20.98 57.76
N LYS C 354 1.78 20.08 58.71
CA LYS C 354 3.12 19.49 58.71
C LYS C 354 3.05 17.99 58.39
N LYS C 355 4.14 17.39 57.93
CA LYS C 355 4.18 15.94 57.82
C LYS C 355 5.35 15.26 58.62
N VAL C 356 5.16 14.06 59.09
CA VAL C 356 6.37 13.37 59.51
C VAL C 356 6.44 12.10 58.63
N PHE C 357 7.61 11.54 58.37
CA PHE C 357 7.71 10.28 57.61
C PHE C 357 8.86 9.48 58.18
N ILE C 358 8.56 8.36 58.79
CA ILE C 358 9.55 7.50 59.42
C ILE C 358 9.64 6.09 58.79
N GLN C 359 10.74 5.42 59.06
CA GLN C 359 10.82 4.09 58.51
C GLN C 359 11.15 3.15 59.69
N SER C 360 10.26 2.20 59.97
CA SER C 360 10.46 1.23 61.05
C SER C 360 10.44 -0.17 60.41
N ARG C 361 10.12 -1.19 61.24
CA ARG C 361 10.11 -2.60 60.86
C ARG C 361 8.70 -3.16 61.09
N ASP C 362 8.51 -4.42 60.80
CA ASP C 362 7.23 -5.06 60.84
C ASP C 362 7.38 -6.18 61.82
N GLY C 363 8.05 -5.89 62.89
CA GLY C 363 8.50 -6.91 63.77
C GLY C 363 9.81 -6.47 64.41
N ALA C 364 10.11 -7.06 65.54
CA ALA C 364 11.41 -6.97 66.20
C ALA C 364 12.57 -6.93 65.28
N HIS C 365 13.49 -6.06 65.56
CA HIS C 365 14.76 -6.05 64.82
C HIS C 365 15.26 -7.47 64.69
N TYR C 366 15.27 -8.25 65.79
CA TYR C 366 15.78 -9.64 65.83
C TYR C 366 14.91 -10.80 65.14
N TYR C 367 13.62 -10.53 64.93
CA TYR C 367 12.73 -11.51 64.33
C TYR C 367 13.05 -11.83 62.85
N PRO C 368 13.18 -13.12 62.54
CA PRO C 368 13.57 -13.61 61.21
C PRO C 368 12.54 -13.22 60.17
N GLY C 369 12.99 -12.32 59.30
CA GLY C 369 12.31 -11.95 58.06
C GLY C 369 11.51 -10.68 58.17
N SER C 370 11.59 -10.02 59.33
CA SER C 370 10.86 -8.81 59.60
C SER C 370 11.41 -7.81 58.63
N GLY C 371 10.49 -7.00 58.11
CA GLY C 371 10.70 -6.26 56.88
C GLY C 371 10.62 -4.81 57.17
N PRO C 372 10.75 -3.97 56.13
CA PRO C 372 10.52 -2.56 56.47
C PRO C 372 9.02 -2.22 56.60
N LEU C 373 8.85 -1.10 57.28
CA LEU C 373 7.52 -0.58 57.44
C LEU C 373 7.56 0.93 57.62
N TRP C 374 7.08 1.73 56.63
CA TRP C 374 7.05 3.19 56.77
C TRP C 374 5.67 3.69 57.09
N VAL C 375 5.66 4.82 57.79
CA VAL C 375 4.38 5.41 58.17
C VAL C 375 4.59 6.89 58.01
N GLU C 376 3.62 7.58 57.40
CA GLU C 376 3.65 9.01 57.16
C GLU C 376 2.42 9.53 57.92
N LEU C 377 2.54 10.60 58.68
CA LEU C 377 1.36 11.25 59.30
C LEU C 377 1.33 12.67 58.80
N VAL C 378 0.16 13.15 58.45
CA VAL C 378 -0.04 14.51 58.03
C VAL C 378 -0.91 15.16 59.10
N TYR C 379 -0.36 16.19 59.72
CA TYR C 379 -1.13 16.84 60.76
C TYR C 379 -1.21 18.39 60.72
N GLU C 380 -2.16 18.92 61.50
CA GLU C 380 -2.41 20.36 61.66
C GLU C 380 -1.49 20.96 62.75
N GLU C 381 -0.90 22.12 62.42
CA GLU C 381 0.27 22.65 63.12
C GLU C 381 0.13 22.84 64.64
N GLY C 382 -0.87 23.62 65.02
CA GLY C 382 -1.15 23.94 66.42
C GLY C 382 -1.94 22.85 67.16
N THR C 383 -3.15 22.59 66.64
CA THR C 383 -4.15 21.67 67.25
C THR C 383 -3.66 20.24 67.45
N GLY C 384 -2.62 19.85 66.70
CA GLY C 384 -2.29 18.44 66.49
C GLY C 384 -3.22 17.51 65.68
N ARG C 385 -4.31 18.06 65.12
CA ARG C 385 -5.32 17.29 64.40
C ARG C 385 -4.71 16.42 63.28
N LEU C 386 -5.02 15.13 63.32
CA LEU C 386 -4.69 14.28 62.17
C LEU C 386 -5.33 14.79 60.88
N LEU C 387 -4.69 14.56 59.74
CA LEU C 387 -5.36 14.98 58.50
C LEU C 387 -5.32 13.93 57.42
N GLY C 388 -4.34 13.06 57.59
CA GLY C 388 -4.08 12.05 56.59
C GLY C 388 -2.84 11.27 57.03
N GLY C 389 -2.62 10.10 56.47
CA GLY C 389 -1.45 9.33 56.70
C GLY C 389 -1.30 8.30 55.60
N ALA C 390 -0.07 7.82 55.47
CA ALA C 390 0.14 6.71 54.62
C ALA C 390 0.81 5.60 55.46
N VAL C 391 0.53 4.31 55.25
CA VAL C 391 1.51 3.33 55.70
C VAL C 391 1.87 2.41 54.59
N VAL C 392 3.16 2.13 54.45
CA VAL C 392 3.55 1.09 53.48
C VAL C 392 4.44 0.00 54.06
N ALA C 393 4.12 -1.26 53.73
CA ALA C 393 4.79 -2.48 54.24
C ALA C 393 4.96 -3.46 53.11
N ARG C 394 5.54 -4.63 53.38
CA ARG C 394 5.27 -5.83 52.52
C ARG C 394 3.92 -6.45 52.96
N GLY C 395 3.72 -6.48 54.27
CA GLY C 395 2.54 -6.97 54.99
C GLY C 395 1.12 -6.96 54.48
N HIS C 396 0.51 -8.19 54.64
CA HIS C 396 -0.73 -8.84 53.98
C HIS C 396 -1.98 -8.83 54.91
N GLY C 397 -1.45 -8.21 56.05
CA GLY C 397 -1.44 -6.78 56.45
C GLY C 397 -0.35 -5.73 56.97
N ALA C 398 -0.94 -4.56 57.23
CA ALA C 398 -0.43 -3.20 57.64
C ALA C 398 -0.76 -2.11 56.53
N LEU C 399 -1.94 -1.44 56.63
CA LEU C 399 -3.23 -1.98 57.28
C LEU C 399 -3.51 -1.51 58.68
N ARG C 400 -2.38 -1.31 59.37
CA ARG C 400 -2.25 -0.31 60.38
C ARG C 400 -3.03 0.94 59.93
N ILE C 401 -3.09 1.23 58.62
CA ILE C 401 -3.78 2.43 58.14
C ILE C 401 -5.22 2.60 58.75
N ASP C 402 -5.80 1.45 59.10
CA ASP C 402 -7.15 1.43 59.56
C ASP C 402 -7.34 2.20 60.86
N VAL C 403 -6.25 2.26 61.67
CA VAL C 403 -6.23 2.91 62.96
C VAL C 403 -6.34 4.39 62.68
N LEU C 404 -5.67 4.82 61.64
CA LEU C 404 -5.62 6.24 61.34
C LEU C 404 -6.96 6.61 60.82
N ALA C 405 -7.52 5.75 60.00
CA ALA C 405 -8.86 6.00 59.45
C ALA C 405 -9.91 6.22 60.60
N ALA C 406 -9.77 5.37 61.61
CA ALA C 406 -10.64 5.34 62.74
C ALA C 406 -10.59 6.70 63.54
N LEU C 407 -9.35 7.21 63.76
CA LEU C 407 -9.06 8.45 64.41
C LEU C 407 -9.57 9.65 63.61
N LEU C 408 -9.31 9.58 62.32
CA LEU C 408 -9.60 10.68 61.41
C LEU C 408 -11.09 10.87 61.37
N HIS C 409 -11.85 9.80 61.60
CA HIS C 409 -13.33 9.81 61.68
C HIS C 409 -14.00 10.60 62.85
N ARG C 410 -13.53 10.47 64.11
CA ARG C 410 -13.71 11.50 65.14
C ARG C 410 -12.78 12.73 64.86
N GLU C 411 -12.50 13.67 65.74
CA GLU C 411 -11.41 14.59 65.24
C GLU C 411 -10.06 13.95 65.18
N GLY C 412 -9.55 13.51 66.33
CA GLY C 412 -8.37 12.66 66.31
C GLY C 412 -7.12 13.53 66.12
N SER C 413 -6.28 13.52 67.15
CA SER C 413 -5.01 14.26 67.14
C SER C 413 -3.89 13.32 67.23
N VAL C 414 -2.73 13.90 66.99
CA VAL C 414 -1.48 13.18 67.23
C VAL C 414 -1.43 12.65 68.68
N GLU C 415 -1.93 13.50 69.59
CA GLU C 415 -1.95 13.19 71.04
C GLU C 415 -2.67 11.84 71.36
N ASP C 416 -3.80 11.73 70.66
CA ASP C 416 -4.73 10.65 70.75
C ASP C 416 -4.10 9.44 70.21
N LEU C 417 -3.45 9.61 69.07
CA LEU C 417 -2.76 8.47 68.51
C LEU C 417 -1.73 7.97 69.56
N LEU C 418 -0.90 8.85 70.11
CA LEU C 418 0.11 8.48 71.11
C LEU C 418 -0.43 7.64 72.28
N ALA C 419 -1.65 7.98 72.66
CA ALA C 419 -2.33 7.40 73.82
C ALA C 419 -2.85 5.96 73.68
N LEU C 420 -3.10 5.58 72.44
CA LEU C 420 -3.49 4.23 72.04
C LEU C 420 -2.63 3.10 72.59
N ASP C 421 -3.36 2.09 73.06
CA ASP C 421 -2.72 0.90 73.51
C ASP C 421 -2.77 -0.09 72.32
N LEU C 422 -1.71 -0.09 71.49
CA LEU C 422 -1.66 -1.09 70.43
C LEU C 422 -1.09 -2.46 70.82
N ALA C 423 -1.25 -3.42 69.91
CA ALA C 423 -0.62 -4.76 70.00
C ALA C 423 0.86 -4.88 69.68
N TYR C 424 1.57 -5.50 70.66
CA TYR C 424 3.00 -5.78 70.64
C TYR C 424 3.30 -7.28 70.51
N ALA C 425 4.11 -7.70 69.57
CA ALA C 425 4.84 -8.97 69.79
C ALA C 425 5.81 -9.15 68.71
N PRO C 426 6.93 -9.79 69.02
CA PRO C 426 8.07 -9.75 68.11
C PRO C 426 7.80 -10.07 66.65
N PRO C 427 6.95 -11.05 66.36
CA PRO C 427 6.61 -11.43 64.96
C PRO C 427 5.88 -10.31 64.13
N PHE C 428 5.31 -9.29 64.83
CA PHE C 428 4.30 -8.43 64.17
C PHE C 428 4.51 -6.97 64.19
N SER C 429 5.25 -6.52 65.20
CA SER C 429 5.52 -5.12 65.45
C SER C 429 6.77 -5.03 66.31
N PRO C 430 7.64 -4.03 66.07
CA PRO C 430 8.62 -3.63 67.09
C PRO C 430 7.86 -3.20 68.36
N VAL C 431 8.58 -2.98 69.46
CA VAL C 431 7.88 -2.80 70.74
C VAL C 431 7.15 -1.43 70.77
N TRP C 432 7.67 -0.47 70.03
CA TRP C 432 6.87 0.71 69.79
C TRP C 432 6.20 0.52 68.46
N ASP C 433 4.90 0.57 68.40
CA ASP C 433 4.31 0.44 67.08
C ASP C 433 4.81 1.57 66.13
N PRO C 434 5.14 1.28 64.84
CA PRO C 434 5.48 2.35 63.91
C PRO C 434 4.57 3.49 64.02
N LEU C 435 3.28 3.29 64.16
CA LEU C 435 2.36 4.46 64.29
C LEU C 435 2.69 5.33 65.52
N LEU C 436 2.97 4.69 66.65
CA LEU C 436 3.49 5.44 67.81
C LEU C 436 4.83 6.12 67.61
N ILE C 437 5.74 5.46 66.88
CA ILE C 437 7.02 6.06 66.80
C ILE C 437 6.71 7.34 65.94
N ALA C 438 6.09 7.20 64.77
CA ALA C 438 5.72 8.34 63.94
C ALA C 438 5.12 9.41 64.80
N ALA C 439 4.16 9.08 65.66
CA ALA C 439 3.50 10.13 66.49
C ALA C 439 4.43 11.01 67.34
N GLN C 440 4.22 12.32 67.11
CA GLN C 440 5.10 13.51 67.50
C GLN C 440 6.63 13.23 67.10
N GLN C 441 7.07 12.51 68.18
CA GLN C 441 7.90 11.38 68.27
C GLN C 441 8.64 11.34 66.84
N ALA C 442 10.01 11.14 66.92
CA ALA C 442 11.03 11.45 65.91
C ALA C 442 10.48 12.15 64.61
N ARG C 443 11.40 12.53 63.66
CA ARG C 443 11.03 13.40 62.48
C ARG C 443 11.03 12.76 61.03
N MET D 1 71.71 -36.84 -19.46
CA MET D 1 71.87 -35.44 -19.95
C MET D 1 71.05 -34.30 -19.18
N GLY D 2 71.16 -33.08 -19.75
CA GLY D 2 70.54 -31.82 -19.31
C GLY D 2 70.03 -30.80 -20.41
N LYS D 3 69.08 -31.27 -21.24
CA LYS D 3 68.64 -30.57 -22.44
C LYS D 3 67.27 -29.74 -22.24
N ARG D 4 66.70 -29.29 -23.33
CA ARG D 4 65.67 -28.28 -23.28
C ARG D 4 64.35 -28.86 -23.74
N MET D 5 63.40 -28.84 -22.82
CA MET D 5 62.05 -29.34 -23.01
C MET D 5 61.14 -28.13 -23.09
N VAL D 6 60.45 -28.06 -24.21
CA VAL D 6 59.55 -27.00 -24.52
C VAL D 6 58.14 -27.58 -24.62
N VAL D 7 57.24 -26.98 -23.82
CA VAL D 7 55.82 -27.41 -23.79
C VAL D 7 54.87 -26.39 -24.40
N VAL D 8 54.29 -26.75 -25.54
CA VAL D 8 53.31 -25.89 -26.17
C VAL D 8 51.94 -26.22 -25.53
N GLY D 9 51.36 -25.24 -24.80
CA GLY D 9 50.16 -25.52 -24.02
C GLY D 9 50.48 -25.74 -22.54
N GLY D 10 49.82 -24.94 -21.69
CA GLY D 10 50.08 -24.92 -20.27
C GLY D 10 48.88 -25.30 -19.43
N VAL D 11 47.93 -26.06 -19.93
CA VAL D 11 46.70 -26.15 -19.20
C VAL D 11 46.77 -27.30 -18.27
N ALA D 12 46.66 -28.50 -18.77
CA ALA D 12 46.60 -29.67 -17.85
C ALA D 12 47.62 -30.72 -18.21
N GLY D 13 47.38 -31.52 -19.26
CA GLY D 13 48.46 -32.15 -19.99
C GLY D 13 49.81 -31.38 -19.95
N GLY D 14 49.85 -30.16 -20.42
CA GLY D 14 51.14 -29.51 -20.51
C GLY D 14 51.77 -29.18 -19.19
N ALA D 15 50.96 -28.74 -18.21
CA ALA D 15 51.49 -28.39 -16.92
C ALA D 15 51.98 -29.69 -16.21
N SER D 16 51.23 -30.79 -16.34
CA SER D 16 51.65 -32.05 -15.75
C SER D 16 53.02 -32.53 -16.23
N ALA D 17 53.26 -32.41 -17.52
CA ALA D 17 54.52 -32.77 -18.12
C ALA D 17 55.63 -31.92 -17.51
N ALA D 18 55.43 -30.62 -17.63
CA ALA D 18 56.45 -29.71 -17.19
C ALA D 18 56.82 -29.98 -15.71
N ALA D 19 55.85 -29.93 -14.82
CA ALA D 19 56.11 -30.21 -13.43
C ALA D 19 56.81 -31.59 -13.12
N LYS D 20 56.28 -32.69 -13.66
CA LYS D 20 56.88 -33.99 -13.48
C LYS D 20 58.27 -34.10 -14.14
N ALA D 21 58.47 -33.53 -15.34
CA ALA D 21 59.84 -33.67 -15.90
C ALA D 21 60.93 -32.99 -15.05
N LYS D 22 60.65 -31.76 -14.57
CA LYS D 22 61.64 -30.97 -13.86
C LYS D 22 61.86 -31.54 -12.45
N ARG D 23 60.84 -32.14 -11.85
CA ARG D 23 61.00 -32.89 -10.55
C ARG D 23 61.93 -34.11 -10.72
N GLU D 24 61.74 -34.82 -11.84
CA GLU D 24 62.33 -36.12 -12.03
C GLU D 24 63.70 -35.98 -12.56
N ASN D 25 63.96 -34.79 -13.09
CA ASN D 25 65.29 -34.47 -13.63
C ASN D 25 65.65 -33.01 -13.64
N PRO D 26 66.22 -32.55 -12.55
CA PRO D 26 66.22 -31.07 -12.45
C PRO D 26 67.23 -30.40 -13.35
N GLU D 27 68.04 -31.25 -14.02
CA GLU D 27 68.97 -30.82 -15.05
C GLU D 27 68.34 -30.22 -16.31
N LEU D 28 67.07 -30.56 -16.57
CA LEU D 28 66.35 -30.11 -17.70
C LEU D 28 66.15 -28.62 -17.61
N GLU D 29 66.34 -27.87 -18.72
CA GLU D 29 65.69 -26.54 -18.88
C GLU D 29 64.23 -26.78 -19.31
N VAL D 30 63.25 -26.41 -18.45
CA VAL D 30 61.83 -26.64 -18.78
C VAL D 30 61.09 -25.30 -19.11
N VAL D 31 60.66 -25.13 -20.33
CA VAL D 31 59.94 -23.89 -20.58
C VAL D 31 58.51 -24.22 -21.13
N VAL D 32 57.47 -23.58 -20.52
CA VAL D 32 56.07 -23.69 -21.02
C VAL D 32 55.56 -22.44 -21.80
N TYR D 33 55.05 -22.62 -23.02
CA TYR D 33 54.46 -21.51 -23.80
C TYR D 33 52.95 -21.72 -23.82
N GLU D 34 52.23 -20.87 -23.08
CA GLU D 34 50.77 -20.90 -23.03
C GLU D 34 50.15 -19.71 -23.77
N LYS D 35 49.25 -19.94 -24.71
CA LYS D 35 48.77 -18.76 -25.38
C LYS D 35 47.74 -17.92 -24.61
N SER D 36 47.12 -18.56 -23.62
CA SER D 36 45.93 -18.06 -22.98
C SER D 36 46.20 -17.18 -21.79
N GLY D 37 47.39 -16.99 -21.41
CA GLY D 37 47.27 -16.00 -20.36
C GLY D 37 46.79 -16.51 -18.99
N TRP D 38 46.36 -17.77 -18.98
CA TRP D 38 46.31 -18.50 -17.72
C TRP D 38 46.90 -19.84 -17.87
N VAL D 39 47.46 -20.33 -16.78
CA VAL D 39 48.13 -21.62 -16.85
C VAL D 39 47.74 -22.56 -15.68
N SER D 40 47.57 -23.86 -15.91
CA SER D 40 47.37 -24.77 -14.79
C SER D 40 46.12 -24.43 -13.92
N TYR D 41 44.96 -24.55 -14.58
CA TYR D 41 43.71 -24.27 -13.94
C TYR D 41 42.74 -25.38 -14.20
N GLY D 42 41.78 -25.54 -13.31
CA GLY D 42 40.73 -26.48 -13.58
C GLY D 42 39.49 -26.02 -14.33
N ALA D 43 39.47 -26.15 -15.66
CA ALA D 43 38.21 -25.86 -16.38
C ALA D 43 36.92 -26.54 -15.80
N CYS D 44 37.11 -27.70 -15.16
CA CYS D 44 36.06 -28.56 -14.66
C CYS D 44 35.33 -27.82 -13.62
N GLY D 45 35.97 -26.89 -12.95
CA GLY D 45 35.34 -26.12 -11.94
C GLY D 45 34.57 -24.95 -12.40
N LEU D 46 34.69 -24.59 -13.64
CA LEU D 46 34.15 -23.33 -14.08
C LEU D 46 32.65 -23.15 -13.75
N PRO D 47 31.83 -24.19 -13.99
CA PRO D 47 30.39 -24.08 -13.61
C PRO D 47 30.22 -23.70 -12.16
N TYR D 48 31.13 -24.07 -11.24
CA TYR D 48 30.96 -23.80 -9.83
C TYR D 48 31.36 -22.36 -9.45
N VAL D 49 31.93 -21.68 -10.43
CA VAL D 49 32.30 -20.33 -10.20
C VAL D 49 31.18 -19.50 -10.75
N LEU D 50 30.75 -19.94 -11.91
CA LEU D 50 29.62 -19.41 -12.61
C LEU D 50 28.37 -19.37 -11.77
N SER D 51 28.20 -20.44 -10.97
CA SER D 51 27.07 -20.54 -10.06
C SER D 51 27.12 -19.60 -8.84
N GLY D 52 28.22 -18.95 -8.56
CA GLY D 52 28.40 -18.34 -7.26
C GLY D 52 29.00 -19.22 -6.14
N GLU D 53 28.96 -20.55 -6.24
CA GLU D 53 29.39 -21.39 -5.13
C GLU D 53 30.88 -21.18 -4.79
N ILE D 54 31.73 -21.10 -5.80
CA ILE D 54 33.12 -20.71 -5.62
C ILE D 54 33.25 -19.21 -5.99
N PRO D 55 33.61 -18.38 -5.00
CA PRO D 55 33.56 -16.90 -4.99
C PRO D 55 34.40 -16.25 -6.06
N ARG D 56 35.67 -16.54 -6.10
CA ARG D 56 36.50 -15.94 -7.12
C ARG D 56 37.04 -16.95 -8.18
N LEU D 57 37.13 -16.55 -9.44
CA LEU D 57 37.67 -17.41 -10.51
C LEU D 57 39.11 -17.93 -10.31
N GLU D 58 39.98 -17.19 -9.61
CA GLU D 58 41.36 -17.61 -9.36
C GLU D 58 41.44 -18.81 -8.43
N ARG D 59 40.40 -19.01 -7.64
CA ARG D 59 40.40 -20.18 -6.78
C ARG D 59 40.59 -21.49 -7.67
N LEU D 60 40.36 -21.42 -8.95
CA LEU D 60 40.56 -22.55 -9.85
C LEU D 60 42.02 -22.91 -10.37
N VAL D 61 43.01 -22.11 -10.06
CA VAL D 61 44.31 -22.43 -10.56
C VAL D 61 45.02 -23.29 -9.50
N ALA D 62 45.85 -24.23 -9.99
CA ALA D 62 46.60 -25.17 -9.12
C ALA D 62 48.04 -24.67 -8.81
N ARG D 63 48.64 -23.97 -9.78
CA ARG D 63 49.95 -23.44 -9.57
C ARG D 63 50.07 -22.18 -10.43
N THR D 64 50.58 -21.10 -9.82
CA THR D 64 50.84 -19.85 -10.49
C THR D 64 52.21 -19.85 -11.10
N PRO D 65 52.35 -19.07 -12.20
CA PRO D 65 53.60 -18.96 -12.95
C PRO D 65 54.74 -18.61 -12.03
N GLU D 66 54.47 -17.82 -11.01
CA GLU D 66 55.43 -17.60 -9.99
C GLU D 66 55.85 -18.85 -9.22
N GLU D 67 54.90 -19.72 -8.85
CA GLU D 67 55.24 -20.86 -8.01
C GLU D 67 56.07 -21.84 -8.82
N PHE D 68 55.67 -22.01 -10.07
CA PHE D 68 56.50 -22.67 -11.09
C PHE D 68 57.90 -22.12 -11.26
N ARG D 69 58.03 -20.81 -11.29
CA ARG D 69 59.36 -20.23 -11.32
C ARG D 69 60.16 -20.72 -10.08
N LYS D 70 59.66 -20.52 -8.87
CA LYS D 70 60.31 -21.10 -7.73
C LYS D 70 60.68 -22.56 -7.87
N GLN D 71 60.03 -23.33 -8.73
CA GLN D 71 60.32 -24.75 -8.80
C GLN D 71 61.14 -25.19 -10.01
N GLY D 72 61.71 -24.24 -10.74
CA GLY D 72 62.54 -24.51 -11.88
C GLY D 72 61.85 -24.42 -13.22
N VAL D 73 60.59 -23.95 -13.24
CA VAL D 73 59.84 -24.05 -14.49
C VAL D 73 59.41 -22.69 -15.01
N LEU D 74 59.81 -22.42 -16.24
CA LEU D 74 59.56 -21.11 -16.80
C LEU D 74 58.31 -21.17 -17.59
N VAL D 75 57.34 -20.38 -17.18
CA VAL D 75 56.11 -20.38 -17.95
C VAL D 75 55.80 -19.01 -18.60
N HIS D 76 55.33 -19.01 -19.84
CA HIS D 76 55.05 -17.77 -20.51
C HIS D 76 53.67 -17.82 -21.02
N THR D 77 52.79 -17.07 -20.37
CA THR D 77 51.41 -16.88 -20.85
C THR D 77 51.32 -15.79 -21.93
N ARG D 78 50.23 -15.86 -22.71
CA ARG D 78 50.00 -14.88 -23.74
C ARG D 78 51.16 -15.05 -24.73
N HIS D 79 51.59 -16.31 -24.92
CA HIS D 79 52.61 -16.72 -25.90
C HIS D 79 52.15 -17.80 -26.84
N GLU D 80 51.91 -17.43 -28.07
CA GLU D 80 51.44 -18.44 -29.01
C GLU D 80 52.59 -19.01 -29.91
N VAL D 81 52.78 -20.31 -29.95
CA VAL D 81 53.76 -20.77 -30.89
C VAL D 81 53.12 -21.00 -32.22
N VAL D 82 53.71 -20.33 -33.20
CA VAL D 82 53.04 -20.12 -34.44
C VAL D 82 53.60 -21.12 -35.46
N ASP D 83 54.90 -21.38 -35.38
CA ASP D 83 55.45 -22.44 -36.25
C ASP D 83 56.49 -23.35 -35.57
N VAL D 84 56.59 -24.56 -36.06
CA VAL D 84 57.66 -25.42 -35.64
C VAL D 84 58.43 -25.94 -36.86
N ASP D 85 59.72 -25.61 -37.00
CA ASP D 85 60.67 -26.18 -37.99
C ASP D 85 61.23 -27.48 -37.46
N TYR D 86 60.43 -28.49 -37.62
CA TYR D 86 60.61 -29.76 -36.99
C TYR D 86 61.81 -30.46 -37.44
N GLU D 87 61.46 -31.44 -38.25
CA GLU D 87 62.33 -32.38 -39.02
C GLU D 87 61.95 -32.55 -40.59
N LEU D 88 62.09 -31.49 -41.40
CA LEU D 88 62.72 -30.20 -41.02
C LEU D 88 63.96 -30.28 -40.08
N ARG D 89 64.14 -29.36 -39.15
CA ARG D 89 65.30 -29.45 -38.25
C ARG D 89 65.45 -28.24 -37.35
N THR D 90 64.96 -28.59 -36.13
CA THR D 90 64.68 -27.71 -35.03
C THR D 90 65.94 -26.78 -35.15
N LEU D 91 65.86 -25.43 -35.29
CA LEU D 91 65.18 -24.42 -34.42
C LEU D 91 63.91 -25.03 -34.02
N THR D 92 63.01 -24.63 -34.91
CA THR D 92 61.60 -24.61 -34.74
C THR D 92 61.22 -23.61 -33.70
N VAL D 93 59.92 -23.54 -33.45
CA VAL D 93 59.42 -22.61 -32.44
C VAL D 93 59.85 -21.16 -32.88
N HIS D 94 58.92 -20.58 -33.65
CA HIS D 94 58.76 -19.13 -33.78
C HIS D 94 57.59 -18.92 -32.88
N ASP D 95 57.66 -17.98 -31.98
CA ASP D 95 56.44 -17.59 -31.40
C ASP D 95 56.36 -16.19 -30.94
N HIS D 96 55.16 -15.84 -30.47
CA HIS D 96 54.75 -14.49 -30.21
C HIS D 96 54.47 -13.92 -28.74
N ALA D 97 55.32 -13.12 -28.04
CA ALA D 97 54.92 -12.32 -26.78
C ALA D 97 53.95 -11.20 -27.05
N GLU D 98 54.06 -10.22 -26.09
CA GLU D 98 53.43 -8.85 -26.11
C GLU D 98 54.35 -7.72 -26.63
N GLY D 99 54.06 -7.38 -27.89
CA GLY D 99 55.00 -6.81 -28.83
C GLY D 99 55.41 -7.88 -29.85
N ARG D 100 56.34 -8.72 -29.38
CA ARG D 100 57.38 -9.24 -30.27
C ARG D 100 57.06 -10.59 -30.80
N THR D 101 57.91 -11.06 -31.69
CA THR D 101 57.97 -12.44 -32.05
C THR D 101 59.47 -12.89 -32.10
N PHE D 102 59.75 -14.22 -32.01
CA PHE D 102 61.11 -14.74 -31.80
C PHE D 102 61.28 -16.27 -31.92
N GLN D 103 62.51 -16.75 -31.75
CA GLN D 103 62.80 -18.15 -32.02
C GLN D 103 63.24 -18.90 -30.79
N ASP D 104 62.99 -20.21 -30.86
CA ASP D 104 63.52 -21.07 -29.81
C ASP D 104 63.81 -22.45 -30.36
N ARG D 105 64.57 -23.23 -29.61
CA ARG D 105 64.96 -24.57 -30.04
C ARG D 105 64.42 -25.45 -28.99
N PHE D 106 64.31 -26.69 -29.40
CA PHE D 106 63.99 -27.64 -28.40
C PHE D 106 64.75 -28.94 -28.58
N ASP D 107 64.93 -29.68 -27.48
CA ASP D 107 65.34 -31.05 -27.56
C ASP D 107 64.20 -32.01 -27.46
N HIS D 108 63.32 -31.74 -26.51
CA HIS D 108 62.09 -32.48 -26.41
C HIS D 108 60.99 -31.46 -26.59
N LEU D 109 59.96 -31.84 -27.35
CA LEU D 109 58.76 -31.03 -27.53
C LEU D 109 57.58 -31.81 -27.06
N VAL D 110 56.86 -31.19 -26.11
CA VAL D 110 55.53 -31.69 -25.74
C VAL D 110 54.47 -30.81 -26.31
N LEU D 111 53.69 -31.45 -27.19
CA LEU D 111 52.43 -30.93 -27.77
C LEU D 111 51.17 -31.07 -26.87
N ALA D 112 50.69 -29.94 -26.30
CA ALA D 112 49.60 -30.03 -25.31
C ALA D 112 48.69 -28.87 -25.54
N THR D 113 48.21 -28.82 -26.77
CA THR D 113 47.47 -27.62 -27.25
C THR D 113 45.95 -27.73 -27.00
N GLY D 114 45.56 -28.88 -26.47
CA GLY D 114 44.19 -29.11 -26.11
C GLY D 114 43.15 -29.19 -27.16
N ALA D 115 42.01 -28.61 -26.84
CA ALA D 115 40.83 -28.75 -27.64
C ALA D 115 40.05 -27.41 -27.60
N ARG D 116 39.36 -27.16 -28.75
CA ARG D 116 38.53 -25.97 -28.95
C ARG D 116 37.02 -26.34 -29.15
N PRO D 117 36.09 -25.40 -28.87
CA PRO D 117 34.67 -25.64 -29.15
C PRO D 117 34.43 -26.05 -30.56
N SER D 118 33.64 -27.08 -30.73
CA SER D 118 33.18 -27.50 -32.02
C SER D 118 31.82 -26.84 -32.28
N LEU D 119 31.85 -25.76 -33.07
CA LEU D 119 30.65 -24.95 -33.35
C LEU D 119 29.75 -25.40 -34.57
N PRO D 120 28.47 -25.75 -34.32
CA PRO D 120 27.59 -25.94 -35.48
C PRO D 120 27.48 -24.63 -36.32
N PRO D 121 27.23 -24.82 -37.63
CA PRO D 121 27.11 -23.67 -38.57
C PRO D 121 25.72 -23.06 -38.34
N ILE D 122 25.71 -21.92 -37.64
CA ILE D 122 24.45 -21.33 -37.23
C ILE D 122 24.53 -19.86 -37.42
N PRO D 123 23.71 -19.34 -38.35
CA PRO D 123 23.75 -17.89 -38.63
C PRO D 123 23.45 -17.08 -37.37
N GLY D 124 24.39 -16.22 -36.99
CA GLY D 124 24.08 -15.27 -35.92
C GLY D 124 24.84 -15.67 -34.65
N THR D 125 25.75 -16.62 -34.84
CA THR D 125 26.55 -17.18 -33.76
C THR D 125 27.50 -16.11 -33.26
N GLU D 126 27.73 -15.17 -34.15
CA GLU D 126 28.79 -14.23 -33.93
C GLU D 126 28.43 -13.13 -32.99
N GLN D 127 27.15 -13.06 -32.64
CA GLN D 127 26.60 -11.97 -31.81
C GLN D 127 27.00 -11.94 -30.37
N GLU D 128 26.60 -10.87 -29.76
CA GLU D 128 27.08 -10.40 -28.53
C GLU D 128 26.70 -11.25 -27.28
N GLY D 129 25.53 -11.82 -27.16
CA GLY D 129 25.45 -12.64 -25.92
C GLY D 129 25.53 -14.15 -26.10
N VAL D 130 26.18 -14.60 -27.20
CA VAL D 130 26.44 -16.01 -27.45
C VAL D 130 27.78 -16.26 -26.91
N TYR D 131 27.89 -17.35 -26.14
CA TYR D 131 29.05 -17.68 -25.27
C TYR D 131 29.45 -19.18 -25.32
N THR D 132 30.70 -19.42 -24.97
CA THR D 132 31.26 -20.74 -24.97
C THR D 132 31.83 -21.04 -23.59
N LEU D 133 32.01 -22.29 -23.18
CA LEU D 133 32.63 -22.49 -21.82
C LEU D 133 33.81 -23.37 -21.81
N ARG D 134 34.97 -22.80 -22.05
CA ARG D 134 36.15 -23.64 -22.23
C ARG D 134 37.36 -23.18 -21.36
N THR D 135 37.47 -21.86 -21.21
CA THR D 135 38.68 -21.21 -20.75
C THR D 135 38.43 -20.24 -19.63
N MET D 136 39.48 -19.70 -19.01
CA MET D 136 39.25 -18.82 -17.91
C MET D 136 38.67 -17.57 -18.42
N GLU D 137 38.91 -17.30 -19.68
CA GLU D 137 38.45 -16.09 -20.29
C GLU D 137 36.94 -16.23 -20.53
N ASP D 138 36.53 -17.34 -21.13
CA ASP D 138 35.13 -17.69 -21.16
C ASP D 138 34.42 -17.40 -19.79
N GLY D 139 35.07 -17.83 -18.70
CA GLY D 139 34.58 -17.62 -17.36
C GLY D 139 34.40 -16.18 -17.04
N GLU D 140 35.40 -15.36 -17.27
CA GLU D 140 35.25 -13.92 -17.16
C GLU D 140 34.09 -13.35 -17.99
N ARG D 141 34.07 -13.64 -19.28
CA ARG D 141 33.02 -13.13 -20.10
C ARG D 141 31.62 -13.41 -19.49
N LEU D 142 31.39 -14.69 -19.17
CA LEU D 142 30.12 -15.20 -18.63
C LEU D 142 29.83 -14.59 -17.26
N LEU D 143 30.85 -14.40 -16.46
CA LEU D 143 30.66 -13.96 -15.11
C LEU D 143 30.12 -12.55 -15.10
N LYS D 144 30.52 -11.76 -16.11
CA LYS D 144 30.09 -10.39 -16.34
C LYS D 144 28.60 -10.35 -16.78
N ALA D 145 28.27 -11.20 -17.74
CA ALA D 145 26.91 -11.38 -18.24
C ALA D 145 25.79 -11.89 -17.27
N LEU D 146 26.18 -12.89 -16.47
CA LEU D 146 25.32 -13.50 -15.51
C LEU D 146 24.51 -12.59 -14.55
N PRO D 147 25.18 -11.72 -13.81
CA PRO D 147 24.34 -10.95 -12.86
C PRO D 147 23.61 -9.91 -13.65
N GLN D 148 22.30 -9.91 -13.72
CA GLN D 148 21.68 -9.17 -14.90
C GLN D 148 20.92 -10.09 -15.83
N ALA D 149 20.63 -11.25 -15.26
CA ALA D 149 19.79 -12.34 -15.78
C ALA D 149 19.84 -12.41 -17.26
N ARG D 150 18.73 -12.77 -17.97
CA ARG D 150 17.34 -13.12 -17.52
C ARG D 150 16.87 -14.49 -18.02
N ARG D 151 17.11 -14.72 -19.28
CA ARG D 151 16.61 -15.89 -19.95
C ARG D 151 17.79 -16.64 -20.70
N ALA D 152 18.07 -17.89 -20.37
CA ALA D 152 19.19 -18.59 -20.99
C ALA D 152 18.83 -19.73 -21.88
N ALA D 153 19.51 -19.83 -23.00
CA ALA D 153 19.38 -21.07 -23.81
C ALA D 153 20.68 -21.75 -23.97
N ILE D 154 20.67 -23.03 -23.64
CA ILE D 154 21.81 -23.90 -23.77
C ILE D 154 21.64 -24.91 -24.92
N LEU D 155 22.57 -24.85 -25.88
CA LEU D 155 22.55 -25.83 -26.93
C LEU D 155 23.42 -26.93 -26.50
N GLY D 156 22.81 -28.09 -26.33
CA GLY D 156 23.49 -29.35 -26.17
C GLY D 156 23.29 -29.86 -24.79
N ALA D 157 22.83 -31.07 -24.69
CA ALA D 157 22.63 -31.61 -23.36
C ALA D 157 23.58 -32.76 -23.04
N GLY D 158 24.90 -32.51 -23.24
CA GLY D 158 25.99 -33.35 -22.77
C GLY D 158 26.37 -32.94 -21.36
N TYR D 159 27.41 -33.51 -20.77
CA TYR D 159 27.69 -33.14 -19.37
C TYR D 159 27.89 -31.65 -19.12
N ILE D 160 28.66 -30.92 -19.96
CA ILE D 160 28.90 -29.50 -19.58
C ILE D 160 27.66 -29.06 -20.19
N GLY D 161 26.92 -28.17 -19.59
CA GLY D 161 25.68 -28.09 -20.37
C GLY D 161 24.55 -28.47 -19.52
N LEU D 162 24.42 -29.78 -19.22
CA LEU D 162 23.77 -30.16 -17.95
C LEU D 162 24.41 -29.41 -16.73
N GLU D 163 25.75 -29.33 -16.70
CA GLU D 163 26.39 -28.76 -15.57
C GLU D 163 26.04 -27.25 -15.63
N ALA D 164 26.01 -26.71 -16.87
CA ALA D 164 25.72 -25.29 -17.00
C ALA D 164 24.25 -24.95 -16.59
N ALA D 165 23.30 -25.80 -17.06
CA ALA D 165 21.91 -25.70 -16.58
C ALA D 165 21.76 -25.38 -15.03
N GLU D 166 22.42 -26.25 -14.23
CA GLU D 166 22.50 -26.02 -12.83
C GLU D 166 23.13 -24.66 -12.43
N ALA D 167 24.27 -24.31 -13.04
CA ALA D 167 24.90 -23.04 -12.67
C ALA D 167 23.89 -21.90 -12.87
N PHE D 168 23.21 -21.92 -14.02
CA PHE D 168 22.37 -20.79 -14.45
C PHE D 168 21.15 -20.67 -13.59
N ARG D 169 20.62 -21.84 -13.21
CA ARG D 169 19.44 -21.84 -12.38
C ARG D 169 19.80 -21.23 -11.02
N LYS D 170 20.94 -21.66 -10.46
CA LYS D 170 21.40 -21.14 -9.22
C LYS D 170 21.63 -19.63 -9.28
N ARG D 171 21.76 -19.09 -10.48
CA ARG D 171 22.05 -17.67 -10.63
C ARG D 171 20.79 -17.00 -10.98
N GLY D 172 19.69 -17.73 -10.78
CA GLY D 172 18.33 -17.24 -11.03
C GLY D 172 17.67 -17.28 -12.41
N LEU D 173 18.38 -17.64 -13.47
CA LEU D 173 17.85 -17.31 -14.80
C LEU D 173 16.87 -18.37 -15.13
N GLN D 174 15.97 -18.09 -16.08
CA GLN D 174 15.20 -19.23 -16.59
C GLN D 174 16.03 -19.84 -17.68
N VAL D 175 15.94 -21.15 -17.79
CA VAL D 175 16.82 -21.87 -18.71
C VAL D 175 16.13 -22.95 -19.52
N THR D 176 16.25 -22.73 -20.82
CA THR D 176 15.81 -23.83 -21.67
C THR D 176 17.03 -24.61 -22.34
N LEU D 177 16.94 -25.91 -22.36
CA LEU D 177 17.99 -26.76 -22.88
C LEU D 177 17.57 -27.25 -24.26
N LEU D 178 18.38 -27.01 -25.27
CA LEU D 178 18.01 -27.52 -26.58
C LEU D 178 18.88 -28.70 -27.13
N GLU D 179 18.24 -29.80 -27.45
CA GLU D 179 19.03 -30.93 -27.86
C GLU D 179 18.57 -31.47 -29.21
N ALA D 180 19.49 -31.57 -30.15
CA ALA D 180 19.18 -32.26 -31.42
C ALA D 180 18.64 -33.73 -31.34
N LYS D 181 19.31 -34.56 -30.53
CA LYS D 181 18.89 -35.94 -30.31
C LYS D 181 17.74 -36.01 -29.30
N ASP D 182 17.23 -37.22 -29.02
CA ASP D 182 15.91 -37.34 -28.31
C ASP D 182 15.96 -37.27 -26.79
N ARG D 183 17.16 -37.40 -26.23
CA ARG D 183 17.27 -37.47 -24.80
C ARG D 183 18.40 -36.52 -24.36
N PRO D 184 18.42 -36.12 -23.05
CA PRO D 184 19.66 -35.51 -22.49
C PRO D 184 20.68 -36.60 -22.37
N LEU D 185 21.98 -36.27 -22.43
CA LEU D 185 23.08 -37.28 -22.39
C LEU D 185 22.81 -38.39 -23.44
N PRO D 186 22.73 -37.95 -24.67
CA PRO D 186 22.31 -38.79 -25.76
C PRO D 186 23.38 -39.85 -25.98
N HIS D 187 24.57 -39.66 -25.41
CA HIS D 187 25.61 -40.57 -25.79
C HIS D 187 25.61 -41.81 -24.94
N TRP D 188 24.70 -41.81 -23.99
CA TRP D 188 24.56 -42.95 -23.14
C TRP D 188 23.17 -43.52 -23.37
N ASP D 189 22.90 -44.77 -22.93
CA ASP D 189 21.55 -45.32 -22.94
C ASP D 189 20.47 -44.46 -22.30
N PRO D 190 19.24 -44.77 -22.62
CA PRO D 190 18.19 -43.74 -22.47
C PRO D 190 17.63 -43.60 -21.07
N GLU D 191 17.71 -44.73 -20.34
CA GLU D 191 17.28 -44.77 -18.93
C GLU D 191 17.89 -43.63 -18.15
N VAL D 192 19.21 -43.52 -18.28
CA VAL D 192 19.96 -42.47 -17.61
C VAL D 192 19.46 -41.08 -18.13
N GLY D 193 19.48 -40.84 -19.50
CA GLY D 193 18.90 -39.63 -20.04
C GLY D 193 17.56 -39.29 -19.36
N ALA D 194 16.65 -40.27 -19.23
CA ALA D 194 15.34 -40.12 -18.52
C ALA D 194 15.37 -39.57 -17.12
N LEU D 195 16.14 -40.25 -16.27
CA LEU D 195 16.40 -39.77 -14.90
C LEU D 195 16.90 -38.26 -14.86
N LEU D 196 17.77 -37.88 -15.78
CA LEU D 196 18.15 -36.48 -15.90
C LEU D 196 17.02 -35.57 -16.39
N LYS D 197 16.15 -36.05 -17.28
CA LYS D 197 15.12 -35.12 -17.77
C LYS D 197 14.24 -34.86 -16.57
N GLU D 198 14.00 -35.93 -15.82
CA GLU D 198 13.11 -35.71 -14.69
C GLU D 198 13.67 -34.67 -13.68
N GLU D 199 14.98 -34.79 -13.40
CA GLU D 199 15.63 -33.92 -12.47
C GLU D 199 15.68 -32.48 -12.98
N LEU D 200 16.07 -32.30 -14.23
CA LEU D 200 16.16 -30.95 -14.73
C LEU D 200 14.79 -30.33 -14.60
N GLU D 201 13.78 -31.13 -14.83
CA GLU D 201 12.47 -30.59 -14.97
C GLU D 201 11.98 -30.17 -13.58
N ARG D 202 12.20 -31.07 -12.62
CA ARG D 202 12.00 -30.79 -11.22
C ARG D 202 12.68 -29.45 -10.81
N HIS D 203 13.81 -29.13 -11.40
CA HIS D 203 14.46 -27.90 -11.05
C HIS D 203 14.15 -26.71 -11.89
N GLY D 204 13.14 -26.86 -12.75
CA GLY D 204 12.63 -25.66 -13.43
C GLY D 204 13.22 -25.47 -14.78
N VAL D 205 13.88 -26.52 -15.30
CA VAL D 205 14.61 -26.39 -16.55
C VAL D 205 13.68 -26.92 -17.60
N GLU D 206 13.51 -26.11 -18.66
CA GLU D 206 12.71 -26.60 -19.74
C GLU D 206 13.58 -27.39 -20.71
N VAL D 207 13.28 -28.66 -20.99
CA VAL D 207 14.18 -29.37 -21.92
C VAL D 207 13.55 -29.69 -23.27
N TRP D 208 13.86 -28.89 -24.31
CA TRP D 208 13.48 -29.23 -25.71
C TRP D 208 14.31 -30.42 -26.37
N THR D 209 13.65 -31.46 -26.75
CA THR D 209 14.36 -32.51 -27.41
C THR D 209 14.14 -32.61 -28.94
N GLY D 210 14.98 -33.42 -29.61
CA GLY D 210 14.91 -33.55 -31.07
C GLY D 210 14.60 -32.23 -31.77
N VAL D 211 15.53 -31.26 -31.63
CA VAL D 211 15.26 -29.86 -31.94
C VAL D 211 16.34 -29.35 -32.83
N LYS D 212 15.90 -28.76 -33.92
CA LYS D 212 16.84 -28.27 -34.95
C LYS D 212 16.92 -26.74 -34.79
N VAL D 213 18.08 -26.28 -34.34
CA VAL D 213 18.23 -24.83 -34.19
C VAL D 213 18.41 -24.21 -35.59
N GLU D 214 17.56 -23.26 -36.00
CA GLU D 214 17.78 -22.65 -37.30
C GLU D 214 18.60 -21.33 -37.28
N ALA D 215 18.48 -20.52 -36.22
CA ALA D 215 19.43 -19.37 -36.09
C ALA D 215 19.17 -18.46 -34.93
N PHE D 216 20.16 -17.59 -34.72
CA PHE D 216 20.17 -16.72 -33.53
C PHE D 216 19.72 -15.31 -33.85
N ARG D 217 18.48 -14.99 -33.43
CA ARG D 217 17.83 -13.71 -33.74
C ARG D 217 18.48 -12.54 -33.05
N GLY D 218 18.72 -11.51 -33.84
CA GLY D 218 19.23 -10.27 -33.28
C GLY D 218 19.95 -9.42 -34.31
N MET D 219 20.18 -8.20 -33.87
CA MET D 219 20.89 -7.27 -34.73
C MET D 219 22.36 -7.13 -34.30
N GLY D 220 22.99 -8.27 -34.00
CA GLY D 220 24.27 -8.32 -33.33
C GLY D 220 24.20 -8.47 -31.82
N ARG D 221 23.01 -8.77 -31.29
CA ARG D 221 22.81 -8.88 -29.86
C ARG D 221 22.39 -10.23 -29.39
N VAL D 222 21.41 -10.78 -30.07
CA VAL D 222 20.77 -12.04 -29.60
C VAL D 222 19.72 -11.82 -28.51
N GLU D 223 18.56 -12.36 -28.85
CA GLU D 223 17.40 -12.18 -28.03
C GLU D 223 16.50 -13.37 -28.27
N ALA D 224 16.77 -14.12 -29.34
CA ALA D 224 15.94 -15.29 -29.55
C ALA D 224 16.47 -16.74 -29.68
N VAL D 225 17.08 -17.25 -30.76
CA VAL D 225 17.02 -18.72 -31.06
C VAL D 225 15.67 -19.22 -31.65
N GLU D 226 15.78 -19.45 -32.96
CA GLU D 226 14.66 -19.86 -33.74
C GLU D 226 14.95 -21.26 -34.09
N THR D 227 13.98 -22.12 -33.85
CA THR D 227 14.18 -23.55 -33.96
C THR D 227 13.04 -24.19 -34.72
N SER D 228 13.28 -25.40 -35.21
CA SER D 228 12.24 -26.22 -35.80
C SER D 228 10.94 -26.32 -34.92
N GLU D 229 11.03 -26.08 -33.62
CA GLU D 229 9.90 -26.28 -32.73
C GLU D 229 9.45 -24.94 -32.11
N GLY D 230 9.84 -23.82 -32.75
CA GLY D 230 9.30 -22.54 -32.33
C GLY D 230 10.42 -21.64 -31.87
N VAL D 231 10.04 -20.56 -31.18
CA VAL D 231 11.07 -19.60 -30.87
C VAL D 231 11.36 -19.56 -29.39
N VAL D 232 12.66 -19.62 -29.05
CA VAL D 232 13.01 -19.48 -27.63
C VAL D 232 13.54 -18.10 -27.25
N PRO D 233 12.78 -17.31 -26.55
CA PRO D 233 13.48 -16.04 -26.23
C PRO D 233 14.65 -16.23 -25.29
N ALA D 234 15.81 -15.64 -25.62
CA ALA D 234 17.03 -15.79 -24.79
C ALA D 234 18.04 -14.67 -24.87
N ASP D 235 18.41 -14.07 -23.75
CA ASP D 235 19.40 -12.97 -23.81
C ASP D 235 20.87 -13.38 -23.64
N LEU D 236 21.00 -14.54 -23.00
CA LEU D 236 22.23 -15.23 -23.07
C LEU D 236 22.10 -16.67 -23.62
N VAL D 237 22.94 -17.01 -24.61
CA VAL D 237 23.03 -18.39 -25.03
C VAL D 237 24.44 -19.03 -24.90
N LEU D 238 24.47 -20.27 -24.41
CA LEU D 238 25.69 -21.03 -24.23
C LEU D 238 25.73 -22.20 -25.23
N LEU D 239 26.79 -22.24 -26.07
CA LEU D 239 27.03 -23.35 -27.02
C LEU D 239 27.78 -24.43 -26.31
N ALA D 240 27.22 -25.62 -26.34
CA ALA D 240 27.84 -26.69 -25.57
C ALA D 240 27.69 -28.02 -26.30
N THR D 241 28.37 -28.11 -27.42
CA THR D 241 27.94 -28.93 -28.51
C THR D 241 29.16 -29.74 -28.96
N GLY D 242 30.15 -29.80 -28.09
CA GLY D 242 31.30 -30.58 -28.50
C GLY D 242 32.57 -29.78 -28.49
N ILE D 243 33.65 -30.53 -28.56
CA ILE D 243 34.95 -29.92 -28.69
C ILE D 243 35.61 -30.75 -29.77
N ARG D 244 36.68 -30.23 -30.36
CA ARG D 244 37.51 -30.91 -31.33
C ARG D 244 38.95 -30.53 -30.99
N PRO D 245 39.88 -31.44 -31.25
CA PRO D 245 41.26 -31.24 -30.75
C PRO D 245 42.00 -30.22 -31.58
N ASN D 246 42.87 -29.47 -30.94
CA ASN D 246 43.68 -28.46 -31.63
C ASN D 246 44.90 -29.07 -32.32
N THR D 247 44.65 -29.74 -33.43
CA THR D 247 45.75 -30.45 -34.11
C THR D 247 46.52 -29.61 -35.17
N GLU D 248 45.98 -28.45 -35.50
CA GLU D 248 46.51 -27.61 -36.55
C GLU D 248 48.08 -27.43 -36.59
N LEU D 249 48.68 -27.02 -35.46
CA LEU D 249 50.11 -26.75 -35.38
C LEU D 249 50.88 -28.11 -35.49
N ALA D 250 50.25 -29.17 -35.05
CA ALA D 250 50.98 -30.42 -35.13
C ALA D 250 50.98 -30.97 -36.57
N GLN D 251 50.04 -30.50 -37.38
CA GLN D 251 49.95 -31.08 -38.69
C GLN D 251 50.89 -30.31 -39.53
N ALA D 252 51.01 -29.03 -39.22
CA ALA D 252 51.99 -28.15 -39.85
C ALA D 252 53.36 -28.79 -39.80
N MET D 253 53.69 -29.40 -38.66
CA MET D 253 54.99 -29.96 -38.50
C MET D 253 55.05 -31.42 -38.81
N GLY D 254 54.03 -31.93 -39.49
CA GLY D 254 54.07 -33.34 -39.89
C GLY D 254 53.99 -34.39 -38.76
N VAL D 255 53.26 -34.04 -37.71
CA VAL D 255 52.86 -35.05 -36.72
C VAL D 255 51.63 -35.80 -37.32
N ALA D 256 51.60 -37.10 -37.13
CA ALA D 256 50.46 -37.91 -37.55
C ALA D 256 49.22 -37.88 -36.66
N LEU D 257 48.05 -37.76 -37.31
CA LEU D 257 46.81 -37.92 -36.56
C LEU D 257 46.38 -39.39 -36.63
N GLY D 258 45.77 -39.86 -35.55
CA GLY D 258 45.09 -41.14 -35.58
C GLY D 258 43.67 -41.02 -36.18
N PRO D 259 43.02 -42.14 -36.25
CA PRO D 259 41.70 -42.12 -36.90
C PRO D 259 40.68 -41.21 -36.17
N THR D 260 40.88 -40.97 -34.89
CA THR D 260 39.97 -40.07 -34.21
C THR D 260 40.12 -38.57 -34.65
N GLY D 261 41.32 -38.16 -35.08
CA GLY D 261 41.51 -36.77 -35.40
C GLY D 261 42.45 -36.09 -34.43
N ALA D 262 42.64 -36.87 -33.38
CA ALA D 262 43.52 -36.47 -32.28
C ALA D 262 44.90 -36.94 -32.72
N ILE D 263 45.92 -36.43 -32.05
CA ILE D 263 47.31 -36.90 -32.25
C ILE D 263 47.54 -38.35 -31.75
N ALA D 264 48.22 -39.15 -32.60
CA ALA D 264 48.41 -40.56 -32.34
C ALA D 264 49.56 -40.58 -31.39
N THR D 265 49.61 -41.57 -30.49
CA THR D 265 50.73 -41.69 -29.53
C THR D 265 50.99 -43.17 -29.16
N ASP D 266 52.17 -43.47 -28.63
CA ASP D 266 52.37 -44.79 -28.03
C ASP D 266 52.27 -44.84 -26.49
N GLU D 267 52.61 -45.98 -25.88
CA GLU D 267 52.52 -46.07 -24.44
C GLU D 267 53.48 -45.10 -23.79
N ARG D 268 54.29 -44.44 -24.61
CA ARG D 268 55.18 -43.43 -24.03
C ARG D 268 54.75 -41.99 -24.27
N MET D 269 53.57 -41.87 -24.95
CA MET D 269 53.03 -40.57 -25.38
C MET D 269 53.92 -39.97 -26.47
N ARG D 270 54.77 -40.81 -27.08
CA ARG D 270 55.58 -40.33 -28.19
C ARG D 270 54.85 -40.32 -29.56
N THR D 271 54.83 -39.16 -30.21
CA THR D 271 54.27 -39.13 -31.60
C THR D 271 55.20 -39.86 -32.67
N ASN D 272 54.89 -39.70 -33.93
CA ASN D 272 55.68 -40.32 -35.03
C ASN D 272 57.06 -39.65 -35.15
N LEU D 273 57.17 -38.38 -34.81
CA LEU D 273 58.50 -37.72 -34.78
C LEU D 273 59.29 -37.94 -33.50
N GLU D 274 60.58 -38.20 -33.72
CA GLU D 274 61.56 -38.42 -32.68
C GLU D 274 61.61 -37.16 -31.86
N GLY D 275 61.55 -37.25 -30.53
CA GLY D 275 61.62 -36.07 -29.67
C GLY D 275 60.32 -35.29 -29.40
N VAL D 276 59.20 -35.71 -30.04
CA VAL D 276 57.93 -35.00 -29.96
C VAL D 276 56.87 -35.88 -29.41
N TYR D 277 56.26 -35.34 -28.33
CA TYR D 277 55.22 -36.05 -27.59
C TYR D 277 53.96 -35.27 -27.61
N ALA D 278 52.84 -35.99 -27.47
CA ALA D 278 51.62 -35.30 -27.15
C ALA D 278 50.94 -35.69 -25.80
N ALA D 279 50.40 -34.67 -25.10
CA ALA D 279 49.65 -34.86 -23.86
C ALA D 279 48.32 -34.05 -23.74
N GLY D 280 47.24 -34.77 -23.34
CA GLY D 280 45.97 -34.20 -22.97
C GLY D 280 44.96 -34.24 -24.08
N ASP D 281 44.27 -33.13 -24.29
CA ASP D 281 43.08 -33.17 -25.10
C ASP D 281 43.45 -33.22 -26.53
N VAL D 282 44.68 -32.95 -26.93
CA VAL D 282 44.97 -33.06 -28.36
C VAL D 282 45.35 -34.52 -28.78
N ALA D 283 45.32 -35.39 -27.80
CA ALA D 283 45.93 -36.72 -27.82
C ALA D 283 44.95 -37.90 -27.75
N GLU D 284 45.07 -38.80 -28.72
CA GLU D 284 44.37 -40.10 -28.55
C GLU D 284 44.90 -40.95 -27.36
N SER D 285 44.08 -41.88 -26.89
CA SER D 285 44.46 -42.80 -25.84
C SER D 285 43.90 -44.13 -26.29
N PHE D 286 44.47 -45.18 -25.76
CA PHE D 286 44.02 -46.54 -26.14
C PHE D 286 42.83 -46.96 -25.21
N HIS D 287 41.70 -47.11 -25.82
CA HIS D 287 40.58 -47.69 -25.14
C HIS D 287 40.78 -49.19 -24.94
N ARG D 288 40.60 -49.66 -23.73
CA ARG D 288 40.95 -51.04 -23.41
C ARG D 288 39.84 -52.06 -23.63
N VAL D 289 38.61 -51.55 -23.81
CA VAL D 289 37.46 -52.44 -24.04
C VAL D 289 37.36 -52.57 -25.53
N LEU D 290 37.48 -51.42 -26.25
CA LEU D 290 37.44 -51.48 -27.74
C LEU D 290 38.78 -51.93 -28.42
N LYS D 291 39.82 -52.04 -27.60
CA LYS D 291 41.08 -52.54 -28.11
C LYS D 291 41.51 -51.75 -29.34
N ARG D 292 41.44 -50.41 -29.25
CA ARG D 292 41.92 -49.47 -30.28
C ARG D 292 42.04 -47.98 -29.83
N PRO D 293 42.72 -47.13 -30.63
CA PRO D 293 42.72 -45.72 -30.20
C PRO D 293 41.36 -45.02 -30.30
N TYR D 294 41.25 -43.98 -29.48
CA TYR D 294 39.98 -43.46 -29.04
C TYR D 294 40.23 -42.08 -28.54
N TRP D 295 39.26 -41.16 -28.62
CA TRP D 295 39.52 -39.80 -28.01
C TRP D 295 38.80 -39.62 -26.67
N LEU D 296 39.52 -39.47 -25.57
CA LEU D 296 38.82 -39.32 -24.25
C LEU D 296 39.28 -38.06 -23.53
N PRO D 297 38.86 -36.88 -24.03
CA PRO D 297 39.32 -35.56 -23.51
C PRO D 297 38.78 -35.17 -22.05
N LEU D 298 39.29 -35.96 -21.08
CA LEU D 298 39.05 -35.79 -19.66
C LEU D 298 40.30 -35.36 -18.95
N GLY D 299 40.14 -34.58 -17.92
CA GLY D 299 41.24 -33.87 -17.35
C GLY D 299 42.07 -34.81 -16.48
N ASP D 300 41.49 -35.93 -16.05
CA ASP D 300 42.26 -36.89 -15.34
C ASP D 300 43.11 -37.56 -16.42
N VAL D 301 42.53 -37.93 -17.56
CA VAL D 301 43.44 -38.51 -18.57
C VAL D 301 44.52 -37.53 -19.04
N ALA D 302 44.21 -36.26 -19.15
CA ALA D 302 45.30 -35.35 -19.46
C ALA D 302 46.48 -35.39 -18.43
N ASN D 303 46.17 -35.42 -17.15
CA ASN D 303 47.22 -35.44 -16.14
C ASN D 303 48.00 -36.77 -16.24
N LYS D 304 47.32 -37.84 -16.61
CA LYS D 304 48.05 -39.09 -16.82
C LYS D 304 48.95 -39.02 -18.08
N HIS D 305 48.42 -38.54 -19.21
CA HIS D 305 49.24 -38.20 -20.38
C HIS D 305 50.47 -37.42 -20.04
N GLY D 306 50.30 -36.34 -19.27
CA GLY D 306 51.32 -35.31 -19.08
C GLY D 306 52.40 -35.82 -18.19
N ARG D 307 51.95 -36.52 -17.18
CA ARG D 307 52.89 -37.09 -16.24
C ARG D 307 53.67 -38.25 -16.90
N THR D 308 53.09 -39.00 -17.82
CA THR D 308 53.89 -40.02 -18.51
C THR D 308 54.98 -39.38 -19.41
N ALA D 309 54.57 -38.41 -20.21
CA ALA D 309 55.43 -37.71 -21.08
C ALA D 309 56.59 -37.17 -20.30
N GLY D 310 56.23 -36.49 -19.22
CA GLY D 310 57.26 -35.86 -18.44
C GLY D 310 58.30 -36.83 -17.83
N SER D 311 57.84 -37.85 -17.04
CA SER D 311 58.71 -38.94 -16.61
C SER D 311 59.58 -39.48 -17.76
N VAL D 312 59.03 -39.65 -18.98
CA VAL D 312 59.76 -40.42 -19.94
C VAL D 312 60.92 -39.54 -20.35
N ILE D 313 60.64 -38.26 -20.58
CA ILE D 313 61.65 -37.25 -20.94
C ILE D 313 62.79 -37.07 -19.92
N ALA D 314 62.51 -37.19 -18.62
CA ALA D 314 63.52 -37.03 -17.54
C ALA D 314 64.21 -38.35 -17.31
N GLY D 315 64.10 -39.21 -18.32
CA GLY D 315 64.65 -40.55 -18.25
C GLY D 315 64.08 -41.59 -17.30
N ARG D 316 63.04 -41.32 -16.51
CA ARG D 316 62.24 -42.40 -15.90
C ARG D 316 61.55 -43.35 -16.88
N GLU D 317 61.43 -44.62 -16.51
CA GLU D 317 60.62 -45.60 -17.24
C GLU D 317 59.14 -45.34 -16.86
N ALA D 318 58.34 -44.98 -17.85
CA ALA D 318 56.92 -44.67 -17.60
C ALA D 318 56.09 -45.10 -18.81
N ARG D 319 54.89 -45.60 -18.60
CA ARG D 319 54.03 -46.04 -19.70
C ARG D 319 52.61 -45.77 -19.40
N PHE D 320 51.89 -45.27 -20.39
CA PHE D 320 50.48 -45.04 -20.24
C PHE D 320 49.75 -46.16 -20.98
N LEU D 321 48.88 -46.83 -20.24
CA LEU D 321 48.35 -48.08 -20.74
C LEU D 321 46.92 -48.10 -21.24
N GLY D 322 46.27 -46.91 -21.31
CA GLY D 322 44.93 -46.80 -21.89
C GLY D 322 43.90 -46.51 -20.84
N VAL D 323 42.69 -46.36 -21.42
CA VAL D 323 41.44 -45.95 -20.70
C VAL D 323 40.29 -46.88 -20.96
N VAL D 324 39.23 -46.66 -20.21
CA VAL D 324 38.17 -47.60 -20.32
C VAL D 324 36.96 -46.70 -20.48
N GLY D 325 37.18 -45.41 -20.42
CA GLY D 325 36.06 -44.48 -20.58
C GLY D 325 35.37 -43.94 -19.32
N THR D 326 35.97 -44.03 -18.16
CA THR D 326 35.18 -43.73 -16.99
C THR D 326 34.93 -42.24 -16.89
N ALA D 327 33.69 -41.87 -16.60
CA ALA D 327 33.42 -40.47 -16.26
C ALA D 327 32.30 -40.22 -15.22
N ILE D 328 32.34 -39.10 -14.51
CA ILE D 328 31.28 -38.80 -13.59
C ILE D 328 31.00 -37.29 -13.67
N PHE D 329 29.75 -36.87 -13.59
CA PHE D 329 29.49 -35.45 -13.43
C PHE D 329 28.36 -35.21 -12.46
N LYS D 330 28.23 -33.99 -11.96
CA LYS D 330 27.10 -33.72 -11.10
C LYS D 330 26.06 -32.75 -11.78
N ALA D 331 24.84 -33.21 -11.84
CA ALA D 331 23.74 -32.34 -12.30
C ALA D 331 22.58 -32.23 -11.34
N PHE D 332 22.49 -31.08 -10.62
CA PHE D 332 21.61 -30.86 -9.44
C PHE D 332 21.81 -31.93 -8.34
N ASP D 333 20.80 -32.79 -8.12
CA ASP D 333 20.86 -33.78 -7.05
C ASP D 333 21.26 -35.13 -7.52
N LEU D 334 21.80 -35.23 -8.72
CA LEU D 334 22.21 -36.52 -9.24
C LEU D 334 23.61 -36.45 -9.48
N ALA D 335 24.24 -37.58 -9.25
CA ALA D 335 25.62 -37.79 -9.67
C ALA D 335 25.56 -38.90 -10.75
N VAL D 336 26.14 -38.65 -11.89
CA VAL D 336 25.95 -39.65 -12.95
C VAL D 336 27.32 -40.17 -13.41
N ALA D 337 27.47 -41.48 -13.30
CA ALA D 337 28.75 -42.02 -13.67
C ALA D 337 28.62 -43.10 -14.68
N THR D 338 29.50 -43.11 -15.68
CA THR D 338 29.44 -44.11 -16.73
C THR D 338 30.83 -44.65 -16.94
N THR D 339 30.85 -45.78 -17.62
CA THR D 339 32.14 -46.35 -17.97
C THR D 339 31.95 -47.40 -19.07
N GLY D 340 33.02 -47.74 -19.77
CA GLY D 340 32.88 -48.69 -20.87
C GLY D 340 31.97 -48.11 -21.98
N LEU D 341 31.18 -49.04 -22.53
CA LEU D 341 30.32 -48.79 -23.67
C LEU D 341 28.91 -48.83 -23.18
N SER D 342 28.04 -47.98 -23.73
CA SER D 342 26.61 -48.14 -23.51
C SER D 342 26.14 -49.36 -24.32
N LEU D 343 24.93 -49.79 -24.07
CA LEU D 343 24.46 -50.90 -24.80
C LEU D 343 24.41 -50.55 -26.24
N GLU D 344 23.99 -49.30 -26.57
CA GLU D 344 23.92 -48.97 -28.03
C GLU D 344 25.26 -49.13 -28.68
N GLY D 345 26.28 -48.53 -28.02
CA GLY D 345 27.66 -48.59 -28.47
C GLY D 345 28.18 -50.02 -28.60
N ALA D 346 27.94 -50.74 -27.52
CA ALA D 346 28.33 -52.13 -27.58
C ALA D 346 27.83 -52.79 -28.93
N LEU D 347 26.53 -52.68 -29.15
CA LEU D 347 25.85 -53.30 -30.28
C LEU D 347 26.39 -52.81 -31.60
N LYS D 348 26.65 -51.49 -31.73
CA LYS D 348 27.23 -50.87 -32.96
C LYS D 348 28.57 -51.48 -33.29
N GLU D 349 29.41 -51.70 -32.27
CA GLU D 349 30.68 -52.48 -32.44
C GLU D 349 30.51 -53.95 -32.77
N GLY D 350 29.23 -54.38 -32.85
CA GLY D 350 28.86 -55.76 -33.00
C GLY D 350 29.17 -56.74 -31.85
N PHE D 351 28.93 -56.33 -30.60
CA PHE D 351 28.85 -57.40 -29.59
C PHE D 351 27.45 -57.96 -29.52
N TRP D 352 27.33 -59.23 -29.13
CA TRP D 352 26.00 -59.66 -28.75
C TRP D 352 25.77 -59.20 -27.32
N ALA D 353 25.11 -58.05 -27.17
CA ALA D 353 25.21 -57.31 -25.92
C ALA D 353 23.88 -57.18 -25.25
N LYS D 354 23.91 -57.36 -23.93
CA LYS D 354 22.66 -57.20 -23.17
C LYS D 354 22.88 -56.15 -22.11
N LYS D 355 21.79 -55.58 -21.63
CA LYS D 355 21.90 -54.66 -20.50
C LYS D 355 21.01 -55.01 -19.31
N VAL D 356 21.45 -54.83 -18.07
CA VAL D 356 20.44 -54.86 -17.05
C VAL D 356 20.30 -53.42 -16.46
N PHE D 357 19.20 -53.09 -15.80
CA PHE D 357 19.13 -51.70 -15.19
C PHE D 357 18.27 -51.80 -13.96
N ILE D 358 18.78 -51.46 -12.78
CA ILE D 358 18.04 -51.79 -11.52
C ILE D 358 18.06 -50.56 -10.72
N GLN D 359 17.13 -50.48 -9.77
CA GLN D 359 17.14 -49.31 -8.90
C GLN D 359 17.16 -49.76 -7.48
N SER D 360 18.25 -49.46 -6.80
CA SER D 360 18.36 -49.81 -5.40
C SER D 360 18.32 -48.55 -4.50
N ARG D 361 18.94 -48.68 -3.29
CA ARG D 361 19.09 -47.54 -2.37
C ARG D 361 20.57 -47.35 -2.07
N ASP D 362 20.82 -46.29 -1.30
CA ASP D 362 22.13 -45.88 -0.95
C ASP D 362 22.42 -46.16 0.53
N GLY D 363 21.99 -47.29 1.03
CA GLY D 363 21.91 -47.46 2.45
C GLY D 363 20.69 -48.30 2.70
N ALA D 364 20.69 -48.96 3.83
CA ALA D 364 19.50 -49.62 4.32
C ALA D 364 18.14 -48.92 4.03
N HIS D 365 17.17 -49.69 3.51
CA HIS D 365 15.74 -49.27 3.55
C HIS D 365 15.39 -48.47 4.82
N TYR D 366 15.77 -48.96 6.01
CA TYR D 366 15.44 -48.29 7.24
C TYR D 366 16.33 -47.08 7.57
N TYR D 367 17.48 -46.92 6.90
CA TYR D 367 18.35 -45.81 7.25
C TYR D 367 17.78 -44.39 6.99
N PRO D 368 17.86 -43.48 7.96
CA PRO D 368 17.35 -42.15 7.69
C PRO D 368 18.06 -41.45 6.54
N GLY D 369 17.29 -41.11 5.52
CA GLY D 369 17.84 -40.24 4.51
C GLY D 369 18.37 -40.99 3.35
N SER D 370 18.43 -42.31 3.44
CA SER D 370 19.06 -43.13 2.38
C SER D 370 18.26 -42.84 1.08
N GLY D 371 18.99 -42.67 -0.02
CA GLY D 371 18.33 -42.21 -1.22
C GLY D 371 18.27 -43.32 -2.24
N PRO D 372 17.90 -42.93 -3.46
CA PRO D 372 17.93 -43.96 -4.49
C PRO D 372 19.32 -44.19 -5.04
N LEU D 373 19.52 -45.32 -5.67
CA LEU D 373 20.74 -45.48 -6.43
C LEU D 373 20.47 -46.44 -7.58
N TRP D 374 20.77 -46.02 -8.80
CA TRP D 374 20.63 -46.93 -9.94
C TRP D 374 22.03 -47.44 -10.46
N VAL D 375 22.06 -48.65 -10.96
CA VAL D 375 23.25 -49.13 -11.57
C VAL D 375 22.74 -49.81 -12.83
N GLU D 376 23.57 -49.74 -13.88
CA GLU D 376 23.37 -50.36 -15.21
C GLU D 376 24.58 -51.17 -15.56
N LEU D 377 24.33 -52.38 -15.96
CA LEU D 377 25.43 -53.19 -16.43
C LEU D 377 25.26 -53.44 -17.90
N VAL D 378 26.37 -53.40 -18.63
CA VAL D 378 26.29 -53.71 -20.05
C VAL D 378 27.24 -54.87 -20.29
N TYR D 379 26.69 -56.03 -20.65
CA TYR D 379 27.54 -57.21 -20.80
C TYR D 379 27.40 -57.98 -22.11
N GLU D 380 28.42 -58.80 -22.40
CA GLU D 380 28.37 -59.75 -23.56
C GLU D 380 27.58 -61.07 -23.25
N GLU D 381 26.74 -61.47 -24.22
CA GLU D 381 25.70 -62.45 -24.05
C GLU D 381 26.19 -63.82 -23.49
N GLY D 382 27.22 -64.34 -24.17
CA GLY D 382 27.58 -65.70 -23.76
C GLY D 382 28.63 -65.81 -22.65
N THR D 383 29.74 -65.11 -22.92
CA THR D 383 30.93 -65.00 -22.07
C THR D 383 30.63 -64.36 -20.71
N GLY D 384 29.59 -63.52 -20.68
CA GLY D 384 29.34 -62.75 -19.47
C GLY D 384 30.29 -61.57 -19.29
N ARG D 385 31.20 -61.32 -20.25
CA ARG D 385 32.15 -60.19 -20.21
C ARG D 385 31.52 -58.78 -20.03
N LEU D 386 31.99 -58.08 -19.00
CA LEU D 386 31.56 -56.70 -18.79
C LEU D 386 31.95 -55.81 -19.95
N LEU D 387 31.09 -54.82 -20.28
CA LEU D 387 31.35 -53.92 -21.43
C LEU D 387 31.18 -52.49 -21.09
N GLY D 388 30.33 -52.25 -20.11
CA GLY D 388 30.10 -50.87 -19.74
C GLY D 388 29.21 -50.89 -18.56
N GLY D 389 28.98 -49.72 -18.01
CA GLY D 389 28.04 -49.62 -16.93
C GLY D 389 27.88 -48.19 -16.50
N ALA D 390 26.82 -47.97 -15.79
CA ALA D 390 26.57 -46.63 -15.29
C ALA D 390 26.12 -46.72 -13.83
N VAL D 391 26.53 -45.78 -13.01
CA VAL D 391 25.80 -45.67 -11.77
C VAL D 391 25.31 -44.29 -11.50
N VAL D 392 24.10 -44.19 -11.03
CA VAL D 392 23.61 -42.89 -10.64
C VAL D 392 23.02 -42.87 -9.21
N ALA D 393 23.42 -41.81 -8.48
CA ALA D 393 23.08 -41.65 -7.07
C ALA D 393 22.89 -40.15 -6.77
N ARG D 394 22.49 -39.77 -5.53
CA ARG D 394 22.76 -38.39 -5.06
C ARG D 394 24.26 -38.28 -4.59
N GLY D 395 24.71 -39.37 -3.95
CA GLY D 395 26.05 -39.64 -3.43
C GLY D 395 27.36 -39.12 -4.00
N HIS D 396 28.11 -38.52 -3.05
CA HIS D 396 29.29 -37.53 -3.08
C HIS D 396 30.68 -38.22 -2.84
N GLY D 397 30.32 -39.54 -2.67
CA GLY D 397 30.23 -40.61 -3.70
C GLY D 397 29.09 -41.64 -4.01
N ALA D 398 29.44 -42.37 -5.08
CA ALA D 398 28.94 -43.62 -5.78
C ALA D 398 28.91 -43.31 -7.31
N LEU D 399 30.01 -43.64 -8.10
CA LEU D 399 31.43 -43.82 -7.54
C LEU D 399 31.89 -45.21 -7.29
N ARG D 400 30.88 -45.96 -6.87
CA ARG D 400 30.81 -47.39 -7.09
C ARG D 400 31.32 -47.71 -8.57
N ILE D 401 31.28 -46.67 -9.46
CA ILE D 401 31.54 -46.86 -10.87
C ILE D 401 32.99 -47.38 -10.96
N ASP D 402 33.69 -47.12 -9.87
CA ASP D 402 35.12 -47.29 -9.93
C ASP D 402 35.44 -48.73 -9.97
N VAL D 403 34.53 -49.49 -9.37
CA VAL D 403 34.67 -50.94 -9.30
C VAL D 403 34.56 -51.52 -10.69
N LEU D 404 33.55 -50.99 -11.40
CA LEU D 404 33.30 -51.42 -12.76
C LEU D 404 34.55 -51.16 -13.63
N ALA D 405 34.94 -49.90 -13.64
CA ALA D 405 36.24 -49.52 -14.22
C ALA D 405 37.35 -50.52 -13.98
N ALA D 406 37.44 -50.91 -12.69
CA ALA D 406 38.46 -51.83 -12.24
C ALA D 406 38.40 -53.20 -12.95
N LEU D 407 37.22 -53.79 -12.90
CA LEU D 407 36.99 -55.05 -13.63
C LEU D 407 37.24 -54.94 -15.16
N LEU D 408 36.69 -53.84 -15.70
CA LEU D 408 36.70 -53.58 -17.11
C LEU D 408 38.17 -53.61 -17.61
N HIS D 409 39.08 -53.35 -16.67
CA HIS D 409 40.45 -53.13 -17.03
C HIS D 409 41.20 -54.43 -17.31
N ARG D 410 40.95 -55.47 -16.47
CA ARG D 410 41.19 -56.89 -16.86
C ARG D 410 40.06 -57.39 -17.84
N GLU D 411 39.78 -58.65 -18.03
CA GLU D 411 38.55 -58.84 -18.83
C GLU D 411 37.33 -58.54 -17.99
N GLY D 412 37.12 -59.31 -16.96
CA GLY D 412 36.11 -59.01 -15.98
C GLY D 412 34.73 -59.35 -16.50
N SER D 413 34.14 -60.36 -15.87
CA SER D 413 32.77 -60.77 -16.14
C SER D 413 31.82 -60.43 -15.04
N VAL D 414 30.57 -60.59 -15.38
CA VAL D 414 29.52 -60.47 -14.41
C VAL D 414 29.79 -61.48 -13.24
N GLU D 415 30.32 -62.65 -13.60
CA GLU D 415 30.64 -63.71 -12.64
C GLU D 415 31.57 -63.20 -11.57
N ASP D 416 32.60 -62.51 -12.10
CA ASP D 416 33.66 -61.88 -11.35
C ASP D 416 33.16 -60.80 -10.38
N LEU D 417 32.37 -59.84 -10.90
CA LEU D 417 31.62 -58.85 -10.12
C LEU D 417 30.91 -59.61 -8.97
N LEU D 418 30.08 -60.61 -9.29
CA LEU D 418 29.30 -61.36 -8.31
C LEU D 418 30.14 -61.85 -7.13
N ALA D 419 31.41 -62.03 -7.36
CA ALA D 419 32.27 -62.72 -6.39
C ALA D 419 32.92 -61.82 -5.41
N LEU D 420 32.98 -60.56 -5.76
CA LEU D 420 33.60 -59.52 -4.92
C LEU D 420 32.94 -59.40 -3.58
N ASP D 421 33.84 -59.33 -2.62
CA ASP D 421 33.48 -58.98 -1.27
C ASP D 421 33.31 -57.47 -1.07
N LEU D 422 32.15 -56.88 -1.29
CA LEU D 422 32.08 -55.46 -1.05
C LEU D 422 31.71 -55.05 0.39
N ALA D 423 31.66 -53.73 0.64
CA ALA D 423 31.48 -53.23 1.99
C ALA D 423 30.06 -53.00 2.28
N TYR D 424 29.68 -53.49 3.44
CA TYR D 424 28.32 -53.32 3.88
C TYR D 424 28.17 -52.43 5.15
N ALA D 425 27.25 -51.51 5.19
CA ALA D 425 26.84 -51.07 6.52
C ALA D 425 25.70 -50.11 6.32
N PRO D 426 24.69 -50.16 7.19
CA PRO D 426 23.39 -49.48 6.98
C PRO D 426 23.44 -48.08 6.34
N PRO D 427 24.29 -47.20 6.82
CA PRO D 427 24.37 -45.81 6.29
C PRO D 427 24.84 -45.68 4.81
N PHE D 428 25.38 -46.73 4.16
CA PHE D 428 26.18 -46.59 2.92
C PHE D 428 25.67 -47.46 1.74
N SER D 429 25.16 -48.61 2.12
CA SER D 429 24.76 -49.60 1.14
C SER D 429 23.60 -50.42 1.79
N PRO D 430 22.57 -50.80 1.02
CA PRO D 430 21.78 -51.99 1.38
C PRO D 430 22.68 -53.30 1.60
N VAL D 431 22.13 -54.39 2.15
CA VAL D 431 23.06 -55.48 2.51
C VAL D 431 23.61 -56.25 1.25
N TRP D 432 22.81 -56.14 0.20
CA TRP D 432 23.38 -56.48 -1.09
C TRP D 432 23.84 -55.20 -1.81
N ASP D 433 25.15 -55.11 -2.07
CA ASP D 433 25.50 -53.92 -2.81
C ASP D 433 24.66 -53.75 -4.09
N PRO D 434 24.20 -52.54 -4.40
CA PRO D 434 23.57 -52.38 -5.70
C PRO D 434 24.35 -52.97 -6.89
N LEU D 435 25.65 -52.81 -6.96
CA LEU D 435 26.41 -53.55 -7.99
C LEU D 435 26.12 -55.06 -8.00
N LEU D 436 26.17 -55.73 -6.84
CA LEU D 436 25.82 -57.11 -6.73
C LEU D 436 24.36 -57.43 -7.15
N ILE D 437 23.41 -56.60 -6.73
CA ILE D 437 22.02 -56.97 -7.00
C ILE D 437 22.03 -57.00 -8.54
N ALA D 438 22.24 -55.86 -9.18
CA ALA D 438 22.53 -55.82 -10.63
C ALA D 438 23.14 -57.08 -11.31
N ALA D 439 24.25 -57.59 -10.78
CA ALA D 439 25.02 -58.67 -11.36
C ALA D 439 24.17 -59.97 -11.44
N GLN D 440 24.13 -60.51 -12.68
CA GLN D 440 23.11 -61.51 -13.26
C GLN D 440 21.58 -61.15 -12.90
N GLN D 441 21.34 -61.76 -11.67
CA GLN D 441 20.74 -61.19 -10.48
C GLN D 441 19.77 -60.01 -11.03
N ALA D 442 18.48 -60.05 -10.52
CA ALA D 442 17.21 -59.49 -11.09
C ALA D 442 17.47 -58.71 -12.42
N ARG D 443 16.37 -58.25 -13.09
CA ARG D 443 16.40 -57.67 -14.52
C ARG D 443 16.12 -56.12 -14.77
PA FAD E . -7.04 -10.97 -16.59
O1A FAD E . -5.40 -11.05 -16.63
O2A FAD E . -7.80 -10.19 -15.45
O5B FAD E . -7.74 -12.49 -16.53
C5B FAD E . -7.94 -13.50 -17.59
C4B FAD E . -8.32 -14.86 -16.95
O4B FAD E . -8.56 -15.79 -18.03
C3B FAD E . -7.23 -15.35 -15.92
O3B FAD E . -7.58 -15.42 -14.48
C2B FAD E . -6.73 -16.64 -16.61
O2B FAD E . -6.38 -17.68 -15.63
C1B FAD E . -7.78 -16.97 -17.79
N9A FAD E . -7.09 -17.81 -18.89
C8A FAD E . -5.73 -17.64 -19.21
N7A FAD E . -5.27 -18.56 -20.13
C5A FAD E . -6.35 -19.44 -20.38
C6A FAD E . -6.50 -20.73 -21.24
N6A FAD E . -5.32 -21.09 -21.96
N1A FAD E . -7.79 -21.36 -21.23
C2A FAD E . -8.85 -20.81 -20.45
N3A FAD E . -8.81 -19.66 -19.61
C4A FAD E . -7.59 -18.93 -19.54
N1 FAD E . -6.85 -1.75 -13.33
C2 FAD E . -7.36 -0.43 -13.29
O2 FAD E . -7.90 0.07 -14.36
N3 FAD E . -7.31 0.27 -12.07
C4 FAD E . -6.80 -0.23 -10.86
O4 FAD E . -6.75 0.45 -9.76
C4X FAD E . -6.28 -1.67 -10.88
N5 FAD E . -5.77 -2.27 -9.74
C5X FAD E . -5.27 -3.56 -9.78
C6 FAD E . -4.75 -4.15 -8.61
C7 FAD E . -4.26 -5.49 -8.62
C7M FAD E . -3.73 -6.08 -7.32
C8 FAD E . -4.28 -6.30 -9.91
C8M FAD E . -3.77 -7.69 -10.04
C9 FAD E . -4.78 -5.71 -11.07
C9A FAD E . -5.30 -4.37 -11.08
N10 FAD E . -5.85 -3.78 -12.30
C10 FAD E . -6.32 -2.42 -12.22
C1' FAD E . -5.85 -4.50 -13.63
C2' FAD E . -6.78 -5.69 -13.83
O2' FAD E . -6.28 -6.91 -13.26
C3' FAD E . -6.82 -5.93 -15.32
O3' FAD E . -6.12 -4.90 -16.02
C4' FAD E . -8.25 -6.26 -15.82
O4' FAD E . -8.94 -7.15 -14.86
C5' FAD E . -8.26 -6.87 -17.27
O5' FAD E . -8.41 -8.33 -17.38
P FAD E . -8.63 -9.30 -18.65
O1P FAD E . -10.04 -9.92 -18.81
O2P FAD E . -7.92 -9.01 -19.95
O3P FAD E . -7.72 -10.54 -18.07
N1A COA F . -27.56 3.89 -14.38
C2A COA F . -28.09 3.64 -15.62
N3A COA F . -27.65 2.73 -16.54
C4A COA F . -26.57 1.95 -16.34
C5A COA F . -25.92 2.15 -15.05
C6A COA F . -26.42 3.15 -14.05
N6A COA F . -25.71 3.32 -12.85
N7A COA F . -24.95 1.28 -15.04
C8A COA F . -24.92 0.62 -16.18
N9A COA F . -25.88 1.01 -16.98
C1B COA F . -26.07 0.35 -18.28
C2B COA F . -24.86 0.54 -19.10
O2B COA F . -25.28 1.72 -19.71
C3B COA F . -24.87 -0.56 -20.16
O3B COA F . -25.86 -0.23 -21.13
P3B COA F . -25.97 -0.90 -22.56
O7A COA F . -25.77 0.23 -23.50
O8A COA F . -24.89 -1.88 -22.60
O9A COA F . -27.37 -1.48 -22.53
C4B COA F . -25.40 -1.69 -19.38
O4B COA F . -26.01 -1.09 -18.21
C5B COA F . -24.31 -2.60 -18.90
O5B COA F . -24.62 -2.84 -17.50
P1A COA F . -23.67 -3.78 -16.64
O1A COA F . -22.74 -2.92 -15.88
O2A COA F . -24.59 -4.77 -15.99
O3A COA F . -22.73 -4.39 -17.79
P2A COA F . -22.58 -5.83 -18.41
O4A COA F . -21.86 -5.68 -19.68
O5A COA F . -23.83 -6.60 -18.32
O6A COA F . -21.51 -6.34 -17.31
CBP COA F . -19.58 -7.42 -16.66
CCP COA F . -20.25 -6.77 -17.80
CDP COA F . -20.33 -7.03 -15.42
CEP COA F . -19.72 -8.88 -16.93
CAP COA F . -18.09 -7.02 -16.69
OAP COA F . -17.98 -5.61 -16.53
C9P COA F . -17.27 -7.68 -15.62
O9P COA F . -17.04 -8.89 -15.62
N8P COA F . -16.78 -6.90 -14.66
C7P COA F . -15.97 -7.56 -13.66
C6P COA F . -14.47 -7.48 -13.76
C5P COA F . -14.16 -6.06 -13.87
O5P COA F . -15.06 -5.32 -13.98
N4P COA F . -12.92 -5.67 -13.87
C3P COA F . -12.55 -4.37 -13.35
C2P COA F . -11.07 -4.04 -13.60
S1P COA F . -9.97 -4.93 -12.45
PA FAD G . -17.61 42.60 -6.47
O1A FAD G . -19.19 42.84 -6.56
O2A FAD G . -17.07 41.32 -5.70
O5B FAD G . -16.93 43.92 -5.70
C5B FAD G . -16.48 45.17 -6.26
C4B FAD G . -16.37 46.11 -5.04
O4B FAD G . -16.05 47.40 -5.62
C3B FAD G . -17.63 46.19 -4.06
O3B FAD G . -17.55 45.57 -2.68
C2B FAD G . -18.04 47.70 -4.17
O2B FAD G . -18.42 48.35 -2.93
C1B FAD G . -16.88 48.44 -4.97
N9A FAD G . -17.41 49.70 -5.73
C8A FAD G . -18.66 49.72 -6.37
N7A FAD G . -18.95 50.96 -6.91
C5A FAD G . -17.89 51.84 -6.61
C6A FAD G . -17.62 53.35 -6.90
N6A FAD G . -18.60 53.99 -7.67
N1A FAD G . -16.39 53.90 -6.39
C2A FAD G . -15.44 53.09 -5.66
N3A FAD G . -15.62 51.70 -5.37
C4A FAD G . -16.83 51.01 -5.81
N1 FAD G . -18.27 32.74 -7.07
C2 FAD G . -17.77 31.50 -7.44
O2 FAD G . -17.16 31.47 -8.56
N3 FAD G . -17.96 30.34 -6.64
C4 FAD G . -18.67 30.33 -5.41
O4 FAD G . -18.89 29.28 -4.66
C4X FAD G . -19.19 31.69 -4.92
N5 FAD G . -19.86 31.76 -3.70
C5X FAD G . -20.36 32.98 -3.27
C6 FAD G . -21.06 33.08 -2.01
C7 FAD G . -21.57 34.35 -1.55
C7M FAD G . -22.31 34.49 -0.22
C8 FAD G . -21.33 35.59 -2.41
C8M FAD G . -21.82 36.99 -2.06
C9 FAD G . -20.66 35.48 -3.67
C9A FAD G . -20.15 34.25 -4.16
N10 FAD G . -19.42 34.23 -5.43
C10 FAD G . -18.94 32.92 -5.85
C1' FAD G . -19.24 35.43 -6.33
C2' FAD G . -18.32 36.58 -5.98
O2' FAD G . -18.89 37.51 -5.03
C3' FAD G . -18.08 37.40 -7.23
O3' FAD G . -18.73 36.77 -8.35
C4' FAD G . -16.58 37.81 -7.38
O4' FAD G . -15.94 38.22 -6.11
C5' FAD G . -16.36 38.90 -8.50
O5' FAD G . -16.14 40.26 -8.01
P FAD G . -15.75 41.70 -8.77
O1P FAD G . -14.33 42.18 -8.35
O2P FAD G . -16.29 41.91 -10.18
O3P FAD G . -16.75 42.74 -7.94
N1A COA H . 2.49 27.07 -7.50
C2A COA H . 3.20 27.74 -8.45
N3A COA H . 2.86 28.98 -8.98
C4A COA H . 1.77 29.68 -8.58
C5A COA H . 0.92 29.01 -7.59
C6A COA H . 1.33 27.68 -7.03
N6A COA H . 0.51 27.11 -6.09
N7A COA H . -0.14 29.81 -7.38
C8A COA H . 0.02 30.90 -8.17
N9A COA H . 1.17 30.84 -8.89
C1B COA H . 1.57 31.90 -9.87
C2B COA H . 0.44 32.07 -10.84
O2B COA H . 0.68 31.25 -11.95
C3B COA H . 0.59 33.47 -11.35
O3B COA H . 1.67 33.56 -12.28
P3B COA H . 1.97 34.84 -13.23
O7A COA H . 1.86 34.18 -14.58
O8A COA H . 0.97 35.83 -12.85
O9A COA H . 3.33 35.33 -12.88
C4B COA H . 0.98 34.16 -10.11
O4B COA H . 1.55 33.17 -9.28
C5B COA H . -0.25 34.82 -9.52
O5B COA H . -0.07 34.70 -8.15
P1A COA H . -1.10 35.18 -7.08
O1A COA H . -2.05 34.07 -6.84
O2A COA H . -0.27 35.74 -6.02
O3A COA H . -1.92 36.16 -8.00
P2A COA H . -2.02 37.72 -7.98
O4A COA H . -2.65 38.08 -9.31
O5A COA H . -0.75 38.35 -7.42
O6A COA H . -3.13 37.89 -6.88
CBP COA H . -5.23 38.74 -6.10
CCP COA H . -4.36 38.46 -7.30
CDP COA H . -4.88 37.77 -4.96
CEP COA H . -4.94 40.18 -5.73
CAP COA H . -6.67 38.44 -6.54
OAP COA H . -6.84 37.08 -6.96
C9P COA H . -7.58 38.63 -5.37
O9P COA H . -7.77 39.70 -4.87
N8P COA H . -8.23 37.64 -4.85
C7P COA H . -9.17 37.94 -3.78
C6P COA H . -10.66 37.86 -4.15
C5P COA H . -10.97 36.65 -4.97
O5P COA H . -10.06 35.96 -5.44
N4P COA H . -12.25 36.36 -5.14
C3P COA H . -12.61 34.98 -5.38
C2P COA H . -14.02 34.91 -5.91
S1P COA H . -15.28 35.17 -4.64
PA FAD I . -19.23 0.13 38.16
O1A FAD I . -18.56 1.31 37.32
O2A FAD I . -18.40 -1.04 38.78
O5B FAD I . -20.34 -0.63 37.19
C5B FAD I . -21.75 -0.30 36.89
C4B FAD I . -22.23 -1.10 35.64
O4B FAD I . -23.53 -0.53 35.36
C3B FAD I . -21.25 -0.99 34.40
O3B FAD I . -20.43 -2.15 33.98
C2B FAD I . -22.13 -0.40 33.31
O2B FAD I . -21.88 -0.99 31.98
C1B FAD I . -23.61 -0.43 33.92
N9A FAD I . -24.41 0.68 33.26
C8A FAD I . -23.87 1.96 32.92
N7A FAD I . -24.77 2.77 32.23
C5A FAD I . -25.94 2.00 32.08
C6A FAD I . -27.29 2.29 31.41
N6A FAD I . -27.44 3.52 30.81
N1A FAD I . -28.27 1.22 31.46
C2A FAD I . -27.99 -0.04 32.11
N3A FAD I . -26.77 -0.42 32.74
C4A FAD I . -25.71 0.58 32.75
N1 FAD I . -11.87 -0.62 44.56
C2 FAD I . -11.37 -0.88 45.84
O2 FAD I . -12.02 -0.48 46.93
N3 FAD I . -10.14 -1.55 45.97
C4 FAD I . -9.33 -2.07 44.94
O4 FAD I . -8.19 -2.70 45.11
C4X FAD I . -9.87 -1.82 43.56
N5 FAD I . -9.14 -2.28 42.47
C5X FAD I . -9.58 -2.07 41.18
C6 FAD I . -8.81 -2.57 40.08
C7 FAD I . -9.29 -2.35 38.75
C7M FAD I . -8.49 -2.89 37.56
C8 FAD I . -10.60 -1.58 38.56
C8M FAD I . -11.18 -1.28 37.21
C9 FAD I . -11.34 -1.11 39.65
C9A FAD I . -10.91 -1.31 40.97
N10 FAD I . -11.70 -0.82 42.09
C10 FAD I . -11.19 -1.06 43.42
C1' FAD I . -12.96 -0.03 41.89
C2' FAD I . -14.22 -0.73 41.37
O2' FAD I . -14.22 -0.96 39.94
C3' FAD I . -15.40 0.17 41.75
O3' FAD I . -15.02 1.21 42.69
C4' FAD I . -16.65 -0.61 42.24
O4' FAD I . -16.90 -1.87 41.52
C5' FAD I . -17.91 0.29 42.23
O5' FAD I . -18.82 0.17 41.08
P FAD I . -20.42 0.60 40.91
O1P FAD I . -21.33 -0.66 41.15
O2P FAD I . -20.88 2.05 41.29
O3P FAD I . -20.30 0.75 39.28
N1A COA J . -19.91 -14.57 58.80
C2A COA J . -21.11 -14.16 59.29
N3A COA J . -21.98 -13.36 58.64
C4A COA J . -21.68 -12.82 57.42
C5A COA J . -20.41 -13.21 56.79
C6A COA J . -19.50 -14.14 57.53
N6A COA J . -18.28 -14.46 56.89
N7A COA J . -20.32 -12.62 55.57
C8A COA J . -21.42 -11.91 55.44
N9A COA J . -22.23 -12.02 56.51
C1B COA J . -23.52 -11.35 56.49
C2B COA J . -23.42 -9.85 56.54
O2B COA J . -23.44 -9.48 57.90
C3B COA J . -24.73 -9.39 55.99
O3B COA J . -25.65 -9.19 57.10
P3B COA J . -27.16 -8.59 56.99
O7A COA J . -27.22 -7.59 58.13
O8A COA J . -27.28 -7.88 55.68
O9A COA J . -28.05 -9.83 56.94
C4B COA J . -25.08 -10.47 54.98
O4B COA J . -24.23 -11.57 55.26
C5B COA J . -24.66 -10.01 53.63
O5B COA J . -24.10 -11.16 53.06
P1A COA J . -23.53 -11.25 51.56
O1A COA J . -22.09 -10.86 51.84
O2A COA J . -24.09 -12.54 50.90
O3A COA J . -24.09 -9.91 50.87
P2A COA J . -25.27 -9.53 49.85
O4A COA J . -25.73 -8.08 50.15
O5A COA J . -26.22 -10.68 49.65
O6A COA J . -24.36 -9.58 48.61
CBP COA J . -23.53 -8.61 46.66
CCP COA J . -24.21 -8.32 47.99
CDP COA J . -22.67 -9.88 46.62
CEP COA J . -24.72 -8.80 45.71
CAP COA J . -22.64 -7.37 46.34
OAP COA J . -21.62 -7.26 47.35
C9P COA J . -21.88 -7.65 45.10
O9P COA J . -22.50 -7.70 44.07
N8P COA J . -20.57 -7.85 45.12
C7P COA J . -19.89 -8.01 43.83
C6P COA J . -19.08 -6.78 43.34
C5P COA J . -18.20 -6.15 44.40
O5P COA J . -18.29 -6.51 45.56
N4P COA J . -17.34 -5.25 44.06
C3P COA J . -16.21 -5.12 44.93
C2P COA J . -15.42 -3.84 44.74
S1P COA J . -14.53 -3.94 43.15
PA FAD K . 43.21 -27.73 -22.74
O1A FAD K . 42.23 -27.62 -24.00
O2A FAD K . 42.66 -27.76 -21.29
O5B FAD K . 44.24 -26.44 -22.83
C5B FAD K . 45.40 -26.25 -23.66
C4B FAD K . 45.79 -24.77 -23.60
O4B FAD K . 46.96 -24.67 -24.43
C3B FAD K . 44.63 -23.83 -24.09
O3B FAD K . 44.07 -22.93 -23.07
C2B FAD K . 45.21 -23.18 -25.38
O2B FAD K . 44.81 -21.78 -25.67
C1B FAD K . 46.78 -23.57 -25.36
N9A FAD K . 47.31 -23.59 -26.79
C8A FAD K . 46.60 -24.08 -27.89
N7A FAD K . 47.22 -23.89 -29.10
C5A FAD K . 48.42 -23.20 -28.80
C6A FAD K . 49.56 -22.64 -29.69
N6A FAD K . 49.48 -22.84 -31.04
N1A FAD K . 50.60 -21.95 -28.97
C2A FAD K . 50.61 -21.81 -27.52
N3A FAD K . 49.60 -22.28 -26.64
C4A FAD K . 48.48 -22.98 -27.24
N1 FAD K . 37.33 -33.26 -17.15
C2 FAD K . 37.08 -34.20 -16.16
O2 FAD K . 37.89 -35.19 -16.07
N3 FAD K . 36.00 -34.11 -15.26
C4 FAD K . 35.09 -33.07 -15.21
O4 FAD K . 34.12 -33.06 -14.35
C4X FAD K . 35.32 -31.96 -16.24
N5 FAD K . 34.47 -30.86 -16.32
C5X FAD K . 34.62 -29.87 -17.26
C6 FAD K . 33.74 -28.74 -17.29
C7 FAD K . 33.92 -27.71 -18.27
C7M FAD K . 33.00 -26.51 -18.30
C8 FAD K . 35.04 -27.80 -19.27
C8M FAD K . 35.27 -26.69 -20.30
C9 FAD K . 35.90 -28.93 -19.22
C9A FAD K . 35.77 -29.98 -18.27
N10 FAD K . 36.72 -31.10 -18.22
C10 FAD K . 36.50 -32.13 -17.23
C1' FAD K . 37.85 -31.28 -19.21
C2' FAD K . 39.06 -30.33 -19.28
O2' FAD K . 38.86 -29.06 -19.97
C3' FAD K . 40.15 -31.05 -20.09
O3' FAD K . 39.69 -32.35 -20.50
C4' FAD K . 41.56 -31.04 -19.43
O4' FAD K . 41.88 -29.76 -18.80
C5' FAD K . 42.67 -31.39 -20.45
O5' FAD K . 43.39 -30.28 -21.05
P FAD K . 44.84 -30.21 -21.87
O1P FAD K . 45.98 -29.62 -21.07
O2P FAD K . 45.20 -31.32 -22.89
O3P FAD K . 44.39 -28.94 -22.83
N1A COA L . 49.59 -36.83 0.09
C2A COA L . 50.81 -37.34 -0.20
N3A COA L . 51.41 -37.14 -1.37
C4A COA L . 50.88 -36.46 -2.40
C5A COA L . 49.58 -35.88 -2.15
C6A COA L . 48.95 -36.11 -0.84
N6A COA L . 47.72 -35.63 -0.66
N7A COA L . 49.22 -35.25 -3.30
C8A COA L . 50.20 -35.42 -4.19
N9A COA L . 51.20 -36.12 -3.67
C1B COA L . 52.43 -36.43 -4.48
C2B COA L . 52.00 -37.24 -5.68
O2B COA L . 51.94 -38.57 -5.30
C3B COA L . 53.12 -37.00 -6.66
O3B COA L . 54.25 -37.80 -6.32
P3B COA L . 55.48 -37.99 -7.33
O7A COA L . 55.46 -39.52 -7.63
O8A COA L . 55.05 -37.15 -8.52
O9A COA L . 56.63 -37.31 -6.56
C4B COA L . 53.45 -35.55 -6.36
O4B COA L . 52.93 -35.27 -5.07
C5B COA L . 52.82 -34.61 -7.38
O5B COA L . 52.19 -33.63 -6.61
P1A COA L . 51.43 -32.42 -7.32
O1A COA L . 50.00 -32.92 -7.31
O2A COA L . 52.03 -31.13 -6.72
O3A COA L . 51.72 -32.68 -8.87
P2A COA L . 52.58 -31.77 -9.89
O4A COA L . 52.91 -32.70 -11.03
O5A COA L . 53.63 -30.98 -9.09
O6A COA L . 51.40 -30.88 -10.46
CBP COA L . 50.10 -29.80 -12.02
CCP COA L . 50.92 -31.02 -11.78
CDP COA L . 49.38 -29.21 -10.82
CEP COA L . 51.05 -28.73 -12.54
CAP COA L . 49.04 -30.25 -12.96
OAP COA L . 48.45 -31.28 -12.18
C9P COA L . 48.10 -29.08 -13.16
O9P COA L . 48.44 -28.07 -13.81
N8P COA L . 46.89 -29.12 -12.61
C7P COA L . 45.96 -28.09 -12.98
C6P COA L . 45.08 -28.49 -14.19
C5P COA L . 44.24 -29.72 -13.81
O5P COA L . 44.51 -30.37 -12.80
N4P COA L . 43.19 -30.07 -14.58
C3P COA L . 42.09 -30.82 -14.01
C2P COA L . 41.23 -31.28 -15.19
S1P COA L . 40.07 -29.97 -15.79
#